data_8X5U
# 
_entry.id   8X5U 
# 
_audit_conform.dict_name       mmcif_pdbx.dic 
_audit_conform.dict_version    5.403 
_audit_conform.dict_location   http://mmcif.pdb.org/dictionaries/ascii/mmcif_pdbx.dic 
# 
loop_
_database_2.database_id 
_database_2.database_code 
_database_2.pdbx_database_accession 
_database_2.pdbx_DOI 
PDB   8X5U         pdb_00008x5u 10.2210/pdb8x5u/pdb 
WWPDB D_1300041393 ?            ?                   
# 
loop_
_pdbx_audit_revision_history.ordinal 
_pdbx_audit_revision_history.data_content_type 
_pdbx_audit_revision_history.major_revision 
_pdbx_audit_revision_history.minor_revision 
_pdbx_audit_revision_history.revision_date 
_pdbx_audit_revision_history.part_number 
1 'Structure model' 1 0 2024-11-20 ? 
2 'Structure model' 1 1 2025-06-04 ? 
# 
_pdbx_audit_revision_details.ordinal             1 
_pdbx_audit_revision_details.revision_ordinal    1 
_pdbx_audit_revision_details.data_content_type   'Structure model' 
_pdbx_audit_revision_details.provider            repository 
_pdbx_audit_revision_details.type                'Initial release' 
_pdbx_audit_revision_details.description         ? 
_pdbx_audit_revision_details.details             ? 
# 
_pdbx_audit_revision_group.ordinal             1 
_pdbx_audit_revision_group.revision_ordinal    2 
_pdbx_audit_revision_group.data_content_type   'Structure model' 
_pdbx_audit_revision_group.group               'Database references' 
# 
loop_
_pdbx_audit_revision_category.ordinal 
_pdbx_audit_revision_category.revision_ordinal 
_pdbx_audit_revision_category.data_content_type 
_pdbx_audit_revision_category.category 
1 2 'Structure model' citation        
2 2 'Structure model' citation_author 
# 
loop_
_pdbx_audit_revision_item.ordinal 
_pdbx_audit_revision_item.revision_ordinal 
_pdbx_audit_revision_item.data_content_type 
_pdbx_audit_revision_item.item 
1  2 'Structure model' '_citation.country'                 
2  2 'Structure model' '_citation.journal_abbrev'          
3  2 'Structure model' '_citation.journal_id_ASTM'         
4  2 'Structure model' '_citation.journal_id_CSD'          
5  2 'Structure model' '_citation.journal_id_ISSN'         
6  2 'Structure model' '_citation.journal_volume'          
7  2 'Structure model' '_citation.page_first'              
8  2 'Structure model' '_citation.page_last'               
9  2 'Structure model' '_citation.pdbx_database_id_DOI'    
10 2 'Structure model' '_citation.pdbx_database_id_PubMed' 
11 2 'Structure model' '_citation.title'                   
12 2 'Structure model' '_citation.year'                    
# 
_pdbx_database_status.status_code                     REL 
_pdbx_database_status.status_code_sf                  REL 
_pdbx_database_status.status_code_mr                  ? 
_pdbx_database_status.entry_id                        8X5U 
_pdbx_database_status.recvd_initial_deposition_date   2023-11-19 
_pdbx_database_status.SG_entry                        N 
_pdbx_database_status.deposit_site                    PDBJ 
_pdbx_database_status.process_site                    PDBJ 
_pdbx_database_status.status_code_cs                  ? 
_pdbx_database_status.status_code_nmr_data            ? 
_pdbx_database_status.methods_development_category    ? 
_pdbx_database_status.pdb_format_compatible           Y 
# 
_pdbx_contact_author.id                 2 
_pdbx_contact_author.email              k-ito@bio.sc.niigata-u.ac.jp 
_pdbx_contact_author.name_first         Kosuke 
_pdbx_contact_author.name_last          Ito 
_pdbx_contact_author.name_mi            ? 
_pdbx_contact_author.role               'principal investigator/group leader' 
_pdbx_contact_author.identifier_ORCID   0000-0001-5161-1301 
# 
loop_
_audit_author.name 
_audit_author.pdbx_ordinal 
_audit_author.identifier_ORCID 
'Uehara, Y.'    1 ?                   
'Matsumoto, A.' 2 ?                   
'Nakazawa, T.'  3 ?                   
'Fukuta, A.'    4 ?                   
'Ando, K.'      5 ?                   
'Oka, N.'       6 0000-0002-3114-9233 
'Uchiumi, T.'   7 0000-0002-0001-4344 
'Ito, K.'       8 0000-0001-5161-1301 
# 
_citation.abstract                  ? 
_citation.abstract_id_CAS           ? 
_citation.book_id_ISBN              ? 
_citation.book_publisher            ? 
_citation.book_publisher_city       ? 
_citation.book_title                ? 
_citation.coordinate_linkage        ? 
_citation.country                   US 
_citation.database_id_Medline       ? 
_citation.details                   ? 
_citation.id                        primary 
_citation.journal_abbrev            J.Biol.Chem. 
_citation.journal_id_ASTM           JBCHA3 
_citation.journal_id_CSD            0071 
_citation.journal_id_ISSN           1083-351X 
_citation.journal_full              ? 
_citation.journal_issue             ? 
_citation.journal_volume            301 
_citation.language                  ? 
_citation.page_first                108385 
_citation.page_last                 108385 
_citation.title                     'Binding mode between peptidyl-tRNA hydrolase and the peptidyl-A76 moiety of the substrate.' 
_citation.year                      2025 
_citation.database_id_CSD           ? 
_citation.pdbx_database_id_DOI      10.1016/j.jbc.2025.108385 
_citation.pdbx_database_id_PubMed   40049414 
_citation.pdbx_database_id_patent   ? 
_citation.unpublished_flag          ? 
# 
loop_
_citation_author.citation_id 
_citation_author.name 
_citation_author.ordinal 
_citation_author.identifier_ORCID 
primary 'Uehara, Y.'    1 ? 
primary 'Matsumoto, A.' 2 ? 
primary 'Nakazawa, T.'  3 ? 
primary 'Fukuta, A.'    4 ? 
primary 'Ando, K.'      5 ? 
primary 'Uchiumi, T.'   6 ? 
primary 'Oka, N.'       7 ? 
primary 'Ito, K.'       8 ? 
# 
loop_
_entity.id 
_entity.type 
_entity.src_method 
_entity.pdbx_description 
_entity.formula_weight 
_entity.pdbx_number_of_molecules 
_entity.pdbx_ec 
_entity.pdbx_mutation 
_entity.pdbx_fragment 
_entity.details 
1 polymer     man 'Peptidyl-tRNA hydrolase' 19007.988 1  ? ? ? ? 
2 non-polymer syn 'SULFATE ION'             96.063    7  ? ? ? ? 
3 water       nat water                     18.015    60 ? ? ? ? 
# 
_entity_poly.entity_id                      1 
_entity_poly.type                           'polypeptide(L)' 
_entity_poly.nstd_linkage                   no 
_entity_poly.nstd_monomer                   no 
_entity_poly.pdbx_seq_one_letter_code       
;GSHMMFLVVGQGNPGERYARTRHNLGFMVLDRLGLSFRPRGEALVAEAEGGLFLKPLTYYNLTGRAVAPLARFYKIPPER
ILVVHDEMDLPLGRIRFKAGGSAAGNRGVLSIEEALGTRAFHRLRLGIGKPPDPSRGAEYVLSPFREEELPVVERVLEAA
KEAVWCWVREG
;
_entity_poly.pdbx_seq_one_letter_code_can   
;GSHMMFLVVGQGNPGERYARTRHNLGFMVLDRLGLSFRPRGEALVAEAEGGLFLKPLTYYNLTGRAVAPLARFYKIPPER
ILVVHDEMDLPLGRIRFKAGGSAAGNRGVLSIEEALGTRAFHRLRLGIGKPPDPSRGAEYVLSPFREEELPVVERVLEAA
KEAVWCWVREG
;
_entity_poly.pdbx_strand_id                 A 
_entity_poly.pdbx_target_identifier         ? 
# 
loop_
_pdbx_entity_nonpoly.entity_id 
_pdbx_entity_nonpoly.name 
_pdbx_entity_nonpoly.comp_id 
2 'SULFATE ION' SO4 
3 water         HOH 
# 
loop_
_entity_poly_seq.entity_id 
_entity_poly_seq.num 
_entity_poly_seq.mon_id 
_entity_poly_seq.hetero 
1 1   GLY n 
1 2   SER n 
1 3   HIS n 
1 4   MET n 
1 5   MET n 
1 6   PHE n 
1 7   LEU n 
1 8   VAL n 
1 9   VAL n 
1 10  GLY n 
1 11  GLN n 
1 12  GLY n 
1 13  ASN n 
1 14  PRO n 
1 15  GLY n 
1 16  GLU n 
1 17  ARG n 
1 18  TYR n 
1 19  ALA n 
1 20  ARG n 
1 21  THR n 
1 22  ARG n 
1 23  HIS n 
1 24  ASN n 
1 25  LEU n 
1 26  GLY n 
1 27  PHE n 
1 28  MET n 
1 29  VAL n 
1 30  LEU n 
1 31  ASP n 
1 32  ARG n 
1 33  LEU n 
1 34  GLY n 
1 35  LEU n 
1 36  SER n 
1 37  PHE n 
1 38  ARG n 
1 39  PRO n 
1 40  ARG n 
1 41  GLY n 
1 42  GLU n 
1 43  ALA n 
1 44  LEU n 
1 45  VAL n 
1 46  ALA n 
1 47  GLU n 
1 48  ALA n 
1 49  GLU n 
1 50  GLY n 
1 51  GLY n 
1 52  LEU n 
1 53  PHE n 
1 54  LEU n 
1 55  LYS n 
1 56  PRO n 
1 57  LEU n 
1 58  THR n 
1 59  TYR n 
1 60  TYR n 
1 61  ASN n 
1 62  LEU n 
1 63  THR n 
1 64  GLY n 
1 65  ARG n 
1 66  ALA n 
1 67  VAL n 
1 68  ALA n 
1 69  PRO n 
1 70  LEU n 
1 71  ALA n 
1 72  ARG n 
1 73  PHE n 
1 74  TYR n 
1 75  LYS n 
1 76  ILE n 
1 77  PRO n 
1 78  PRO n 
1 79  GLU n 
1 80  ARG n 
1 81  ILE n 
1 82  LEU n 
1 83  VAL n 
1 84  VAL n 
1 85  HIS n 
1 86  ASP n 
1 87  GLU n 
1 88  MET n 
1 89  ASP n 
1 90  LEU n 
1 91  PRO n 
1 92  LEU n 
1 93  GLY n 
1 94  ARG n 
1 95  ILE n 
1 96  ARG n 
1 97  PHE n 
1 98  LYS n 
1 99  ALA n 
1 100 GLY n 
1 101 GLY n 
1 102 SER n 
1 103 ALA n 
1 104 ALA n 
1 105 GLY n 
1 106 ASN n 
1 107 ARG n 
1 108 GLY n 
1 109 VAL n 
1 110 LEU n 
1 111 SER n 
1 112 ILE n 
1 113 GLU n 
1 114 GLU n 
1 115 ALA n 
1 116 LEU n 
1 117 GLY n 
1 118 THR n 
1 119 ARG n 
1 120 ALA n 
1 121 PHE n 
1 122 HIS n 
1 123 ARG n 
1 124 LEU n 
1 125 ARG n 
1 126 LEU n 
1 127 GLY n 
1 128 ILE n 
1 129 GLY n 
1 130 LYS n 
1 131 PRO n 
1 132 PRO n 
1 133 ASP n 
1 134 PRO n 
1 135 SER n 
1 136 ARG n 
1 137 GLY n 
1 138 ALA n 
1 139 GLU n 
1 140 TYR n 
1 141 VAL n 
1 142 LEU n 
1 143 SER n 
1 144 PRO n 
1 145 PHE n 
1 146 ARG n 
1 147 GLU n 
1 148 GLU n 
1 149 GLU n 
1 150 LEU n 
1 151 PRO n 
1 152 VAL n 
1 153 VAL n 
1 154 GLU n 
1 155 ARG n 
1 156 VAL n 
1 157 LEU n 
1 158 GLU n 
1 159 ALA n 
1 160 ALA n 
1 161 LYS n 
1 162 GLU n 
1 163 ALA n 
1 164 VAL n 
1 165 TRP n 
1 166 CYS n 
1 167 TRP n 
1 168 VAL n 
1 169 ARG n 
1 170 GLU n 
1 171 GLY n 
# 
_entity_src_gen.entity_id                          1 
_entity_src_gen.pdbx_src_id                        1 
_entity_src_gen.pdbx_alt_source_flag               sample 
_entity_src_gen.pdbx_seq_type                      'Biological sequence' 
_entity_src_gen.pdbx_beg_seq_num                   1 
_entity_src_gen.pdbx_end_seq_num                   171 
_entity_src_gen.gene_src_common_name               ? 
_entity_src_gen.gene_src_genus                     ? 
_entity_src_gen.pdbx_gene_src_gene                 pth 
_entity_src_gen.gene_src_species                   ? 
_entity_src_gen.gene_src_strain                    ? 
_entity_src_gen.gene_src_tissue                    ? 
_entity_src_gen.gene_src_tissue_fraction           ? 
_entity_src_gen.gene_src_details                   ? 
_entity_src_gen.pdbx_gene_src_fragment             ? 
_entity_src_gen.pdbx_gene_src_scientific_name      'Thermus thermophilus HB8' 
_entity_src_gen.pdbx_gene_src_ncbi_taxonomy_id     300852 
_entity_src_gen.pdbx_gene_src_variant              ? 
_entity_src_gen.pdbx_gene_src_cell_line            ? 
_entity_src_gen.pdbx_gene_src_atcc                 ? 
_entity_src_gen.pdbx_gene_src_organ                ? 
_entity_src_gen.pdbx_gene_src_organelle            ? 
_entity_src_gen.pdbx_gene_src_cell                 ? 
_entity_src_gen.pdbx_gene_src_cellular_location    ? 
_entity_src_gen.host_org_common_name               ? 
_entity_src_gen.pdbx_host_org_scientific_name      'Escherichia coli B' 
_entity_src_gen.pdbx_host_org_ncbi_taxonomy_id     37762 
_entity_src_gen.host_org_genus                     ? 
_entity_src_gen.pdbx_host_org_gene                 ? 
_entity_src_gen.pdbx_host_org_organ                ? 
_entity_src_gen.host_org_species                   ? 
_entity_src_gen.pdbx_host_org_tissue               ? 
_entity_src_gen.pdbx_host_org_tissue_fraction      ? 
_entity_src_gen.pdbx_host_org_strain               ? 
_entity_src_gen.pdbx_host_org_variant              ? 
_entity_src_gen.pdbx_host_org_cell_line            ? 
_entity_src_gen.pdbx_host_org_atcc                 ? 
_entity_src_gen.pdbx_host_org_culture_collection   ? 
_entity_src_gen.pdbx_host_org_cell                 ? 
_entity_src_gen.pdbx_host_org_organelle            ? 
_entity_src_gen.pdbx_host_org_cellular_location    ? 
_entity_src_gen.pdbx_host_org_vector_type          ? 
_entity_src_gen.pdbx_host_org_vector               ? 
_entity_src_gen.host_org_details                   ? 
_entity_src_gen.expression_system_id               ? 
_entity_src_gen.plasmid_name                       ? 
_entity_src_gen.plasmid_details                    ? 
_entity_src_gen.pdbx_description                   ? 
# 
loop_
_chem_comp.id 
_chem_comp.type 
_chem_comp.mon_nstd_flag 
_chem_comp.name 
_chem_comp.pdbx_synonyms 
_chem_comp.formula 
_chem_comp.formula_weight 
ALA 'L-peptide linking' y ALANINE         ? 'C3 H7 N O2'     89.093  
ARG 'L-peptide linking' y ARGININE        ? 'C6 H15 N4 O2 1' 175.209 
ASN 'L-peptide linking' y ASPARAGINE      ? 'C4 H8 N2 O3'    132.118 
ASP 'L-peptide linking' y 'ASPARTIC ACID' ? 'C4 H7 N O4'     133.103 
CYS 'L-peptide linking' y CYSTEINE        ? 'C3 H7 N O2 S'   121.158 
GLN 'L-peptide linking' y GLUTAMINE       ? 'C5 H10 N2 O3'   146.144 
GLU 'L-peptide linking' y 'GLUTAMIC ACID' ? 'C5 H9 N O4'     147.129 
GLY 'peptide linking'   y GLYCINE         ? 'C2 H5 N O2'     75.067  
HIS 'L-peptide linking' y HISTIDINE       ? 'C6 H10 N3 O2 1' 156.162 
HOH non-polymer         . WATER           ? 'H2 O'           18.015  
ILE 'L-peptide linking' y ISOLEUCINE      ? 'C6 H13 N O2'    131.173 
LEU 'L-peptide linking' y LEUCINE         ? 'C6 H13 N O2'    131.173 
LYS 'L-peptide linking' y LYSINE          ? 'C6 H15 N2 O2 1' 147.195 
MET 'L-peptide linking' y METHIONINE      ? 'C5 H11 N O2 S'  149.211 
PHE 'L-peptide linking' y PHENYLALANINE   ? 'C9 H11 N O2'    165.189 
PRO 'L-peptide linking' y PROLINE         ? 'C5 H9 N O2'     115.130 
SER 'L-peptide linking' y SERINE          ? 'C3 H7 N O3'     105.093 
SO4 non-polymer         . 'SULFATE ION'   ? 'O4 S -2'        96.063  
THR 'L-peptide linking' y THREONINE       ? 'C4 H9 N O3'     119.119 
TRP 'L-peptide linking' y TRYPTOPHAN      ? 'C11 H12 N2 O2'  204.225 
TYR 'L-peptide linking' y TYROSINE        ? 'C9 H11 N O3'    181.189 
VAL 'L-peptide linking' y VALINE          ? 'C5 H11 N O2'    117.146 
# 
loop_
_pdbx_poly_seq_scheme.asym_id 
_pdbx_poly_seq_scheme.entity_id 
_pdbx_poly_seq_scheme.seq_id 
_pdbx_poly_seq_scheme.mon_id 
_pdbx_poly_seq_scheme.ndb_seq_num 
_pdbx_poly_seq_scheme.pdb_seq_num 
_pdbx_poly_seq_scheme.auth_seq_num 
_pdbx_poly_seq_scheme.pdb_mon_id 
_pdbx_poly_seq_scheme.auth_mon_id 
_pdbx_poly_seq_scheme.pdb_strand_id 
_pdbx_poly_seq_scheme.pdb_ins_code 
_pdbx_poly_seq_scheme.hetero 
A 1 1   GLY 1   -3  ?   ?   ?   A . n 
A 1 2   SER 2   -2  ?   ?   ?   A . n 
A 1 3   HIS 3   -1  ?   ?   ?   A . n 
A 1 4   MET 4   0   0   MET MET A . n 
A 1 5   MET 5   1   1   MET MET A . n 
A 1 6   PHE 6   2   2   PHE PHE A . n 
A 1 7   LEU 7   3   3   LEU LEU A . n 
A 1 8   VAL 8   4   4   VAL VAL A . n 
A 1 9   VAL 9   5   5   VAL VAL A . n 
A 1 10  GLY 10  6   6   GLY GLY A . n 
A 1 11  GLN 11  7   7   GLN GLN A . n 
A 1 12  GLY 12  8   8   GLY GLY A . n 
A 1 13  ASN 13  9   9   ASN ASN A . n 
A 1 14  PRO 14  10  10  PRO PRO A . n 
A 1 15  GLY 15  11  11  GLY GLY A . n 
A 1 16  GLU 16  12  12  GLU GLU A . n 
A 1 17  ARG 17  13  13  ARG ARG A . n 
A 1 18  TYR 18  14  14  TYR TYR A . n 
A 1 19  ALA 19  15  15  ALA ALA A . n 
A 1 20  ARG 20  16  16  ARG ARG A . n 
A 1 21  THR 21  17  17  THR THR A . n 
A 1 22  ARG 22  18  18  ARG ARG A . n 
A 1 23  HIS 23  19  19  HIS HIS A . n 
A 1 24  ASN 24  20  20  ASN ASN A . n 
A 1 25  LEU 25  21  21  LEU LEU A . n 
A 1 26  GLY 26  22  22  GLY GLY A . n 
A 1 27  PHE 27  23  23  PHE PHE A . n 
A 1 28  MET 28  24  24  MET MET A . n 
A 1 29  VAL 29  25  25  VAL VAL A . n 
A 1 30  LEU 30  26  26  LEU LEU A . n 
A 1 31  ASP 31  27  27  ASP ASP A . n 
A 1 32  ARG 32  28  28  ARG ARG A . n 
A 1 33  LEU 33  29  29  LEU LEU A . n 
A 1 34  GLY 34  30  30  GLY GLY A . n 
A 1 35  LEU 35  31  31  LEU LEU A . n 
A 1 36  SER 36  32  32  SER SER A . n 
A 1 37  PHE 37  33  33  PHE PHE A . n 
A 1 38  ARG 38  34  34  ARG ARG A . n 
A 1 39  PRO 39  35  35  PRO PRO A . n 
A 1 40  ARG 40  36  36  ARG ARG A . n 
A 1 41  GLY 41  37  37  GLY GLY A . n 
A 1 42  GLU 42  38  38  GLU GLU A . n 
A 1 43  ALA 43  39  39  ALA ALA A . n 
A 1 44  LEU 44  40  40  LEU LEU A . n 
A 1 45  VAL 45  41  41  VAL VAL A . n 
A 1 46  ALA 46  42  42  ALA ALA A . n 
A 1 47  GLU 47  43  43  GLU GLU A . n 
A 1 48  ALA 48  44  44  ALA ALA A . n 
A 1 49  GLU 49  45  45  GLU GLU A . n 
A 1 50  GLY 50  46  46  GLY GLY A . n 
A 1 51  GLY 51  47  47  GLY GLY A . n 
A 1 52  LEU 52  48  48  LEU LEU A . n 
A 1 53  PHE 53  49  49  PHE PHE A . n 
A 1 54  LEU 54  50  50  LEU LEU A . n 
A 1 55  LYS 55  51  51  LYS LYS A . n 
A 1 56  PRO 56  52  52  PRO PRO A . n 
A 1 57  LEU 57  53  53  LEU LEU A . n 
A 1 58  THR 58  54  54  THR THR A . n 
A 1 59  TYR 59  55  55  TYR TYR A . n 
A 1 60  TYR 60  56  56  TYR TYR A . n 
A 1 61  ASN 61  57  57  ASN ASN A . n 
A 1 62  LEU 62  58  58  LEU LEU A . n 
A 1 63  THR 63  59  59  THR THR A . n 
A 1 64  GLY 64  60  60  GLY GLY A . n 
A 1 65  ARG 65  61  61  ARG ARG A . n 
A 1 66  ALA 66  62  62  ALA ALA A . n 
A 1 67  VAL 67  63  63  VAL VAL A . n 
A 1 68  ALA 68  64  64  ALA ALA A . n 
A 1 69  PRO 69  65  65  PRO PRO A . n 
A 1 70  LEU 70  66  66  LEU LEU A . n 
A 1 71  ALA 71  67  67  ALA ALA A . n 
A 1 72  ARG 72  68  68  ARG ARG A . n 
A 1 73  PHE 73  69  69  PHE PHE A . n 
A 1 74  TYR 74  70  70  TYR TYR A . n 
A 1 75  LYS 75  71  71  LYS LYS A . n 
A 1 76  ILE 76  72  72  ILE ILE A . n 
A 1 77  PRO 77  73  73  PRO PRO A . n 
A 1 78  PRO 78  74  74  PRO PRO A . n 
A 1 79  GLU 79  75  75  GLU GLU A . n 
A 1 80  ARG 80  76  76  ARG ARG A . n 
A 1 81  ILE 81  77  77  ILE ILE A . n 
A 1 82  LEU 82  78  78  LEU LEU A . n 
A 1 83  VAL 83  79  79  VAL VAL A . n 
A 1 84  VAL 84  80  80  VAL VAL A . n 
A 1 85  HIS 85  81  81  HIS HIS A . n 
A 1 86  ASP 86  82  82  ASP ASP A . n 
A 1 87  GLU 87  83  83  GLU GLU A . n 
A 1 88  MET 88  84  84  MET MET A . n 
A 1 89  ASP 89  85  85  ASP ASP A . n 
A 1 90  LEU 90  86  86  LEU LEU A . n 
A 1 91  PRO 91  87  87  PRO PRO A . n 
A 1 92  LEU 92  88  88  LEU LEU A . n 
A 1 93  GLY 93  89  89  GLY GLY A . n 
A 1 94  ARG 94  90  90  ARG ARG A . n 
A 1 95  ILE 95  91  91  ILE ILE A . n 
A 1 96  ARG 96  92  92  ARG ARG A . n 
A 1 97  PHE 97  93  93  PHE PHE A . n 
A 1 98  LYS 98  94  94  LYS LYS A . n 
A 1 99  ALA 99  95  95  ALA ALA A . n 
A 1 100 GLY 100 96  96  GLY GLY A . n 
A 1 101 GLY 101 97  97  GLY GLY A . n 
A 1 102 SER 102 98  98  SER SER A . n 
A 1 103 ALA 103 99  99  ALA ALA A . n 
A 1 104 ALA 104 100 100 ALA ALA A . n 
A 1 105 GLY 105 101 101 GLY GLY A . n 
A 1 106 ASN 106 102 102 ASN ASN A . n 
A 1 107 ARG 107 103 103 ARG ARG A . n 
A 1 108 GLY 108 104 104 GLY GLY A . n 
A 1 109 VAL 109 105 105 VAL VAL A . n 
A 1 110 LEU 110 106 106 LEU LEU A . n 
A 1 111 SER 111 107 107 SER SER A . n 
A 1 112 ILE 112 108 108 ILE ILE A . n 
A 1 113 GLU 113 109 109 GLU GLU A . n 
A 1 114 GLU 114 110 110 GLU GLU A . n 
A 1 115 ALA 115 111 111 ALA ALA A . n 
A 1 116 LEU 116 112 112 LEU LEU A . n 
A 1 117 GLY 117 113 113 GLY GLY A . n 
A 1 118 THR 118 114 114 THR THR A . n 
A 1 119 ARG 119 115 115 ARG ARG A . n 
A 1 120 ALA 120 116 116 ALA ALA A . n 
A 1 121 PHE 121 117 117 PHE PHE A . n 
A 1 122 HIS 122 118 118 HIS HIS A . n 
A 1 123 ARG 123 119 119 ARG ARG A . n 
A 1 124 LEU 124 120 120 LEU LEU A . n 
A 1 125 ARG 125 121 121 ARG ARG A . n 
A 1 126 LEU 126 122 122 LEU LEU A . n 
A 1 127 GLY 127 123 123 GLY GLY A . n 
A 1 128 ILE 128 124 124 ILE ILE A . n 
A 1 129 GLY 129 125 125 GLY GLY A . n 
A 1 130 LYS 130 126 126 LYS LYS A . n 
A 1 131 PRO 131 127 127 PRO PRO A . n 
A 1 132 PRO 132 128 128 PRO PRO A . n 
A 1 133 ASP 133 129 129 ASP ASP A . n 
A 1 134 PRO 134 130 130 PRO PRO A . n 
A 1 135 SER 135 131 131 SER SER A . n 
A 1 136 ARG 136 132 132 ARG ARG A . n 
A 1 137 GLY 137 133 133 GLY GLY A . n 
A 1 138 ALA 138 134 134 ALA ALA A . n 
A 1 139 GLU 139 135 135 GLU GLU A . n 
A 1 140 TYR 140 136 136 TYR TYR A . n 
A 1 141 VAL 141 137 137 VAL VAL A . n 
A 1 142 LEU 142 138 138 LEU LEU A . n 
A 1 143 SER 143 139 139 SER SER A . n 
A 1 144 PRO 144 140 140 PRO PRO A . n 
A 1 145 PHE 145 141 141 PHE PHE A . n 
A 1 146 ARG 146 142 142 ARG ARG A . n 
A 1 147 GLU 147 143 143 GLU GLU A . n 
A 1 148 GLU 148 144 144 GLU GLU A . n 
A 1 149 GLU 149 145 145 GLU GLU A . n 
A 1 150 LEU 150 146 146 LEU LEU A . n 
A 1 151 PRO 151 147 147 PRO PRO A . n 
A 1 152 VAL 152 148 148 VAL VAL A . n 
A 1 153 VAL 153 149 149 VAL VAL A . n 
A 1 154 GLU 154 150 150 GLU GLU A . n 
A 1 155 ARG 155 151 151 ARG ARG A . n 
A 1 156 VAL 156 152 152 VAL VAL A . n 
A 1 157 LEU 157 153 153 LEU LEU A . n 
A 1 158 GLU 158 154 154 GLU GLU A . n 
A 1 159 ALA 159 155 155 ALA ALA A . n 
A 1 160 ALA 160 156 156 ALA ALA A . n 
A 1 161 LYS 161 157 157 LYS LYS A . n 
A 1 162 GLU 162 158 158 GLU GLU A . n 
A 1 163 ALA 163 159 159 ALA ALA A . n 
A 1 164 VAL 164 160 160 VAL VAL A . n 
A 1 165 TRP 165 161 161 TRP TRP A . n 
A 1 166 CYS 166 162 162 CYS CYS A . n 
A 1 167 TRP 167 163 163 TRP TRP A . n 
A 1 168 VAL 168 164 164 VAL VAL A . n 
A 1 169 ARG 169 165 165 ARG ARG A . n 
A 1 170 GLU 170 166 166 GLU GLU A . n 
A 1 171 GLY 171 167 167 GLY GLY A . n 
# 
loop_
_pdbx_nonpoly_scheme.asym_id 
_pdbx_nonpoly_scheme.entity_id 
_pdbx_nonpoly_scheme.mon_id 
_pdbx_nonpoly_scheme.ndb_seq_num 
_pdbx_nonpoly_scheme.pdb_seq_num 
_pdbx_nonpoly_scheme.auth_seq_num 
_pdbx_nonpoly_scheme.pdb_mon_id 
_pdbx_nonpoly_scheme.auth_mon_id 
_pdbx_nonpoly_scheme.pdb_strand_id 
_pdbx_nonpoly_scheme.pdb_ins_code 
B 2 SO4 1  201 1  SO4 SO4 A . 
C 2 SO4 1  202 2  SO4 SO4 A . 
D 2 SO4 1  203 3  SO4 SO4 A . 
E 2 SO4 1  204 4  SO4 SO4 A . 
F 2 SO4 1  205 5  SO4 SO4 A . 
G 2 SO4 1  206 6  SO4 SO4 A . 
H 2 SO4 1  207 7  SO4 SO4 A . 
I 3 HOH 1  301 15 HOH HOH A . 
I 3 HOH 2  302 50 HOH HOH A . 
I 3 HOH 3  303 47 HOH HOH A . 
I 3 HOH 4  304 42 HOH HOH A . 
I 3 HOH 5  305 35 HOH HOH A . 
I 3 HOH 6  306 39 HOH HOH A . 
I 3 HOH 7  307 56 HOH HOH A . 
I 3 HOH 8  308 1  HOH HOH A . 
I 3 HOH 9  309 4  HOH HOH A . 
I 3 HOH 10 310 22 HOH HOH A . 
I 3 HOH 11 311 60 HOH HOH A . 
I 3 HOH 12 312 8  HOH HOH A . 
I 3 HOH 13 313 2  HOH HOH A . 
I 3 HOH 14 314 13 HOH HOH A . 
I 3 HOH 15 315 26 HOH HOH A . 
I 3 HOH 16 316 29 HOH HOH A . 
I 3 HOH 17 317 21 HOH HOH A . 
I 3 HOH 18 318 12 HOH HOH A . 
I 3 HOH 19 319 59 HOH HOH A . 
I 3 HOH 20 320 3  HOH HOH A . 
I 3 HOH 21 321 43 HOH HOH A . 
I 3 HOH 22 322 19 HOH HOH A . 
I 3 HOH 23 323 7  HOH HOH A . 
I 3 HOH 24 324 46 HOH HOH A . 
I 3 HOH 25 325 10 HOH HOH A . 
I 3 HOH 26 326 38 HOH HOH A . 
I 3 HOH 27 327 11 HOH HOH A . 
I 3 HOH 28 328 48 HOH HOH A . 
I 3 HOH 29 329 51 HOH HOH A . 
I 3 HOH 30 330 32 HOH HOH A . 
I 3 HOH 31 331 14 HOH HOH A . 
I 3 HOH 32 332 9  HOH HOH A . 
I 3 HOH 33 333 31 HOH HOH A . 
I 3 HOH 34 334 5  HOH HOH A . 
I 3 HOH 35 335 49 HOH HOH A . 
I 3 HOH 36 336 55 HOH HOH A . 
I 3 HOH 37 337 37 HOH HOH A . 
I 3 HOH 38 338 24 HOH HOH A . 
I 3 HOH 39 339 6  HOH HOH A . 
I 3 HOH 40 340 27 HOH HOH A . 
I 3 HOH 41 341 40 HOH HOH A . 
I 3 HOH 42 342 57 HOH HOH A . 
I 3 HOH 43 343 33 HOH HOH A . 
I 3 HOH 44 344 18 HOH HOH A . 
I 3 HOH 45 345 25 HOH HOH A . 
I 3 HOH 46 346 34 HOH HOH A . 
I 3 HOH 47 347 45 HOH HOH A . 
I 3 HOH 48 348 17 HOH HOH A . 
I 3 HOH 49 349 23 HOH HOH A . 
I 3 HOH 50 350 30 HOH HOH A . 
I 3 HOH 51 351 36 HOH HOH A . 
I 3 HOH 52 352 16 HOH HOH A . 
I 3 HOH 53 353 20 HOH HOH A . 
I 3 HOH 54 354 28 HOH HOH A . 
I 3 HOH 55 355 54 HOH HOH A . 
I 3 HOH 56 356 58 HOH HOH A . 
I 3 HOH 57 357 44 HOH HOH A . 
I 3 HOH 58 358 53 HOH HOH A . 
I 3 HOH 59 359 41 HOH HOH A . 
I 3 HOH 60 360 52 HOH HOH A . 
# 
loop_
_software.citation_id 
_software.classification 
_software.compiler_name 
_software.compiler_version 
_software.contact_author 
_software.contact_author_email 
_software.date 
_software.description 
_software.dependencies 
_software.hardware 
_software.language 
_software.location 
_software.mods 
_software.name 
_software.os 
_software.os_version 
_software.type 
_software.version 
_software.pdbx_ordinal 
? refinement       ? ? ? ? ? ? ? ? ? ? ? REFMAC   ? ? ? 5.8.0124 1 
? 'data reduction' ? ? ? ? ? ? ? ? ? ? ? HKL-2000 ? ? ? .        2 
? 'data scaling'   ? ? ? ? ? ? ? ? ? ? ? HKL-2000 ? ? ? .        3 
? phasing          ? ? ? ? ? ? ? ? ? ? ? MOLREP   ? ? ? .        4 
# 
_cell.angle_alpha                  90.00 
_cell.angle_alpha_esd              ? 
_cell.angle_beta                   90.00 
_cell.angle_beta_esd               ? 
_cell.angle_gamma                  120.00 
_cell.angle_gamma_esd              ? 
_cell.entry_id                     8X5U 
_cell.details                      ? 
_cell.formula_units_Z              ? 
_cell.length_a                     81.948 
_cell.length_a_esd                 ? 
_cell.length_b                     81.948 
_cell.length_b_esd                 ? 
_cell.length_c                     123.940 
_cell.length_c_esd                 ? 
_cell.volume                       ? 
_cell.volume_esd                   ? 
_cell.Z_PDB                        12 
_cell.reciprocal_angle_alpha       ? 
_cell.reciprocal_angle_beta        ? 
_cell.reciprocal_angle_gamma       ? 
_cell.reciprocal_angle_alpha_esd   ? 
_cell.reciprocal_angle_beta_esd    ? 
_cell.reciprocal_angle_gamma_esd   ? 
_cell.reciprocal_length_a          ? 
_cell.reciprocal_length_b          ? 
_cell.reciprocal_length_c          ? 
_cell.reciprocal_length_a_esd      ? 
_cell.reciprocal_length_b_esd      ? 
_cell.reciprocal_length_c_esd      ? 
_cell.pdbx_unique_axis             ? 
_cell.pdbx_esd_method              ? 
# 
_symmetry.entry_id                         8X5U 
_symmetry.cell_setting                     ? 
_symmetry.Int_Tables_number                178 
_symmetry.space_group_name_Hall            ? 
_symmetry.space_group_name_H-M             'P 61 2 2' 
_symmetry.pdbx_full_space_group_name_H-M   ? 
# 
_exptl.absorpt_coefficient_mu     ? 
_exptl.absorpt_correction_T_max   ? 
_exptl.absorpt_correction_T_min   ? 
_exptl.absorpt_correction_type    ? 
_exptl.absorpt_process_details    ? 
_exptl.entry_id                   8X5U 
_exptl.crystals_number            1 
_exptl.details                    ? 
_exptl.method                     'X-RAY DIFFRACTION' 
_exptl.method_details             ? 
# 
_exptl_crystal.colour                       ? 
_exptl_crystal.density_diffrn               ? 
_exptl_crystal.density_Matthews             3.21 
_exptl_crystal.density_method               ? 
_exptl_crystal.density_percent_sol          61.66 
_exptl_crystal.description                  ? 
_exptl_crystal.F_000                        ? 
_exptl_crystal.id                           1 
_exptl_crystal.preparation                  ? 
_exptl_crystal.size_max                     ? 
_exptl_crystal.size_mid                     ? 
_exptl_crystal.size_min                     ? 
_exptl_crystal.size_rad                     ? 
_exptl_crystal.colour_lustre                ? 
_exptl_crystal.colour_modifier              ? 
_exptl_crystal.colour_primary               ? 
_exptl_crystal.density_meas                 ? 
_exptl_crystal.density_meas_esd             ? 
_exptl_crystal.density_meas_gt              ? 
_exptl_crystal.density_meas_lt              ? 
_exptl_crystal.density_meas_temp            ? 
_exptl_crystal.density_meas_temp_esd        ? 
_exptl_crystal.density_meas_temp_gt         ? 
_exptl_crystal.density_meas_temp_lt         ? 
_exptl_crystal.pdbx_crystal_image_url       ? 
_exptl_crystal.pdbx_crystal_image_format    ? 
_exptl_crystal.pdbx_mosaicity               ? 
_exptl_crystal.pdbx_mosaicity_esd           ? 
_exptl_crystal.pdbx_mosaic_method           ? 
_exptl_crystal.pdbx_mosaic_block_size       ? 
_exptl_crystal.pdbx_mosaic_block_size_esd   ? 
# 
_exptl_crystal_grow.apparatus       ? 
_exptl_crystal_grow.atmosphere      ? 
_exptl_crystal_grow.crystal_id      1 
_exptl_crystal_grow.details         ? 
_exptl_crystal_grow.method          'VAPOR DIFFUSION, SITTING DROP' 
_exptl_crystal_grow.method_ref      ? 
_exptl_crystal_grow.pH              ? 
_exptl_crystal_grow.pressure        ? 
_exptl_crystal_grow.pressure_esd    ? 
_exptl_crystal_grow.seeding         ? 
_exptl_crystal_grow.seeding_ref     ? 
_exptl_crystal_grow.temp_details    ? 
_exptl_crystal_grow.temp_esd        ? 
_exptl_crystal_grow.time            ? 
_exptl_crystal_grow.pdbx_details    '0.5 M (NH4)2SO4, 0.1 M Tris-HCl pH7.5, 30% (v/v) PEG600, and 10% (v/v) glycerol' 
_exptl_crystal_grow.pdbx_pH_range   ? 
_exptl_crystal_grow.temp            293 
# 
_diffrn.ambient_environment              ? 
_diffrn.ambient_temp                     95 
_diffrn.ambient_temp_details             ? 
_diffrn.ambient_temp_esd                 ? 
_diffrn.crystal_id                       1 
_diffrn.crystal_support                  ? 
_diffrn.crystal_treatment                ? 
_diffrn.details                          ? 
_diffrn.id                               1 
_diffrn.ambient_pressure                 ? 
_diffrn.ambient_pressure_esd             ? 
_diffrn.ambient_pressure_gt              ? 
_diffrn.ambient_pressure_lt              ? 
_diffrn.ambient_temp_gt                  ? 
_diffrn.ambient_temp_lt                  ? 
_diffrn.pdbx_serial_crystal_experiment   N 
# 
_diffrn_detector.details                      ? 
_diffrn_detector.detector                     PIXEL 
_diffrn_detector.diffrn_id                    1 
_diffrn_detector.type                         'DECTRIS PILATUS3 S 6M' 
_diffrn_detector.area_resol_mean              ? 
_diffrn_detector.dtime                        ? 
_diffrn_detector.pdbx_frames_total            ? 
_diffrn_detector.pdbx_collection_time_total   ? 
_diffrn_detector.pdbx_collection_date         2015-11-02 
_diffrn_detector.pdbx_frequency               ? 
_diffrn_detector.id                           ? 
_diffrn_detector.number_of_axes               ? 
# 
_diffrn_radiation.collimation                      ? 
_diffrn_radiation.diffrn_id                        1 
_diffrn_radiation.filter_edge                      ? 
_diffrn_radiation.inhomogeneity                    ? 
_diffrn_radiation.monochromator                    ? 
_diffrn_radiation.polarisn_norm                    ? 
_diffrn_radiation.polarisn_ratio                   ? 
_diffrn_radiation.probe                            ? 
_diffrn_radiation.type                             ? 
_diffrn_radiation.xray_symbol                      ? 
_diffrn_radiation.wavelength_id                    1 
_diffrn_radiation.pdbx_monochromatic_or_laue_m_l   M 
_diffrn_radiation.pdbx_wavelength_list             ? 
_diffrn_radiation.pdbx_wavelength                  ? 
_diffrn_radiation.pdbx_diffrn_protocol             'SINGLE WAVELENGTH' 
_diffrn_radiation.pdbx_analyzer                    ? 
_diffrn_radiation.pdbx_scattering_type             x-ray 
# 
_diffrn_radiation_wavelength.id           1 
_diffrn_radiation_wavelength.wavelength   0.980 
_diffrn_radiation_wavelength.wt           1.0 
# 
_diffrn_source.current                     ? 
_diffrn_source.details                     ? 
_diffrn_source.diffrn_id                   1 
_diffrn_source.power                       ? 
_diffrn_source.size                        ? 
_diffrn_source.source                      SYNCHROTRON 
_diffrn_source.target                      ? 
_diffrn_source.type                        'PHOTON FACTORY BEAMLINE BL-17A' 
_diffrn_source.voltage                     ? 
_diffrn_source.take-off_angle              ? 
_diffrn_source.pdbx_wavelength_list        0.980 
_diffrn_source.pdbx_wavelength             ? 
_diffrn_source.pdbx_synchrotron_beamline   BL-17A 
_diffrn_source.pdbx_synchrotron_site       'Photon Factory' 
# 
_reflns.B_iso_Wilson_estimate                          ? 
_reflns.entry_id                                       8X5U 
_reflns.data_reduction_details                         ? 
_reflns.data_reduction_method                          ? 
_reflns.d_resolution_high                              2.10 
_reflns.d_resolution_low                               70.97 
_reflns.details                                        ? 
_reflns.limit_h_max                                    ? 
_reflns.limit_h_min                                    ? 
_reflns.limit_k_max                                    ? 
_reflns.limit_k_min                                    ? 
_reflns.limit_l_max                                    ? 
_reflns.limit_l_min                                    ? 
_reflns.number_all                                     ? 
_reflns.number_obs                                     15036 
_reflns.observed_criterion                             ? 
_reflns.observed_criterion_F_max                       ? 
_reflns.observed_criterion_F_min                       ? 
_reflns.observed_criterion_I_max                       ? 
_reflns.observed_criterion_I_min                       ? 
_reflns.observed_criterion_sigma_F                     ? 
_reflns.observed_criterion_sigma_I                     ? 
_reflns.percent_possible_obs                           100.0 
_reflns.R_free_details                                 ? 
_reflns.Rmerge_F_all                                   ? 
_reflns.Rmerge_F_obs                                   ? 
_reflns.Friedel_coverage                               ? 
_reflns.number_gt                                      ? 
_reflns.threshold_expression                           ? 
_reflns.pdbx_redundancy                                18.8 
_reflns.pdbx_netI_over_av_sigmaI                       ? 
_reflns.pdbx_netI_over_sigmaI                          40.2 
_reflns.pdbx_res_netI_over_av_sigmaI_2                 ? 
_reflns.pdbx_res_netI_over_sigmaI_2                    ? 
_reflns.pdbx_chi_squared                               ? 
_reflns.pdbx_scaling_rejects                           ? 
_reflns.pdbx_d_res_high_opt                            ? 
_reflns.pdbx_d_res_low_opt                             ? 
_reflns.pdbx_d_res_opt_method                          ? 
_reflns.phase_calculation_details                      ? 
_reflns.pdbx_Rrim_I_all                                ? 
_reflns.pdbx_Rpim_I_all                                ? 
_reflns.pdbx_d_opt                                     ? 
_reflns.pdbx_number_measured_all                       ? 
_reflns.pdbx_diffrn_id                                 1 
_reflns.pdbx_ordinal                                   1 
_reflns.pdbx_CC_half                                   ? 
_reflns.pdbx_CC_star                                   ? 
_reflns.pdbx_R_split                                   ? 
_reflns.pdbx_Rmerge_I_obs                              0.062 
_reflns.pdbx_Rmerge_I_all                              ? 
_reflns.pdbx_Rsym_value                                ? 
_reflns.pdbx_CC_split_method                           ? 
_reflns.pdbx_aniso_diffraction_limit_axis_1_ortho[1]   ? 
_reflns.pdbx_aniso_diffraction_limit_axis_1_ortho[2]   ? 
_reflns.pdbx_aniso_diffraction_limit_axis_1_ortho[3]   ? 
_reflns.pdbx_aniso_diffraction_limit_axis_2_ortho[1]   ? 
_reflns.pdbx_aniso_diffraction_limit_axis_2_ortho[2]   ? 
_reflns.pdbx_aniso_diffraction_limit_axis_2_ortho[3]   ? 
_reflns.pdbx_aniso_diffraction_limit_axis_3_ortho[1]   ? 
_reflns.pdbx_aniso_diffraction_limit_axis_3_ortho[2]   ? 
_reflns.pdbx_aniso_diffraction_limit_axis_3_ortho[3]   ? 
_reflns.pdbx_aniso_diffraction_limit_1                 ? 
_reflns.pdbx_aniso_diffraction_limit_2                 ? 
_reflns.pdbx_aniso_diffraction_limit_3                 ? 
_reflns.pdbx_aniso_B_tensor_eigenvector_1_ortho[1]     ? 
_reflns.pdbx_aniso_B_tensor_eigenvector_1_ortho[2]     ? 
_reflns.pdbx_aniso_B_tensor_eigenvector_1_ortho[3]     ? 
_reflns.pdbx_aniso_B_tensor_eigenvector_2_ortho[1]     ? 
_reflns.pdbx_aniso_B_tensor_eigenvector_2_ortho[2]     ? 
_reflns.pdbx_aniso_B_tensor_eigenvector_2_ortho[3]     ? 
_reflns.pdbx_aniso_B_tensor_eigenvector_3_ortho[1]     ? 
_reflns.pdbx_aniso_B_tensor_eigenvector_3_ortho[2]     ? 
_reflns.pdbx_aniso_B_tensor_eigenvector_3_ortho[3]     ? 
_reflns.pdbx_aniso_B_tensor_eigenvalue_1               ? 
_reflns.pdbx_aniso_B_tensor_eigenvalue_2               ? 
_reflns.pdbx_aniso_B_tensor_eigenvalue_3               ? 
_reflns.pdbx_orthogonalization_convention              ? 
_reflns.pdbx_percent_possible_ellipsoidal              ? 
_reflns.pdbx_percent_possible_spherical                ? 
_reflns.pdbx_percent_possible_ellipsoidal_anomalous    ? 
_reflns.pdbx_percent_possible_spherical_anomalous      ? 
_reflns.pdbx_redundancy_anomalous                      ? 
_reflns.pdbx_CC_half_anomalous                         ? 
_reflns.pdbx_absDiff_over_sigma_anomalous              ? 
_reflns.pdbx_percent_possible_anomalous                ? 
_reflns.pdbx_observed_signal_threshold                 ? 
_reflns.pdbx_signal_type                               ? 
_reflns.pdbx_signal_details                            ? 
_reflns.pdbx_signal_software_id                        ? 
# 
_reflns_shell.d_res_high                                    2.10 
_reflns_shell.d_res_low                                     2.14 
_reflns_shell.meanI_over_sigI_all                           ? 
_reflns_shell.meanI_over_sigI_obs                           7.5 
_reflns_shell.number_measured_all                           ? 
_reflns_shell.number_measured_obs                           ? 
_reflns_shell.number_possible                               ? 
_reflns_shell.number_unique_all                             ? 
_reflns_shell.number_unique_obs                             716 
_reflns_shell.percent_possible_obs                          ? 
_reflns_shell.Rmerge_F_all                                  ? 
_reflns_shell.Rmerge_F_obs                                  ? 
_reflns_shell.meanI_over_sigI_gt                            ? 
_reflns_shell.meanI_over_uI_all                             ? 
_reflns_shell.meanI_over_uI_gt                              ? 
_reflns_shell.number_measured_gt                            ? 
_reflns_shell.number_unique_gt                              ? 
_reflns_shell.percent_possible_gt                           ? 
_reflns_shell.Rmerge_F_gt                                   ? 
_reflns_shell.Rmerge_I_gt                                   ? 
_reflns_shell.pdbx_redundancy                               18.0 
_reflns_shell.pdbx_chi_squared                              ? 
_reflns_shell.pdbx_netI_over_sigmaI_all                     ? 
_reflns_shell.pdbx_netI_over_sigmaI_obs                     ? 
_reflns_shell.pdbx_Rrim_I_all                               ? 
_reflns_shell.pdbx_Rpim_I_all                               ? 
_reflns_shell.pdbx_rejects                                  ? 
_reflns_shell.pdbx_ordinal                                  1 
_reflns_shell.pdbx_diffrn_id                                1 
_reflns_shell.pdbx_CC_half                                  ? 
_reflns_shell.pdbx_CC_star                                  ? 
_reflns_shell.pdbx_R_split                                  ? 
_reflns_shell.percent_possible_all                          100 
_reflns_shell.Rmerge_I_all                                  ? 
_reflns_shell.Rmerge_I_obs                                  0.277 
_reflns_shell.pdbx_Rsym_value                               ? 
_reflns_shell.pdbx_percent_possible_ellipsoidal             ? 
_reflns_shell.pdbx_percent_possible_spherical               ? 
_reflns_shell.pdbx_percent_possible_ellipsoidal_anomalous   ? 
_reflns_shell.pdbx_percent_possible_spherical_anomalous     ? 
_reflns_shell.pdbx_redundancy_anomalous                     ? 
_reflns_shell.pdbx_CC_half_anomalous                        ? 
_reflns_shell.pdbx_absDiff_over_sigma_anomalous             ? 
_reflns_shell.pdbx_percent_possible_anomalous               ? 
# 
_refine.aniso_B[1][1]                            0.28 
_refine.aniso_B[1][2]                            0.14 
_refine.aniso_B[1][3]                            0.00 
_refine.aniso_B[2][2]                            0.28 
_refine.aniso_B[2][3]                            0.00 
_refine.aniso_B[3][3]                            -0.91 
_refine.B_iso_max                                ? 
_refine.B_iso_mean                               39.971 
_refine.B_iso_min                                ? 
_refine.correlation_coeff_Fo_to_Fc               0.949 
_refine.correlation_coeff_Fo_to_Fc_free          0.928 
_refine.details                                  'HYDROGENS HAVE BEEN ADDED IN THE RIDING POSITIONS' 
_refine.diff_density_max                         ? 
_refine.diff_density_max_esd                     ? 
_refine.diff_density_min                         ? 
_refine.diff_density_min_esd                     ? 
_refine.diff_density_rms                         ? 
_refine.diff_density_rms_esd                     ? 
_refine.entry_id                                 8X5U 
_refine.pdbx_refine_id                           'X-RAY DIFFRACTION' 
_refine.ls_abs_structure_details                 ? 
_refine.ls_abs_structure_Flack                   ? 
_refine.ls_abs_structure_Flack_esd               ? 
_refine.ls_abs_structure_Rogers                  ? 
_refine.ls_abs_structure_Rogers_esd              ? 
_refine.ls_d_res_high                            2.10 
_refine.ls_d_res_low                             70.97 
_refine.ls_extinction_coef                       ? 
_refine.ls_extinction_coef_esd                   ? 
_refine.ls_extinction_expression                 ? 
_refine.ls_extinction_method                     ? 
_refine.ls_goodness_of_fit_all                   ? 
_refine.ls_goodness_of_fit_all_esd               ? 
_refine.ls_goodness_of_fit_obs                   ? 
_refine.ls_goodness_of_fit_obs_esd               ? 
_refine.ls_hydrogen_treatment                    ? 
_refine.ls_matrix_type                           ? 
_refine.ls_number_constraints                    ? 
_refine.ls_number_parameters                     ? 
_refine.ls_number_reflns_all                     ? 
_refine.ls_number_reflns_obs                     14220 
_refine.ls_number_reflns_R_free                  768 
_refine.ls_number_reflns_R_work                  ? 
_refine.ls_number_restraints                     ? 
_refine.ls_percent_reflns_obs                    99.95 
_refine.ls_percent_reflns_R_free                 5.1 
_refine.ls_R_factor_all                          ? 
_refine.ls_R_factor_obs                          0.20361 
_refine.ls_R_factor_R_free                       0.24792 
_refine.ls_R_factor_R_free_error                 ? 
_refine.ls_R_factor_R_free_error_details         ? 
_refine.ls_R_factor_R_work                       0.20127 
_refine.ls_R_Fsqd_factor_obs                     ? 
_refine.ls_R_I_factor_obs                        ? 
_refine.ls_redundancy_reflns_all                 ? 
_refine.ls_redundancy_reflns_obs                 ? 
_refine.ls_restrained_S_all                      ? 
_refine.ls_restrained_S_obs                      ? 
_refine.ls_shift_over_esd_max                    ? 
_refine.ls_shift_over_esd_mean                   ? 
_refine.ls_structure_factor_coef                 ? 
_refine.ls_weighting_details                     ? 
_refine.ls_weighting_scheme                      ? 
_refine.ls_wR_factor_all                         ? 
_refine.ls_wR_factor_obs                         ? 
_refine.ls_wR_factor_R_free                      ? 
_refine.ls_wR_factor_R_work                      ? 
_refine.occupancy_max                            ? 
_refine.occupancy_min                            ? 
_refine.solvent_model_details                    'BABINET MODEL WITH MASK' 
_refine.solvent_model_param_bsol                 ? 
_refine.solvent_model_param_ksol                 ? 
_refine.pdbx_R_complete                          ? 
_refine.ls_R_factor_gt                           ? 
_refine.ls_goodness_of_fit_gt                    ? 
_refine.ls_goodness_of_fit_ref                   ? 
_refine.ls_shift_over_su_max                     ? 
_refine.ls_shift_over_su_max_lt                  ? 
_refine.ls_shift_over_su_mean                    ? 
_refine.ls_shift_over_su_mean_lt                 ? 
_refine.pdbx_ls_sigma_I                          ? 
_refine.pdbx_ls_sigma_F                          ? 
_refine.pdbx_ls_sigma_Fsqd                       ? 
_refine.pdbx_data_cutoff_high_absF               ? 
_refine.pdbx_data_cutoff_high_rms_absF           ? 
_refine.pdbx_data_cutoff_low_absF                ? 
_refine.pdbx_isotropic_thermal_model             ? 
_refine.pdbx_ls_cross_valid_method               'FREE R-VALUE' 
_refine.pdbx_method_to_determine_struct          'MOLECULAR REPLACEMENT' 
_refine.pdbx_starting_model                      ? 
_refine.pdbx_stereochemistry_target_values       'MAXIMUM LIKELIHOOD' 
_refine.pdbx_R_Free_selection_details            RANDOM 
_refine.pdbx_stereochem_target_val_spec_case     ? 
_refine.pdbx_overall_ESU_R                       0.175 
_refine.pdbx_overall_ESU_R_Free                  0.167 
_refine.pdbx_solvent_vdw_probe_radii             1.20 
_refine.pdbx_solvent_ion_probe_radii             0.80 
_refine.pdbx_solvent_shrinkage_radii             0.80 
_refine.pdbx_real_space_R                        ? 
_refine.pdbx_density_correlation                 ? 
_refine.pdbx_pd_number_of_powder_patterns        ? 
_refine.pdbx_pd_number_of_points                 ? 
_refine.pdbx_pd_meas_number_of_points            ? 
_refine.pdbx_pd_proc_ls_prof_R_factor            ? 
_refine.pdbx_pd_proc_ls_prof_wR_factor           ? 
_refine.pdbx_pd_Marquardt_correlation_coeff      ? 
_refine.pdbx_pd_Fsqrd_R_factor                   ? 
_refine.pdbx_pd_ls_matrix_band_width             ? 
_refine.pdbx_overall_phase_error                 ? 
_refine.pdbx_overall_SU_R_free_Cruickshank_DPI   ? 
_refine.pdbx_overall_SU_R_free_Blow_DPI          ? 
_refine.pdbx_overall_SU_R_Blow_DPI               ? 
_refine.pdbx_TLS_residual_ADP_flag               ? 
_refine.pdbx_diffrn_id                           1 
_refine.overall_SU_B                             3.950 
_refine.overall_SU_ML                            0.108 
_refine.overall_SU_R_Cruickshank_DPI             ? 
_refine.overall_SU_R_free                        ? 
_refine.overall_FOM_free_R_set                   ? 
_refine.overall_FOM_work_R_set                   ? 
_refine.pdbx_average_fsc_overall                 ? 
_refine.pdbx_average_fsc_work                    ? 
_refine.pdbx_average_fsc_free                    ? 
# 
_refine_hist.pdbx_refine_id                   'X-RAY DIFFRACTION' 
_refine_hist.cycle_id                         1 
_refine_hist.details                          ? 
_refine_hist.d_res_high                       2.10 
_refine_hist.d_res_low                        70.97 
_refine_hist.number_atoms_solvent             60 
_refine_hist.number_atoms_total               1415 
_refine_hist.number_reflns_all                ? 
_refine_hist.number_reflns_obs                ? 
_refine_hist.number_reflns_R_free             ? 
_refine_hist.number_reflns_R_work             ? 
_refine_hist.R_factor_all                     ? 
_refine_hist.R_factor_obs                     ? 
_refine_hist.R_factor_R_free                  ? 
_refine_hist.R_factor_R_work                  ? 
_refine_hist.pdbx_number_residues_total       ? 
_refine_hist.pdbx_B_iso_mean_ligand           ? 
_refine_hist.pdbx_B_iso_mean_solvent          ? 
_refine_hist.pdbx_number_atoms_protein        1320 
_refine_hist.pdbx_number_atoms_nucleic_acid   0 
_refine_hist.pdbx_number_atoms_ligand         35 
_refine_hist.pdbx_number_atoms_lipid          ? 
_refine_hist.pdbx_number_atoms_carb           ? 
_refine_hist.pdbx_pseudo_atom_details         ? 
# 
loop_
_refine_ls_restr.pdbx_refine_id 
_refine_ls_restr.criterion 
_refine_ls_restr.dev_ideal 
_refine_ls_restr.dev_ideal_target 
_refine_ls_restr.number 
_refine_ls_restr.rejects 
_refine_ls_restr.type 
_refine_ls_restr.weight 
_refine_ls_restr.pdbx_restraint_function 
'X-RAY DIFFRACTION' ? 0.019  0.019  1379 ? r_bond_refined_d             ? ? 
'X-RAY DIFFRACTION' ? 0.002  0.020  1331 ? r_bond_other_d               ? ? 
'X-RAY DIFFRACTION' ? 2.009  2.011  1868 ? r_angle_refined_deg          ? ? 
'X-RAY DIFFRACTION' ? 1.102  3.000  3044 ? r_angle_other_deg            ? ? 
'X-RAY DIFFRACTION' ? 7.374  5.000  167  ? r_dihedral_angle_1_deg       ? ? 
'X-RAY DIFFRACTION' ? 33.654 20.968 62   ? r_dihedral_angle_2_deg       ? ? 
'X-RAY DIFFRACTION' ? 16.654 15.000 225  ? r_dihedral_angle_3_deg       ? ? 
'X-RAY DIFFRACTION' ? 19.077 15.000 19   ? r_dihedral_angle_4_deg       ? ? 
'X-RAY DIFFRACTION' ? 0.127  0.200  200  ? r_chiral_restr               ? ? 
'X-RAY DIFFRACTION' ? 0.010  0.021  1524 ? r_gen_planes_refined         ? ? 
'X-RAY DIFFRACTION' ? 0.002  0.020  325  ? r_gen_planes_other           ? ? 
'X-RAY DIFFRACTION' ? ?      ?      ?    ? r_nbd_refined                ? ? 
'X-RAY DIFFRACTION' ? ?      ?      ?    ? r_nbd_other                  ? ? 
'X-RAY DIFFRACTION' ? ?      ?      ?    ? r_nbtor_refined              ? ? 
'X-RAY DIFFRACTION' ? ?      ?      ?    ? r_nbtor_other                ? ? 
'X-RAY DIFFRACTION' ? ?      ?      ?    ? r_xyhbond_nbd_refined        ? ? 
'X-RAY DIFFRACTION' ? ?      ?      ?    ? r_xyhbond_nbd_other          ? ? 
'X-RAY DIFFRACTION' ? ?      ?      ?    ? r_metal_ion_refined          ? ? 
'X-RAY DIFFRACTION' ? ?      ?      ?    ? r_metal_ion_other            ? ? 
'X-RAY DIFFRACTION' ? ?      ?      ?    ? r_symmetry_vdw_refined       ? ? 
'X-RAY DIFFRACTION' ? ?      ?      ?    ? r_symmetry_vdw_other         ? ? 
'X-RAY DIFFRACTION' ? ?      ?      ?    ? r_symmetry_hbond_refined     ? ? 
'X-RAY DIFFRACTION' ? ?      ?      ?    ? r_symmetry_hbond_other       ? ? 
'X-RAY DIFFRACTION' ? ?      ?      ?    ? r_symmetry_metal_ion_refined ? ? 
'X-RAY DIFFRACTION' ? ?      ?      ?    ? r_symmetry_metal_ion_other   ? ? 
'X-RAY DIFFRACTION' ? 3.977  3.607  671  ? r_mcbond_it                  ? ? 
'X-RAY DIFFRACTION' ? 3.977  3.607  670  ? r_mcbond_other               ? ? 
'X-RAY DIFFRACTION' ? 5.000  5.385  837  ? r_mcangle_it                 ? ? 
'X-RAY DIFFRACTION' ? 4.997  5.385  838  ? r_mcangle_other              ? ? 
'X-RAY DIFFRACTION' ? 5.284  4.260  707  ? r_scbond_it                  ? ? 
'X-RAY DIFFRACTION' ? 5.142  4.150  679  ? r_scbond_other               ? ? 
'X-RAY DIFFRACTION' ? ?      ?      ?    ? r_scangle_it                 ? ? 
'X-RAY DIFFRACTION' ? 7.458  6.013  988  ? r_scangle_other              ? ? 
'X-RAY DIFFRACTION' ? 10.270 29.799 1515 ? r_long_range_B_refined       ? ? 
'X-RAY DIFFRACTION' ? 10.053 29.611 1501 ? r_long_range_B_other         ? ? 
'X-RAY DIFFRACTION' ? ?      ?      ?    ? r_rigid_bond_restr           ? ? 
'X-RAY DIFFRACTION' ? ?      ?      ?    ? r_sphericity_free            ? ? 
'X-RAY DIFFRACTION' ? ?      ?      ?    ? r_sphericity_bonded          ? ? 
# 
_refine_ls_shell.pdbx_refine_id                   'X-RAY DIFFRACTION' 
_refine_ls_shell.d_res_high                       2.100 
_refine_ls_shell.d_res_low                        2.154 
_refine_ls_shell.number_reflns_all                ? 
_refine_ls_shell.number_reflns_obs                ? 
_refine_ls_shell.number_reflns_R_free             49 
_refine_ls_shell.number_reflns_R_work             1026 
_refine_ls_shell.percent_reflns_obs               99.63 
_refine_ls_shell.percent_reflns_R_free            ? 
_refine_ls_shell.R_factor_all                     ? 
_refine_ls_shell.R_factor_obs                     ? 
_refine_ls_shell.R_factor_R_free_error            ? 
_refine_ls_shell.R_factor_R_work                  0.190 
_refine_ls_shell.redundancy_reflns_all            ? 
_refine_ls_shell.redundancy_reflns_obs            ? 
_refine_ls_shell.wR_factor_all                    ? 
_refine_ls_shell.wR_factor_obs                    ? 
_refine_ls_shell.wR_factor_R_free                 ? 
_refine_ls_shell.wR_factor_R_work                 ? 
_refine_ls_shell.pdbx_R_complete                  ? 
_refine_ls_shell.pdbx_total_number_of_bins_used   ? 
_refine_ls_shell.pdbx_phase_error                 ? 
_refine_ls_shell.pdbx_fsc_work                    ? 
_refine_ls_shell.pdbx_fsc_free                    ? 
_refine_ls_shell.R_factor_R_free                  0.379 
# 
_struct.entry_id                     8X5U 
_struct.title                        
'Crystal structure of Thermus thermophilus peptidyl-tRNA hydrolase C-terminal 16 amino acid deletion mutant' 
_struct.pdbx_model_details           ? 
_struct.pdbx_formula_weight          ? 
_struct.pdbx_formula_weight_method   ? 
_struct.pdbx_model_type_details      ? 
_struct.pdbx_CASP_flag               N 
# 
_struct_keywords.entry_id        8X5U 
_struct_keywords.text            'peptidyl-tRNA hydrolase, TRANSLATION' 
_struct_keywords.pdbx_keywords   TRANSLATION 
# 
loop_
_struct_asym.id 
_struct_asym.pdbx_blank_PDB_chainid_flag 
_struct_asym.pdbx_modified 
_struct_asym.entity_id 
_struct_asym.details 
A N N 1 ? 
B N N 2 ? 
C N N 2 ? 
D N N 2 ? 
E N N 2 ? 
F N N 2 ? 
G N N 2 ? 
H N N 2 ? 
I N N 3 ? 
# 
_struct_ref.id                         1 
_struct_ref.db_name                    UNP 
_struct_ref.db_code                    PTH_THET8 
_struct_ref.pdbx_db_accession          Q5SHZ2 
_struct_ref.pdbx_db_isoform            ? 
_struct_ref.entity_id                  1 
_struct_ref.pdbx_seq_one_letter_code   
;MFLVVGQGNPGERYARTRHNLGFMVLDRLGLSFRPRGEALVAEAEGGLFLKPLTYYNLTGRAVAPLARFYKIPPERILVV
HDEMDLPLGRIRFKAGGSAAGNRGVLSIEEALGTRAFHRLRLGIGKPPDPSRGAEYVLSPFREEELPVVERVLEAAKEAV
WCWVREG
;
_struct_ref.pdbx_align_begin           1 
# 
_struct_ref_seq.align_id                      1 
_struct_ref_seq.ref_id                        1 
_struct_ref_seq.pdbx_PDB_id_code              8X5U 
_struct_ref_seq.pdbx_strand_id                A 
_struct_ref_seq.seq_align_beg                 5 
_struct_ref_seq.pdbx_seq_align_beg_ins_code   ? 
_struct_ref_seq.seq_align_end                 171 
_struct_ref_seq.pdbx_seq_align_end_ins_code   ? 
_struct_ref_seq.pdbx_db_accession             Q5SHZ2 
_struct_ref_seq.db_align_beg                  1 
_struct_ref_seq.pdbx_db_align_beg_ins_code    ? 
_struct_ref_seq.db_align_end                  167 
_struct_ref_seq.pdbx_db_align_end_ins_code    ? 
_struct_ref_seq.pdbx_auth_seq_align_beg       1 
_struct_ref_seq.pdbx_auth_seq_align_end       167 
# 
loop_
_struct_ref_seq_dif.align_id 
_struct_ref_seq_dif.pdbx_pdb_id_code 
_struct_ref_seq_dif.mon_id 
_struct_ref_seq_dif.pdbx_pdb_strand_id 
_struct_ref_seq_dif.seq_num 
_struct_ref_seq_dif.pdbx_pdb_ins_code 
_struct_ref_seq_dif.pdbx_seq_db_name 
_struct_ref_seq_dif.pdbx_seq_db_accession_code 
_struct_ref_seq_dif.db_mon_id 
_struct_ref_seq_dif.pdbx_seq_db_seq_num 
_struct_ref_seq_dif.details 
_struct_ref_seq_dif.pdbx_auth_seq_num 
_struct_ref_seq_dif.pdbx_ordinal 
1 8X5U GLY A 1 ? UNP Q5SHZ2 ? ? 'expression tag' -3 1 
1 8X5U SER A 2 ? UNP Q5SHZ2 ? ? 'expression tag' -2 2 
1 8X5U HIS A 3 ? UNP Q5SHZ2 ? ? 'expression tag' -1 3 
1 8X5U MET A 4 ? UNP Q5SHZ2 ? ? 'expression tag' 0  4 
# 
_pdbx_struct_assembly.id                   1 
_pdbx_struct_assembly.details              author_and_software_defined_assembly 
_pdbx_struct_assembly.method_details       PISA 
_pdbx_struct_assembly.oligomeric_details   monomeric 
_pdbx_struct_assembly.oligomeric_count     1 
# 
loop_
_pdbx_struct_assembly_prop.biol_id 
_pdbx_struct_assembly_prop.type 
_pdbx_struct_assembly_prop.value 
_pdbx_struct_assembly_prop.details 
1 'ABSA (A^2)' 220  ? 
1 MORE         -20  ? 
1 'SSA (A^2)'  8380 ? 
# 
_pdbx_struct_assembly_gen.assembly_id       1 
_pdbx_struct_assembly_gen.oper_expression   1 
_pdbx_struct_assembly_gen.asym_id_list      A,B,C,D,E,F,G,H,I 
# 
_pdbx_struct_assembly_auth_evidence.id                     1 
_pdbx_struct_assembly_auth_evidence.assembly_id            1 
_pdbx_struct_assembly_auth_evidence.experimental_support   none 
_pdbx_struct_assembly_auth_evidence.details                ? 
# 
_pdbx_struct_oper_list.id                   1 
_pdbx_struct_oper_list.type                 'identity operation' 
_pdbx_struct_oper_list.name                 1_555 
_pdbx_struct_oper_list.symmetry_operation   x,y,z 
_pdbx_struct_oper_list.matrix[1][1]         1.0000000000 
_pdbx_struct_oper_list.matrix[1][2]         0.0000000000 
_pdbx_struct_oper_list.matrix[1][3]         0.0000000000 
_pdbx_struct_oper_list.vector[1]            0.0000000000 
_pdbx_struct_oper_list.matrix[2][1]         0.0000000000 
_pdbx_struct_oper_list.matrix[2][2]         1.0000000000 
_pdbx_struct_oper_list.matrix[2][3]         0.0000000000 
_pdbx_struct_oper_list.vector[2]            0.0000000000 
_pdbx_struct_oper_list.matrix[3][1]         0.0000000000 
_pdbx_struct_oper_list.matrix[3][2]         0.0000000000 
_pdbx_struct_oper_list.matrix[3][3]         1.0000000000 
_pdbx_struct_oper_list.vector[3]            0.0000000000 
# 
loop_
_struct_conf.conf_type_id 
_struct_conf.id 
_struct_conf.pdbx_PDB_helix_id 
_struct_conf.beg_label_comp_id 
_struct_conf.beg_label_asym_id 
_struct_conf.beg_label_seq_id 
_struct_conf.pdbx_beg_PDB_ins_code 
_struct_conf.end_label_comp_id 
_struct_conf.end_label_asym_id 
_struct_conf.end_label_seq_id 
_struct_conf.pdbx_end_PDB_ins_code 
_struct_conf.beg_auth_comp_id 
_struct_conf.beg_auth_asym_id 
_struct_conf.beg_auth_seq_id 
_struct_conf.end_auth_comp_id 
_struct_conf.end_auth_asym_id 
_struct_conf.end_auth_seq_id 
_struct_conf.pdbx_PDB_helix_class 
_struct_conf.details 
_struct_conf.pdbx_PDB_helix_length 
HELX_P HELX_P1  AA1 GLY A 15  ? ALA A 19  ? GLY A 11  ALA A 15  5 ? 5  
HELX_P HELX_P2  AA2 THR A 21  ? HIS A 23  ? THR A 17  HIS A 19  5 ? 3  
HELX_P HELX_P3  AA3 ASN A 24  ? ARG A 32  ? ASN A 20  ARG A 28  1 ? 9  
HELX_P HELX_P4  AA4 TYR A 59  ? LEU A 62  ? TYR A 55  LEU A 58  5 ? 4  
HELX_P HELX_P5  AA5 THR A 63  ? TYR A 74  ? THR A 59  TYR A 70  1 ? 12 
HELX_P HELX_P6  AA6 PRO A 77  ? GLU A 79  ? PRO A 73  GLU A 75  5 ? 3  
HELX_P HELX_P7  AA7 ASN A 106 ? GLY A 117 ? ASN A 102 GLY A 113 1 ? 12 
HELX_P HELX_P8  AA8 ASP A 133 ? SER A 135 ? ASP A 129 SER A 131 5 ? 3  
HELX_P HELX_P9  AA9 ARG A 136 ? LEU A 142 ? ARG A 132 LEU A 138 1 ? 7  
HELX_P HELX_P10 AB1 ARG A 146 ? GLU A 148 ? ARG A 142 GLU A 144 5 ? 3  
HELX_P HELX_P11 AB2 GLU A 149 ? ARG A 169 ? GLU A 145 ARG A 165 1 ? 21 
# 
_struct_conf_type.id          HELX_P 
_struct_conf_type.criteria    ? 
_struct_conf_type.reference   ? 
# 
_struct_sheet.id               AA1 
_struct_sheet.type             ? 
_struct_sheet.number_strands   7 
_struct_sheet.details          ? 
# 
loop_
_struct_sheet_order.sheet_id 
_struct_sheet_order.range_id_1 
_struct_sheet_order.range_id_2 
_struct_sheet_order.offset 
_struct_sheet_order.sense 
AA1 1 2 ? anti-parallel 
AA1 2 3 ? anti-parallel 
AA1 3 4 ? parallel      
AA1 4 5 ? parallel      
AA1 5 6 ? parallel      
AA1 6 7 ? anti-parallel 
# 
loop_
_struct_sheet_range.sheet_id 
_struct_sheet_range.id 
_struct_sheet_range.beg_label_comp_id 
_struct_sheet_range.beg_label_asym_id 
_struct_sheet_range.beg_label_seq_id 
_struct_sheet_range.pdbx_beg_PDB_ins_code 
_struct_sheet_range.end_label_comp_id 
_struct_sheet_range.end_label_asym_id 
_struct_sheet_range.end_label_seq_id 
_struct_sheet_range.pdbx_end_PDB_ins_code 
_struct_sheet_range.beg_auth_comp_id 
_struct_sheet_range.beg_auth_asym_id 
_struct_sheet_range.beg_auth_seq_id 
_struct_sheet_range.end_auth_comp_id 
_struct_sheet_range.end_auth_asym_id 
_struct_sheet_range.end_auth_seq_id 
AA1 1 ARG A 38  ? PRO A 39  ? ARG A 34  PRO A 35  
AA1 2 ALA A 43  ? ALA A 48  ? ALA A 39  ALA A 44  
AA1 3 GLY A 51  ? PRO A 56  ? GLY A 47  PRO A 52  
AA1 4 LEU A 7   ? GLY A 10  ? LEU A 3   GLY A 6   
AA1 5 ILE A 81  ? GLU A 87  ? ILE A 77  GLU A 83  
AA1 6 HIS A 122 ? GLY A 127 ? HIS A 118 GLY A 123 
AA1 7 ILE A 95  ? ALA A 99  ? ILE A 91  ALA A 95  
# 
loop_
_pdbx_struct_sheet_hbond.sheet_id 
_pdbx_struct_sheet_hbond.range_id_1 
_pdbx_struct_sheet_hbond.range_id_2 
_pdbx_struct_sheet_hbond.range_1_label_atom_id 
_pdbx_struct_sheet_hbond.range_1_label_comp_id 
_pdbx_struct_sheet_hbond.range_1_label_asym_id 
_pdbx_struct_sheet_hbond.range_1_label_seq_id 
_pdbx_struct_sheet_hbond.range_1_PDB_ins_code 
_pdbx_struct_sheet_hbond.range_1_auth_atom_id 
_pdbx_struct_sheet_hbond.range_1_auth_comp_id 
_pdbx_struct_sheet_hbond.range_1_auth_asym_id 
_pdbx_struct_sheet_hbond.range_1_auth_seq_id 
_pdbx_struct_sheet_hbond.range_2_label_atom_id 
_pdbx_struct_sheet_hbond.range_2_label_comp_id 
_pdbx_struct_sheet_hbond.range_2_label_asym_id 
_pdbx_struct_sheet_hbond.range_2_label_seq_id 
_pdbx_struct_sheet_hbond.range_2_PDB_ins_code 
_pdbx_struct_sheet_hbond.range_2_auth_atom_id 
_pdbx_struct_sheet_hbond.range_2_auth_comp_id 
_pdbx_struct_sheet_hbond.range_2_auth_asym_id 
_pdbx_struct_sheet_hbond.range_2_auth_seq_id 
AA1 1 2 N ARG A 38  ? N ARG A 34  O VAL A 45  ? O VAL A 41  
AA1 2 3 N ALA A 46  ? N ALA A 42  O PHE A 53  ? O PHE A 49  
AA1 3 4 O LEU A 54  ? O LEU A 50  N GLY A 10  ? N GLY A 6   
AA1 4 5 N VAL A 9   ? N VAL A 5   O LEU A 82  ? O LEU A 78  
AA1 5 6 N HIS A 85  ? N HIS A 81  O LEU A 126 ? O LEU A 122 
AA1 6 7 O ARG A 125 ? O ARG A 121 N ARG A 96  ? N ARG A 92  
# 
_pdbx_entry_details.entry_id                   8X5U 
_pdbx_entry_details.has_ligand_of_interest     N 
_pdbx_entry_details.compound_details           ? 
_pdbx_entry_details.source_details             ? 
_pdbx_entry_details.nonpolymer_details         ? 
_pdbx_entry_details.sequence_details           ? 
_pdbx_entry_details.has_protein_modification   N 
# 
loop_
_pdbx_validate_rmsd_angle.id 
_pdbx_validate_rmsd_angle.PDB_model_num 
_pdbx_validate_rmsd_angle.auth_atom_id_1 
_pdbx_validate_rmsd_angle.auth_asym_id_1 
_pdbx_validate_rmsd_angle.auth_comp_id_1 
_pdbx_validate_rmsd_angle.auth_seq_id_1 
_pdbx_validate_rmsd_angle.PDB_ins_code_1 
_pdbx_validate_rmsd_angle.label_alt_id_1 
_pdbx_validate_rmsd_angle.auth_atom_id_2 
_pdbx_validate_rmsd_angle.auth_asym_id_2 
_pdbx_validate_rmsd_angle.auth_comp_id_2 
_pdbx_validate_rmsd_angle.auth_seq_id_2 
_pdbx_validate_rmsd_angle.PDB_ins_code_2 
_pdbx_validate_rmsd_angle.label_alt_id_2 
_pdbx_validate_rmsd_angle.auth_atom_id_3 
_pdbx_validate_rmsd_angle.auth_asym_id_3 
_pdbx_validate_rmsd_angle.auth_comp_id_3 
_pdbx_validate_rmsd_angle.auth_seq_id_3 
_pdbx_validate_rmsd_angle.PDB_ins_code_3 
_pdbx_validate_rmsd_angle.label_alt_id_3 
_pdbx_validate_rmsd_angle.angle_value 
_pdbx_validate_rmsd_angle.angle_target_value 
_pdbx_validate_rmsd_angle.angle_deviation 
_pdbx_validate_rmsd_angle.angle_standard_deviation 
_pdbx_validate_rmsd_angle.linker_flag 
1 1 NE A ARG 28  ? ? CZ A ARG 28  ? ? NH1 A ARG 28  ? ? 123.83 120.30 3.53  0.50 N 
2 1 NE A ARG 28  ? ? CZ A ARG 28  ? ? NH2 A ARG 28  ? ? 116.40 120.30 -3.90 0.50 N 
3 1 NE A ARG 34  ? ? CZ A ARG 34  ? ? NH1 A ARG 34  ? ? 124.38 120.30 4.08  0.50 N 
4 1 NE A ARG 119 ? ? CZ A ARG 119 ? ? NH1 A ARG 119 ? ? 123.62 120.30 3.32  0.50 N 
5 1 NE A ARG 121 ? ? CZ A ARG 121 ? ? NH1 A ARG 121 ? ? 124.29 120.30 3.99  0.50 N 
# 
loop_
_pdbx_validate_torsion.id 
_pdbx_validate_torsion.PDB_model_num 
_pdbx_validate_torsion.auth_comp_id 
_pdbx_validate_torsion.auth_asym_id 
_pdbx_validate_torsion.auth_seq_id 
_pdbx_validate_torsion.PDB_ins_code 
_pdbx_validate_torsion.label_alt_id 
_pdbx_validate_torsion.phi 
_pdbx_validate_torsion.psi 
1 1 TYR A 55  ? ? 84.77   150.36 
2 1 ALA A 100 ? ? -61.09  60.66  
3 1 ARG A 165 ? ? -112.16 -76.22 
# 
_pdbx_struct_special_symmetry.id              1 
_pdbx_struct_special_symmetry.PDB_model_num   1 
_pdbx_struct_special_symmetry.auth_asym_id    A 
_pdbx_struct_special_symmetry.auth_comp_id    SO4 
_pdbx_struct_special_symmetry.auth_seq_id     206 
_pdbx_struct_special_symmetry.PDB_ins_code    ? 
_pdbx_struct_special_symmetry.label_asym_id   G 
_pdbx_struct_special_symmetry.label_comp_id   SO4 
_pdbx_struct_special_symmetry.label_seq_id    . 
# 
loop_
_pdbx_unobs_or_zero_occ_residues.id 
_pdbx_unobs_or_zero_occ_residues.PDB_model_num 
_pdbx_unobs_or_zero_occ_residues.polymer_flag 
_pdbx_unobs_or_zero_occ_residues.occupancy_flag 
_pdbx_unobs_or_zero_occ_residues.auth_asym_id 
_pdbx_unobs_or_zero_occ_residues.auth_comp_id 
_pdbx_unobs_or_zero_occ_residues.auth_seq_id 
_pdbx_unobs_or_zero_occ_residues.PDB_ins_code 
_pdbx_unobs_or_zero_occ_residues.label_asym_id 
_pdbx_unobs_or_zero_occ_residues.label_comp_id 
_pdbx_unobs_or_zero_occ_residues.label_seq_id 
1 1 Y 1 A GLY -3 ? A GLY 1 
2 1 Y 1 A SER -2 ? A SER 2 
3 1 Y 1 A HIS -1 ? A HIS 3 
# 
loop_
_chem_comp_atom.comp_id 
_chem_comp_atom.atom_id 
_chem_comp_atom.type_symbol 
_chem_comp_atom.pdbx_aromatic_flag 
_chem_comp_atom.pdbx_stereo_config 
_chem_comp_atom.pdbx_ordinal 
ALA N    N N N 1   
ALA CA   C N S 2   
ALA C    C N N 3   
ALA O    O N N 4   
ALA CB   C N N 5   
ALA OXT  O N N 6   
ALA H    H N N 7   
ALA H2   H N N 8   
ALA HA   H N N 9   
ALA HB1  H N N 10  
ALA HB2  H N N 11  
ALA HB3  H N N 12  
ALA HXT  H N N 13  
ARG N    N N N 14  
ARG CA   C N S 15  
ARG C    C N N 16  
ARG O    O N N 17  
ARG CB   C N N 18  
ARG CG   C N N 19  
ARG CD   C N N 20  
ARG NE   N N N 21  
ARG CZ   C N N 22  
ARG NH1  N N N 23  
ARG NH2  N N N 24  
ARG OXT  O N N 25  
ARG H    H N N 26  
ARG H2   H N N 27  
ARG HA   H N N 28  
ARG HB2  H N N 29  
ARG HB3  H N N 30  
ARG HG2  H N N 31  
ARG HG3  H N N 32  
ARG HD2  H N N 33  
ARG HD3  H N N 34  
ARG HE   H N N 35  
ARG HH11 H N N 36  
ARG HH12 H N N 37  
ARG HH21 H N N 38  
ARG HH22 H N N 39  
ARG HXT  H N N 40  
ASN N    N N N 41  
ASN CA   C N S 42  
ASN C    C N N 43  
ASN O    O N N 44  
ASN CB   C N N 45  
ASN CG   C N N 46  
ASN OD1  O N N 47  
ASN ND2  N N N 48  
ASN OXT  O N N 49  
ASN H    H N N 50  
ASN H2   H N N 51  
ASN HA   H N N 52  
ASN HB2  H N N 53  
ASN HB3  H N N 54  
ASN HD21 H N N 55  
ASN HD22 H N N 56  
ASN HXT  H N N 57  
ASP N    N N N 58  
ASP CA   C N S 59  
ASP C    C N N 60  
ASP O    O N N 61  
ASP CB   C N N 62  
ASP CG   C N N 63  
ASP OD1  O N N 64  
ASP OD2  O N N 65  
ASP OXT  O N N 66  
ASP H    H N N 67  
ASP H2   H N N 68  
ASP HA   H N N 69  
ASP HB2  H N N 70  
ASP HB3  H N N 71  
ASP HD2  H N N 72  
ASP HXT  H N N 73  
CYS N    N N N 74  
CYS CA   C N R 75  
CYS C    C N N 76  
CYS O    O N N 77  
CYS CB   C N N 78  
CYS SG   S N N 79  
CYS OXT  O N N 80  
CYS H    H N N 81  
CYS H2   H N N 82  
CYS HA   H N N 83  
CYS HB2  H N N 84  
CYS HB3  H N N 85  
CYS HG   H N N 86  
CYS HXT  H N N 87  
GLN N    N N N 88  
GLN CA   C N S 89  
GLN C    C N N 90  
GLN O    O N N 91  
GLN CB   C N N 92  
GLN CG   C N N 93  
GLN CD   C N N 94  
GLN OE1  O N N 95  
GLN NE2  N N N 96  
GLN OXT  O N N 97  
GLN H    H N N 98  
GLN H2   H N N 99  
GLN HA   H N N 100 
GLN HB2  H N N 101 
GLN HB3  H N N 102 
GLN HG2  H N N 103 
GLN HG3  H N N 104 
GLN HE21 H N N 105 
GLN HE22 H N N 106 
GLN HXT  H N N 107 
GLU N    N N N 108 
GLU CA   C N S 109 
GLU C    C N N 110 
GLU O    O N N 111 
GLU CB   C N N 112 
GLU CG   C N N 113 
GLU CD   C N N 114 
GLU OE1  O N N 115 
GLU OE2  O N N 116 
GLU OXT  O N N 117 
GLU H    H N N 118 
GLU H2   H N N 119 
GLU HA   H N N 120 
GLU HB2  H N N 121 
GLU HB3  H N N 122 
GLU HG2  H N N 123 
GLU HG3  H N N 124 
GLU HE2  H N N 125 
GLU HXT  H N N 126 
GLY N    N N N 127 
GLY CA   C N N 128 
GLY C    C N N 129 
GLY O    O N N 130 
GLY OXT  O N N 131 
GLY H    H N N 132 
GLY H2   H N N 133 
GLY HA2  H N N 134 
GLY HA3  H N N 135 
GLY HXT  H N N 136 
HIS N    N N N 137 
HIS CA   C N S 138 
HIS C    C N N 139 
HIS O    O N N 140 
HIS CB   C N N 141 
HIS CG   C Y N 142 
HIS ND1  N Y N 143 
HIS CD2  C Y N 144 
HIS CE1  C Y N 145 
HIS NE2  N Y N 146 
HIS OXT  O N N 147 
HIS H    H N N 148 
HIS H2   H N N 149 
HIS HA   H N N 150 
HIS HB2  H N N 151 
HIS HB3  H N N 152 
HIS HD1  H N N 153 
HIS HD2  H N N 154 
HIS HE1  H N N 155 
HIS HE2  H N N 156 
HIS HXT  H N N 157 
HOH O    O N N 158 
HOH H1   H N N 159 
HOH H2   H N N 160 
ILE N    N N N 161 
ILE CA   C N S 162 
ILE C    C N N 163 
ILE O    O N N 164 
ILE CB   C N S 165 
ILE CG1  C N N 166 
ILE CG2  C N N 167 
ILE CD1  C N N 168 
ILE OXT  O N N 169 
ILE H    H N N 170 
ILE H2   H N N 171 
ILE HA   H N N 172 
ILE HB   H N N 173 
ILE HG12 H N N 174 
ILE HG13 H N N 175 
ILE HG21 H N N 176 
ILE HG22 H N N 177 
ILE HG23 H N N 178 
ILE HD11 H N N 179 
ILE HD12 H N N 180 
ILE HD13 H N N 181 
ILE HXT  H N N 182 
LEU N    N N N 183 
LEU CA   C N S 184 
LEU C    C N N 185 
LEU O    O N N 186 
LEU CB   C N N 187 
LEU CG   C N N 188 
LEU CD1  C N N 189 
LEU CD2  C N N 190 
LEU OXT  O N N 191 
LEU H    H N N 192 
LEU H2   H N N 193 
LEU HA   H N N 194 
LEU HB2  H N N 195 
LEU HB3  H N N 196 
LEU HG   H N N 197 
LEU HD11 H N N 198 
LEU HD12 H N N 199 
LEU HD13 H N N 200 
LEU HD21 H N N 201 
LEU HD22 H N N 202 
LEU HD23 H N N 203 
LEU HXT  H N N 204 
LYS N    N N N 205 
LYS CA   C N S 206 
LYS C    C N N 207 
LYS O    O N N 208 
LYS CB   C N N 209 
LYS CG   C N N 210 
LYS CD   C N N 211 
LYS CE   C N N 212 
LYS NZ   N N N 213 
LYS OXT  O N N 214 
LYS H    H N N 215 
LYS H2   H N N 216 
LYS HA   H N N 217 
LYS HB2  H N N 218 
LYS HB3  H N N 219 
LYS HG2  H N N 220 
LYS HG3  H N N 221 
LYS HD2  H N N 222 
LYS HD3  H N N 223 
LYS HE2  H N N 224 
LYS HE3  H N N 225 
LYS HZ1  H N N 226 
LYS HZ2  H N N 227 
LYS HZ3  H N N 228 
LYS HXT  H N N 229 
MET N    N N N 230 
MET CA   C N S 231 
MET C    C N N 232 
MET O    O N N 233 
MET CB   C N N 234 
MET CG   C N N 235 
MET SD   S N N 236 
MET CE   C N N 237 
MET OXT  O N N 238 
MET H    H N N 239 
MET H2   H N N 240 
MET HA   H N N 241 
MET HB2  H N N 242 
MET HB3  H N N 243 
MET HG2  H N N 244 
MET HG3  H N N 245 
MET HE1  H N N 246 
MET HE2  H N N 247 
MET HE3  H N N 248 
MET HXT  H N N 249 
PHE N    N N N 250 
PHE CA   C N S 251 
PHE C    C N N 252 
PHE O    O N N 253 
PHE CB   C N N 254 
PHE CG   C Y N 255 
PHE CD1  C Y N 256 
PHE CD2  C Y N 257 
PHE CE1  C Y N 258 
PHE CE2  C Y N 259 
PHE CZ   C Y N 260 
PHE OXT  O N N 261 
PHE H    H N N 262 
PHE H2   H N N 263 
PHE HA   H N N 264 
PHE HB2  H N N 265 
PHE HB3  H N N 266 
PHE HD1  H N N 267 
PHE HD2  H N N 268 
PHE HE1  H N N 269 
PHE HE2  H N N 270 
PHE HZ   H N N 271 
PHE HXT  H N N 272 
PRO N    N N N 273 
PRO CA   C N S 274 
PRO C    C N N 275 
PRO O    O N N 276 
PRO CB   C N N 277 
PRO CG   C N N 278 
PRO CD   C N N 279 
PRO OXT  O N N 280 
PRO H    H N N 281 
PRO HA   H N N 282 
PRO HB2  H N N 283 
PRO HB3  H N N 284 
PRO HG2  H N N 285 
PRO HG3  H N N 286 
PRO HD2  H N N 287 
PRO HD3  H N N 288 
PRO HXT  H N N 289 
SER N    N N N 290 
SER CA   C N S 291 
SER C    C N N 292 
SER O    O N N 293 
SER CB   C N N 294 
SER OG   O N N 295 
SER OXT  O N N 296 
SER H    H N N 297 
SER H2   H N N 298 
SER HA   H N N 299 
SER HB2  H N N 300 
SER HB3  H N N 301 
SER HG   H N N 302 
SER HXT  H N N 303 
SO4 S    S N N 304 
SO4 O1   O N N 305 
SO4 O2   O N N 306 
SO4 O3   O N N 307 
SO4 O4   O N N 308 
THR N    N N N 309 
THR CA   C N S 310 
THR C    C N N 311 
THR O    O N N 312 
THR CB   C N R 313 
THR OG1  O N N 314 
THR CG2  C N N 315 
THR OXT  O N N 316 
THR H    H N N 317 
THR H2   H N N 318 
THR HA   H N N 319 
THR HB   H N N 320 
THR HG1  H N N 321 
THR HG21 H N N 322 
THR HG22 H N N 323 
THR HG23 H N N 324 
THR HXT  H N N 325 
TRP N    N N N 326 
TRP CA   C N S 327 
TRP C    C N N 328 
TRP O    O N N 329 
TRP CB   C N N 330 
TRP CG   C Y N 331 
TRP CD1  C Y N 332 
TRP CD2  C Y N 333 
TRP NE1  N Y N 334 
TRP CE2  C Y N 335 
TRP CE3  C Y N 336 
TRP CZ2  C Y N 337 
TRP CZ3  C Y N 338 
TRP CH2  C Y N 339 
TRP OXT  O N N 340 
TRP H    H N N 341 
TRP H2   H N N 342 
TRP HA   H N N 343 
TRP HB2  H N N 344 
TRP HB3  H N N 345 
TRP HD1  H N N 346 
TRP HE1  H N N 347 
TRP HE3  H N N 348 
TRP HZ2  H N N 349 
TRP HZ3  H N N 350 
TRP HH2  H N N 351 
TRP HXT  H N N 352 
TYR N    N N N 353 
TYR CA   C N S 354 
TYR C    C N N 355 
TYR O    O N N 356 
TYR CB   C N N 357 
TYR CG   C Y N 358 
TYR CD1  C Y N 359 
TYR CD2  C Y N 360 
TYR CE1  C Y N 361 
TYR CE2  C Y N 362 
TYR CZ   C Y N 363 
TYR OH   O N N 364 
TYR OXT  O N N 365 
TYR H    H N N 366 
TYR H2   H N N 367 
TYR HA   H N N 368 
TYR HB2  H N N 369 
TYR HB3  H N N 370 
TYR HD1  H N N 371 
TYR HD2  H N N 372 
TYR HE1  H N N 373 
TYR HE2  H N N 374 
TYR HH   H N N 375 
TYR HXT  H N N 376 
VAL N    N N N 377 
VAL CA   C N S 378 
VAL C    C N N 379 
VAL O    O N N 380 
VAL CB   C N N 381 
VAL CG1  C N N 382 
VAL CG2  C N N 383 
VAL OXT  O N N 384 
VAL H    H N N 385 
VAL H2   H N N 386 
VAL HA   H N N 387 
VAL HB   H N N 388 
VAL HG11 H N N 389 
VAL HG12 H N N 390 
VAL HG13 H N N 391 
VAL HG21 H N N 392 
VAL HG22 H N N 393 
VAL HG23 H N N 394 
VAL HXT  H N N 395 
# 
loop_
_chem_comp_bond.comp_id 
_chem_comp_bond.atom_id_1 
_chem_comp_bond.atom_id_2 
_chem_comp_bond.value_order 
_chem_comp_bond.pdbx_aromatic_flag 
_chem_comp_bond.pdbx_stereo_config 
_chem_comp_bond.pdbx_ordinal 
ALA N   CA   sing N N 1   
ALA N   H    sing N N 2   
ALA N   H2   sing N N 3   
ALA CA  C    sing N N 4   
ALA CA  CB   sing N N 5   
ALA CA  HA   sing N N 6   
ALA C   O    doub N N 7   
ALA C   OXT  sing N N 8   
ALA CB  HB1  sing N N 9   
ALA CB  HB2  sing N N 10  
ALA CB  HB3  sing N N 11  
ALA OXT HXT  sing N N 12  
ARG N   CA   sing N N 13  
ARG N   H    sing N N 14  
ARG N   H2   sing N N 15  
ARG CA  C    sing N N 16  
ARG CA  CB   sing N N 17  
ARG CA  HA   sing N N 18  
ARG C   O    doub N N 19  
ARG C   OXT  sing N N 20  
ARG CB  CG   sing N N 21  
ARG CB  HB2  sing N N 22  
ARG CB  HB3  sing N N 23  
ARG CG  CD   sing N N 24  
ARG CG  HG2  sing N N 25  
ARG CG  HG3  sing N N 26  
ARG CD  NE   sing N N 27  
ARG CD  HD2  sing N N 28  
ARG CD  HD3  sing N N 29  
ARG NE  CZ   sing N N 30  
ARG NE  HE   sing N N 31  
ARG CZ  NH1  sing N N 32  
ARG CZ  NH2  doub N N 33  
ARG NH1 HH11 sing N N 34  
ARG NH1 HH12 sing N N 35  
ARG NH2 HH21 sing N N 36  
ARG NH2 HH22 sing N N 37  
ARG OXT HXT  sing N N 38  
ASN N   CA   sing N N 39  
ASN N   H    sing N N 40  
ASN N   H2   sing N N 41  
ASN CA  C    sing N N 42  
ASN CA  CB   sing N N 43  
ASN CA  HA   sing N N 44  
ASN C   O    doub N N 45  
ASN C   OXT  sing N N 46  
ASN CB  CG   sing N N 47  
ASN CB  HB2  sing N N 48  
ASN CB  HB3  sing N N 49  
ASN CG  OD1  doub N N 50  
ASN CG  ND2  sing N N 51  
ASN ND2 HD21 sing N N 52  
ASN ND2 HD22 sing N N 53  
ASN OXT HXT  sing N N 54  
ASP N   CA   sing N N 55  
ASP N   H    sing N N 56  
ASP N   H2   sing N N 57  
ASP CA  C    sing N N 58  
ASP CA  CB   sing N N 59  
ASP CA  HA   sing N N 60  
ASP C   O    doub N N 61  
ASP C   OXT  sing N N 62  
ASP CB  CG   sing N N 63  
ASP CB  HB2  sing N N 64  
ASP CB  HB3  sing N N 65  
ASP CG  OD1  doub N N 66  
ASP CG  OD2  sing N N 67  
ASP OD2 HD2  sing N N 68  
ASP OXT HXT  sing N N 69  
CYS N   CA   sing N N 70  
CYS N   H    sing N N 71  
CYS N   H2   sing N N 72  
CYS CA  C    sing N N 73  
CYS CA  CB   sing N N 74  
CYS CA  HA   sing N N 75  
CYS C   O    doub N N 76  
CYS C   OXT  sing N N 77  
CYS CB  SG   sing N N 78  
CYS CB  HB2  sing N N 79  
CYS CB  HB3  sing N N 80  
CYS SG  HG   sing N N 81  
CYS OXT HXT  sing N N 82  
GLN N   CA   sing N N 83  
GLN N   H    sing N N 84  
GLN N   H2   sing N N 85  
GLN CA  C    sing N N 86  
GLN CA  CB   sing N N 87  
GLN CA  HA   sing N N 88  
GLN C   O    doub N N 89  
GLN C   OXT  sing N N 90  
GLN CB  CG   sing N N 91  
GLN CB  HB2  sing N N 92  
GLN CB  HB3  sing N N 93  
GLN CG  CD   sing N N 94  
GLN CG  HG2  sing N N 95  
GLN CG  HG3  sing N N 96  
GLN CD  OE1  doub N N 97  
GLN CD  NE2  sing N N 98  
GLN NE2 HE21 sing N N 99  
GLN NE2 HE22 sing N N 100 
GLN OXT HXT  sing N N 101 
GLU N   CA   sing N N 102 
GLU N   H    sing N N 103 
GLU N   H2   sing N N 104 
GLU CA  C    sing N N 105 
GLU CA  CB   sing N N 106 
GLU CA  HA   sing N N 107 
GLU C   O    doub N N 108 
GLU C   OXT  sing N N 109 
GLU CB  CG   sing N N 110 
GLU CB  HB2  sing N N 111 
GLU CB  HB3  sing N N 112 
GLU CG  CD   sing N N 113 
GLU CG  HG2  sing N N 114 
GLU CG  HG3  sing N N 115 
GLU CD  OE1  doub N N 116 
GLU CD  OE2  sing N N 117 
GLU OE2 HE2  sing N N 118 
GLU OXT HXT  sing N N 119 
GLY N   CA   sing N N 120 
GLY N   H    sing N N 121 
GLY N   H2   sing N N 122 
GLY CA  C    sing N N 123 
GLY CA  HA2  sing N N 124 
GLY CA  HA3  sing N N 125 
GLY C   O    doub N N 126 
GLY C   OXT  sing N N 127 
GLY OXT HXT  sing N N 128 
HIS N   CA   sing N N 129 
HIS N   H    sing N N 130 
HIS N   H2   sing N N 131 
HIS CA  C    sing N N 132 
HIS CA  CB   sing N N 133 
HIS CA  HA   sing N N 134 
HIS C   O    doub N N 135 
HIS C   OXT  sing N N 136 
HIS CB  CG   sing N N 137 
HIS CB  HB2  sing N N 138 
HIS CB  HB3  sing N N 139 
HIS CG  ND1  sing Y N 140 
HIS CG  CD2  doub Y N 141 
HIS ND1 CE1  doub Y N 142 
HIS ND1 HD1  sing N N 143 
HIS CD2 NE2  sing Y N 144 
HIS CD2 HD2  sing N N 145 
HIS CE1 NE2  sing Y N 146 
HIS CE1 HE1  sing N N 147 
HIS NE2 HE2  sing N N 148 
HIS OXT HXT  sing N N 149 
HOH O   H1   sing N N 150 
HOH O   H2   sing N N 151 
ILE N   CA   sing N N 152 
ILE N   H    sing N N 153 
ILE N   H2   sing N N 154 
ILE CA  C    sing N N 155 
ILE CA  CB   sing N N 156 
ILE CA  HA   sing N N 157 
ILE C   O    doub N N 158 
ILE C   OXT  sing N N 159 
ILE CB  CG1  sing N N 160 
ILE CB  CG2  sing N N 161 
ILE CB  HB   sing N N 162 
ILE CG1 CD1  sing N N 163 
ILE CG1 HG12 sing N N 164 
ILE CG1 HG13 sing N N 165 
ILE CG2 HG21 sing N N 166 
ILE CG2 HG22 sing N N 167 
ILE CG2 HG23 sing N N 168 
ILE CD1 HD11 sing N N 169 
ILE CD1 HD12 sing N N 170 
ILE CD1 HD13 sing N N 171 
ILE OXT HXT  sing N N 172 
LEU N   CA   sing N N 173 
LEU N   H    sing N N 174 
LEU N   H2   sing N N 175 
LEU CA  C    sing N N 176 
LEU CA  CB   sing N N 177 
LEU CA  HA   sing N N 178 
LEU C   O    doub N N 179 
LEU C   OXT  sing N N 180 
LEU CB  CG   sing N N 181 
LEU CB  HB2  sing N N 182 
LEU CB  HB3  sing N N 183 
LEU CG  CD1  sing N N 184 
LEU CG  CD2  sing N N 185 
LEU CG  HG   sing N N 186 
LEU CD1 HD11 sing N N 187 
LEU CD1 HD12 sing N N 188 
LEU CD1 HD13 sing N N 189 
LEU CD2 HD21 sing N N 190 
LEU CD2 HD22 sing N N 191 
LEU CD2 HD23 sing N N 192 
LEU OXT HXT  sing N N 193 
LYS N   CA   sing N N 194 
LYS N   H    sing N N 195 
LYS N   H2   sing N N 196 
LYS CA  C    sing N N 197 
LYS CA  CB   sing N N 198 
LYS CA  HA   sing N N 199 
LYS C   O    doub N N 200 
LYS C   OXT  sing N N 201 
LYS CB  CG   sing N N 202 
LYS CB  HB2  sing N N 203 
LYS CB  HB3  sing N N 204 
LYS CG  CD   sing N N 205 
LYS CG  HG2  sing N N 206 
LYS CG  HG3  sing N N 207 
LYS CD  CE   sing N N 208 
LYS CD  HD2  sing N N 209 
LYS CD  HD3  sing N N 210 
LYS CE  NZ   sing N N 211 
LYS CE  HE2  sing N N 212 
LYS CE  HE3  sing N N 213 
LYS NZ  HZ1  sing N N 214 
LYS NZ  HZ2  sing N N 215 
LYS NZ  HZ3  sing N N 216 
LYS OXT HXT  sing N N 217 
MET N   CA   sing N N 218 
MET N   H    sing N N 219 
MET N   H2   sing N N 220 
MET CA  C    sing N N 221 
MET CA  CB   sing N N 222 
MET CA  HA   sing N N 223 
MET C   O    doub N N 224 
MET C   OXT  sing N N 225 
MET CB  CG   sing N N 226 
MET CB  HB2  sing N N 227 
MET CB  HB3  sing N N 228 
MET CG  SD   sing N N 229 
MET CG  HG2  sing N N 230 
MET CG  HG3  sing N N 231 
MET SD  CE   sing N N 232 
MET CE  HE1  sing N N 233 
MET CE  HE2  sing N N 234 
MET CE  HE3  sing N N 235 
MET OXT HXT  sing N N 236 
PHE N   CA   sing N N 237 
PHE N   H    sing N N 238 
PHE N   H2   sing N N 239 
PHE CA  C    sing N N 240 
PHE CA  CB   sing N N 241 
PHE CA  HA   sing N N 242 
PHE C   O    doub N N 243 
PHE C   OXT  sing N N 244 
PHE CB  CG   sing N N 245 
PHE CB  HB2  sing N N 246 
PHE CB  HB3  sing N N 247 
PHE CG  CD1  doub Y N 248 
PHE CG  CD2  sing Y N 249 
PHE CD1 CE1  sing Y N 250 
PHE CD1 HD1  sing N N 251 
PHE CD2 CE2  doub Y N 252 
PHE CD2 HD2  sing N N 253 
PHE CE1 CZ   doub Y N 254 
PHE CE1 HE1  sing N N 255 
PHE CE2 CZ   sing Y N 256 
PHE CE2 HE2  sing N N 257 
PHE CZ  HZ   sing N N 258 
PHE OXT HXT  sing N N 259 
PRO N   CA   sing N N 260 
PRO N   CD   sing N N 261 
PRO N   H    sing N N 262 
PRO CA  C    sing N N 263 
PRO CA  CB   sing N N 264 
PRO CA  HA   sing N N 265 
PRO C   O    doub N N 266 
PRO C   OXT  sing N N 267 
PRO CB  CG   sing N N 268 
PRO CB  HB2  sing N N 269 
PRO CB  HB3  sing N N 270 
PRO CG  CD   sing N N 271 
PRO CG  HG2  sing N N 272 
PRO CG  HG3  sing N N 273 
PRO CD  HD2  sing N N 274 
PRO CD  HD3  sing N N 275 
PRO OXT HXT  sing N N 276 
SER N   CA   sing N N 277 
SER N   H    sing N N 278 
SER N   H2   sing N N 279 
SER CA  C    sing N N 280 
SER CA  CB   sing N N 281 
SER CA  HA   sing N N 282 
SER C   O    doub N N 283 
SER C   OXT  sing N N 284 
SER CB  OG   sing N N 285 
SER CB  HB2  sing N N 286 
SER CB  HB3  sing N N 287 
SER OG  HG   sing N N 288 
SER OXT HXT  sing N N 289 
SO4 S   O1   doub N N 290 
SO4 S   O2   doub N N 291 
SO4 S   O3   sing N N 292 
SO4 S   O4   sing N N 293 
THR N   CA   sing N N 294 
THR N   H    sing N N 295 
THR N   H2   sing N N 296 
THR CA  C    sing N N 297 
THR CA  CB   sing N N 298 
THR CA  HA   sing N N 299 
THR C   O    doub N N 300 
THR C   OXT  sing N N 301 
THR CB  OG1  sing N N 302 
THR CB  CG2  sing N N 303 
THR CB  HB   sing N N 304 
THR OG1 HG1  sing N N 305 
THR CG2 HG21 sing N N 306 
THR CG2 HG22 sing N N 307 
THR CG2 HG23 sing N N 308 
THR OXT HXT  sing N N 309 
TRP N   CA   sing N N 310 
TRP N   H    sing N N 311 
TRP N   H2   sing N N 312 
TRP CA  C    sing N N 313 
TRP CA  CB   sing N N 314 
TRP CA  HA   sing N N 315 
TRP C   O    doub N N 316 
TRP C   OXT  sing N N 317 
TRP CB  CG   sing N N 318 
TRP CB  HB2  sing N N 319 
TRP CB  HB3  sing N N 320 
TRP CG  CD1  doub Y N 321 
TRP CG  CD2  sing Y N 322 
TRP CD1 NE1  sing Y N 323 
TRP CD1 HD1  sing N N 324 
TRP CD2 CE2  doub Y N 325 
TRP CD2 CE3  sing Y N 326 
TRP NE1 CE2  sing Y N 327 
TRP NE1 HE1  sing N N 328 
TRP CE2 CZ2  sing Y N 329 
TRP CE3 CZ3  doub Y N 330 
TRP CE3 HE3  sing N N 331 
TRP CZ2 CH2  doub Y N 332 
TRP CZ2 HZ2  sing N N 333 
TRP CZ3 CH2  sing Y N 334 
TRP CZ3 HZ3  sing N N 335 
TRP CH2 HH2  sing N N 336 
TRP OXT HXT  sing N N 337 
TYR N   CA   sing N N 338 
TYR N   H    sing N N 339 
TYR N   H2   sing N N 340 
TYR CA  C    sing N N 341 
TYR CA  CB   sing N N 342 
TYR CA  HA   sing N N 343 
TYR C   O    doub N N 344 
TYR C   OXT  sing N N 345 
TYR CB  CG   sing N N 346 
TYR CB  HB2  sing N N 347 
TYR CB  HB3  sing N N 348 
TYR CG  CD1  doub Y N 349 
TYR CG  CD2  sing Y N 350 
TYR CD1 CE1  sing Y N 351 
TYR CD1 HD1  sing N N 352 
TYR CD2 CE2  doub Y N 353 
TYR CD2 HD2  sing N N 354 
TYR CE1 CZ   doub Y N 355 
TYR CE1 HE1  sing N N 356 
TYR CE2 CZ   sing Y N 357 
TYR CE2 HE2  sing N N 358 
TYR CZ  OH   sing N N 359 
TYR OH  HH   sing N N 360 
TYR OXT HXT  sing N N 361 
VAL N   CA   sing N N 362 
VAL N   H    sing N N 363 
VAL N   H2   sing N N 364 
VAL CA  C    sing N N 365 
VAL CA  CB   sing N N 366 
VAL CA  HA   sing N N 367 
VAL C   O    doub N N 368 
VAL C   OXT  sing N N 369 
VAL CB  CG1  sing N N 370 
VAL CB  CG2  sing N N 371 
VAL CB  HB   sing N N 372 
VAL CG1 HG11 sing N N 373 
VAL CG1 HG12 sing N N 374 
VAL CG1 HG13 sing N N 375 
VAL CG2 HG21 sing N N 376 
VAL CG2 HG22 sing N N 377 
VAL CG2 HG23 sing N N 378 
VAL OXT HXT  sing N N 379 
# 
_pdbx_audit_support.funding_organization   'Not funded' 
_pdbx_audit_support.country                ? 
_pdbx_audit_support.grant_number           ? 
_pdbx_audit_support.ordinal                1 
# 
_pdbx_initial_refinement_model.id               1 
_pdbx_initial_refinement_model.entity_id_list   ? 
_pdbx_initial_refinement_model.type             'experimental model' 
_pdbx_initial_refinement_model.source_name      PDB 
_pdbx_initial_refinement_model.accession_code   5ZX8 
_pdbx_initial_refinement_model.details          ? 
# 
_atom_sites.entry_id                    8X5U 
_atom_sites.Cartn_transf_matrix[1][1]   ? 
_atom_sites.Cartn_transf_matrix[1][2]   ? 
_atom_sites.Cartn_transf_matrix[1][3]   ? 
_atom_sites.Cartn_transf_matrix[2][1]   ? 
_atom_sites.Cartn_transf_matrix[2][2]   ? 
_atom_sites.Cartn_transf_matrix[2][3]   ? 
_atom_sites.Cartn_transf_matrix[3][1]   ? 
_atom_sites.Cartn_transf_matrix[3][2]   ? 
_atom_sites.Cartn_transf_matrix[3][3]   ? 
_atom_sites.Cartn_transf_vector[1]      ? 
_atom_sites.Cartn_transf_vector[2]      ? 
_atom_sites.Cartn_transf_vector[3]      ? 
_atom_sites.Cartn_transform_axes        ? 
_atom_sites.fract_transf_matrix[1][1]   -0.00980827 
_atom_sites.fract_transf_matrix[1][2]   0.00787480 
_atom_sites.fract_transf_matrix[1][3]   -0.00635064 
_atom_sites.fract_transf_matrix[2][1]   -0.00028685 
_atom_sites.fract_transf_matrix[2][2]   0.01393253 
_atom_sites.fract_transf_matrix[2][3]   0.00208771 
_atom_sites.fract_transf_matrix[3][1]   0.00492288 
_atom_sites.fract_transf_matrix[3][2]   0.00104624 
_atom_sites.fract_transf_matrix[3][3]   -0.00630581 
_atom_sites.fract_transf_vector[1]      0.278398 
_atom_sites.fract_transf_vector[2]      0.299624 
_atom_sites.fract_transf_vector[3]      -0.073805 
_atom_sites.solution_primary            ? 
_atom_sites.solution_secondary          ? 
_atom_sites.solution_hydrogens          ? 
_atom_sites.special_details             ? 
# 
loop_
_atom_type.symbol 
C 
N 
O 
S 
# 
loop_
_atom_site.group_PDB 
_atom_site.id 
_atom_site.type_symbol 
_atom_site.label_atom_id 
_atom_site.label_alt_id 
_atom_site.label_comp_id 
_atom_site.label_asym_id 
_atom_site.label_entity_id 
_atom_site.label_seq_id 
_atom_site.pdbx_PDB_ins_code 
_atom_site.Cartn_x 
_atom_site.Cartn_y 
_atom_site.Cartn_z 
_atom_site.occupancy 
_atom_site.B_iso_or_equiv 
_atom_site.pdbx_formal_charge 
_atom_site.auth_seq_id 
_atom_site.auth_comp_id 
_atom_site.auth_asym_id 
_atom_site.auth_atom_id 
_atom_site.pdbx_PDB_model_num 
ATOM   1    N N   . MET A 1 4   ? 14.189  -5.527  -13.358 1.00 58.55  ? 0   MET A N   1 
ATOM   2    C CA  . MET A 1 4   ? 13.503  -4.622  -12.410 1.00 48.10  ? 0   MET A CA  1 
ATOM   3    C C   . MET A 1 4   ? 14.071  -4.771  -11.026 1.00 47.32  ? 0   MET A C   1 
ATOM   4    O O   . MET A 1 4   ? 14.163  -5.853  -10.489 1.00 50.00  ? 0   MET A O   1 
ATOM   5    C CB  . MET A 1 4   ? 12.014  -4.868  -12.369 1.00 45.50  ? 0   MET A CB  1 
ATOM   6    C CG  . MET A 1 4   ? 11.300  -4.648  -13.672 1.00 45.82  ? 0   MET A CG  1 
ATOM   7    S SD  . MET A 1 4   ? 11.305  -2.942  -14.215 1.00 50.09  ? 0   MET A SD  1 
ATOM   8    C CE  . MET A 1 4   ? 10.665  -3.145  -15.874 1.00 52.68  ? 0   MET A CE  1 
ATOM   9    N N   . MET A 1 5   ? 14.442  -3.647  -10.439 1.00 41.02  ? 1   MET A N   1 
ATOM   10   C CA  . MET A 1 5   ? 15.155  -3.616  -9.155  1.00 40.47  ? 1   MET A CA  1 
ATOM   11   C C   . MET A 1 5   ? 14.241  -3.845  -7.965  1.00 39.87  ? 1   MET A C   1 
ATOM   12   O O   . MET A 1 5   ? 14.677  -4.364  -6.916  1.00 33.55  ? 1   MET A O   1 
ATOM   13   C CB  . MET A 1 5   ? 15.800  -2.233  -8.980  1.00 48.79  ? 1   MET A CB  1 
ATOM   14   C CG  . MET A 1 5   ? 16.905  -1.876  -9.995  1.00 55.30  ? 1   MET A CG  1 
ATOM   15   S SD  . MET A 1 5   ? 18.399  -2.745  -9.504  1.00 51.45  ? 1   MET A SD  1 
ATOM   16   C CE  . MET A 1 5   ? 19.574  -1.461  -9.580  1.00 67.80  ? 1   MET A CE  1 
ATOM   17   N N   . PHE A 1 6   ? 12.969  -3.434  -8.065  1.00 35.39  ? 2   PHE A N   1 
ATOM   18   C CA  . PHE A 1 6   ? 12.123  -3.444  -6.857  1.00 29.58  ? 2   PHE A CA  1 
ATOM   19   C C   . PHE A 1 6   ? 10.673  -3.333  -7.299  1.00 27.08  ? 2   PHE A C   1 
ATOM   20   O O   . PHE A 1 6   ? 10.375  -3.017  -8.466  1.00 24.35  ? 2   PHE A O   1 
ATOM   21   C CB  . PHE A 1 6   ? 12.508  -2.235  -5.946  1.00 32.29  ? 2   PHE A CB  1 
ATOM   22   C CG  . PHE A 1 6   ? 12.334  -0.894  -6.610  1.00 33.39  ? 2   PHE A CG  1 
ATOM   23   C CD1 . PHE A 1 6   ? 11.053  -0.309  -6.725  1.00 33.06  ? 2   PHE A CD1 1 
ATOM   24   C CD2 . PHE A 1 6   ? 13.421  -0.205  -7.164  1.00 31.30  ? 2   PHE A CD2 1 
ATOM   25   C CE1 . PHE A 1 6   ? 10.884  0.886   -7.386  1.00 28.83  ? 2   PHE A CE1 1 
ATOM   26   C CE2 . PHE A 1 6   ? 13.235  0.993   -7.859  1.00 31.63  ? 2   PHE A CE2 1 
ATOM   27   C CZ  . PHE A 1 6   ? 11.968  1.561   -7.939  1.00 33.67  ? 2   PHE A CZ  1 
ATOM   28   N N   . LEU A 1 7   ? 9.793   -3.473  -6.328  1.00 28.24  ? 3   LEU A N   1 
ATOM   29   C CA  . LEU A 1 7   ? 8.340   -3.309  -6.571  1.00 29.85  ? 3   LEU A CA  1 
ATOM   30   C C   . LEU A 1 7   ? 7.724   -2.641  -5.383  1.00 25.96  ? 3   LEU A C   1 
ATOM   31   O O   . LEU A 1 7   ? 7.761   -3.172  -4.309  1.00 28.14  ? 3   LEU A O   1 
ATOM   32   C CB  . LEU A 1 7   ? 7.642   -4.686  -6.680  1.00 32.15  ? 3   LEU A CB  1 
ATOM   33   C CG  . LEU A 1 7   ? 6.122   -4.709  -6.967  1.00 29.87  ? 3   LEU A CG  1 
ATOM   34   C CD1 . LEU A 1 7   ? 5.781   -3.916  -8.220  1.00 31.16  ? 3   LEU A CD1 1 
ATOM   35   C CD2 . LEU A 1 7   ? 5.736   -6.147  -7.076  1.00 31.36  ? 3   LEU A CD2 1 
ATOM   36   N N   . VAL A 1 8   ? 7.133   -1.492  -5.626  1.00 27.72  ? 4   VAL A N   1 
ATOM   37   C CA  . VAL A 1 8   ? 6.400   -0.767  -4.571  1.00 28.02  ? 4   VAL A CA  1 
ATOM   38   C C   . VAL A 1 8   ? 4.898   -0.926  -4.900  1.00 25.48  ? 4   VAL A C   1 
ATOM   39   O O   . VAL A 1 8   ? 4.440   -0.598  -5.987  1.00 24.98  ? 4   VAL A O   1 
ATOM   40   C CB  . VAL A 1 8   ? 6.823   0.716   -4.487  1.00 26.14  ? 4   VAL A CB  1 
ATOM   41   C CG1 . VAL A 1 8   ? 5.984   1.453   -3.465  1.00 25.72  ? 4   VAL A CG1 1 
ATOM   42   C CG2 . VAL A 1 8   ? 8.343   0.841   -4.134  1.00 25.38  ? 4   VAL A CG2 1 
ATOM   43   N N   . VAL A 1 9   ? 4.176   -1.416  -3.917  1.00 28.79  ? 5   VAL A N   1 
ATOM   44   C CA  . VAL A 1 9   ? 2.737   -1.728  -4.093  1.00 28.56  ? 5   VAL A CA  1 
ATOM   45   C C   . VAL A 1 9   ? 1.971   -0.789  -3.160  1.00 24.76  ? 5   VAL A C   1 
ATOM   46   O O   . VAL A 1 9   ? 2.228   -0.731  -1.959  1.00 26.47  ? 5   VAL A O   1 
ATOM   47   C CB  . VAL A 1 9   ? 2.425   -3.176  -3.677  1.00 28.34  ? 5   VAL A CB  1 
ATOM   48   C CG1 . VAL A 1 9   ? 1.009   -3.562  -4.066  1.00 28.78  ? 5   VAL A CG1 1 
ATOM   49   C CG2 . VAL A 1 9   ? 3.407   -4.133  -4.370  1.00 30.37  ? 5   VAL A CG2 1 
ATOM   50   N N   . GLY A 1 10  ? 0.999   -0.086  -3.749  1.00 25.82  ? 6   GLY A N   1 
ATOM   51   C CA  . GLY A 1 10  ? 0.104   0.736   -2.935  1.00 23.94  ? 6   GLY A CA  1 
ATOM   52   C C   . GLY A 1 10  ? -1.218  -0.068  -2.779  1.00 26.11  ? 6   GLY A C   1 
ATOM   53   O O   . GLY A 1 10  ? -1.859  -0.422  -3.776  1.00 25.38  ? 6   GLY A O   1 
ATOM   54   N N   . GLN A 1 11  ? -1.611  -0.297  -1.553  1.00 24.47  ? 7   GLN A N   1 
ATOM   55   C CA  . GLN A 1 11  ? -2.899  -0.974  -1.271  1.00 28.61  ? 7   GLN A CA  1 
ATOM   56   C C   . GLN A 1 11  ? -4.074  0.012   -1.512  1.00 24.74  ? 7   GLN A C   1 
ATOM   57   O O   . GLN A 1 11  ? -4.026  1.202   -1.089  1.00 24.84  ? 7   GLN A O   1 
ATOM   58   C CB  . GLN A 1 11  ? -2.940  -1.478  0.163   1.00 24.87  ? 7   GLN A CB  1 
ATOM   59   C CG  . GLN A 1 11  ? -2.219  -2.836  0.367   1.00 31.15  ? 7   GLN A CG  1 
ATOM   60   C CD  . GLN A 1 11  ? -2.842  -4.008  -0.335  1.00 29.86  ? 7   GLN A CD  1 
ATOM   61   O OE1 . GLN A 1 11  ? -2.150  -4.879  -0.863  1.00 33.17  ? 7   GLN A OE1 1 
ATOM   62   N NE2 . GLN A 1 11  ? -4.189  -4.084  -0.286  1.00 28.99  ? 7   GLN A NE2 1 
ATOM   63   N N   . GLY A 1 12  ? -5.137  -0.548  -2.078  1.00 26.31  ? 8   GLY A N   1 
ATOM   64   C CA  . GLY A 1 12  ? -6.386  0.178   -2.335  1.00 26.97  ? 8   GLY A CA  1 
ATOM   65   C C   . GLY A 1 12  ? -7.359  -0.655  -3.103  1.00 28.33  ? 8   GLY A C   1 
ATOM   66   O O   . GLY A 1 12  ? -7.128  -1.852  -3.397  1.00 28.47  ? 8   GLY A O   1 
ATOM   67   N N   . ASN A 1 13  ? -8.478  -0.006  -3.430  1.00 26.98  ? 9   ASN A N   1 
ATOM   68   C CA  . ASN A 1 13  ? -9.577  -0.595  -4.191  1.00 26.92  ? 9   ASN A CA  1 
ATOM   69   C C   . ASN A 1 13  ? -9.767  0.233   -5.461  1.00 28.12  ? 9   ASN A C   1 
ATOM   70   O O   . ASN A 1 13  ? -9.490  1.411   -5.460  1.00 30.78  ? 9   ASN A O   1 
ATOM   71   C CB  . ASN A 1 13  ? -10.869 -0.538  -3.367  1.00 28.13  ? 9   ASN A CB  1 
ATOM   72   C CG  . ASN A 1 13  ? -10.979 -1.695  -2.367  1.00 24.55  ? 9   ASN A CG  1 
ATOM   73   O OD1 . ASN A 1 13  ? -10.897 -2.837  -2.739  1.00 27.13  ? 9   ASN A OD1 1 
ATOM   74   N ND2 . ASN A 1 13  ? -11.028 -1.369  -1.080  1.00 25.65  ? 9   ASN A ND2 1 
ATOM   75   N N   . PRO A 1 14  ? -10.169 -0.402  -6.538  1.00 27.49  ? 10  PRO A N   1 
ATOM   76   C CA  . PRO A 1 14  ? -10.379 0.259   -7.791  1.00 29.80  ? 10  PRO A CA  1 
ATOM   77   C C   . PRO A 1 14  ? -11.692 0.986   -7.837  1.00 36.63  ? 10  PRO A C   1 
ATOM   78   O O   . PRO A 1 14  ? -12.662 0.631   -7.107  1.00 30.73  ? 10  PRO A O   1 
ATOM   79   C CB  . PRO A 1 14  ? -10.416 -0.923  -8.794  1.00 34.28  ? 10  PRO A CB  1 
ATOM   80   C CG  . PRO A 1 14  ? -11.031 -2.031  -8.006  1.00 33.36  ? 10  PRO A CG  1 
ATOM   81   C CD  . PRO A 1 14  ? -10.485 -1.850  -6.620  1.00 32.57  ? 10  PRO A CD  1 
ATOM   82   N N   . GLY A 1 15  ? -11.723 2.017   -8.661  1.00 33.67  ? 11  GLY A N   1 
ATOM   83   C CA  . GLY A 1 15  ? -12.945 2.729   -8.883  1.00 40.18  ? 11  GLY A CA  1 
ATOM   84   C C   . GLY A 1 15  ? -13.042 4.032   -8.128  1.00 39.01  ? 11  GLY A C   1 
ATOM   85   O O   . GLY A 1 15  ? -12.592 4.197   -6.995  1.00 30.75  ? 11  GLY A O   1 
ATOM   86   N N   . GLU A 1 16  ? -13.709 4.981   -8.760  1.00 42.57  ? 12  GLU A N   1 
ATOM   87   C CA  . GLU A 1 16  ? -13.909 6.312   -8.163  1.00 41.80  ? 12  GLU A CA  1 
ATOM   88   C C   . GLU A 1 16  ? -14.573 6.276   -6.803  1.00 32.57  ? 12  GLU A C   1 
ATOM   89   O O   . GLU A 1 16  ? -14.296 7.114   -5.938  1.00 38.35  ? 12  GLU A O   1 
ATOM   90   C CB  . GLU A 1 16  ? -14.752 7.171   -9.136  1.00 48.91  ? 12  GLU A CB  1 
ATOM   91   C CG  . GLU A 1 16  ? -15.298 8.464   -8.572  1.00 57.70  ? 12  GLU A CG  1 
ATOM   92   C CD  . GLU A 1 16  ? -16.800 8.403   -8.322  1.00 76.74  ? 12  GLU A CD  1 
ATOM   93   O OE1 . GLU A 1 16  ? -17.541 9.121   -9.045  1.00 91.78  ? 12  GLU A OE1 1 
ATOM   94   O OE2 . GLU A 1 16  ? -17.253 7.638   -7.424  1.00 79.11  ? 12  GLU A OE2 1 
ATOM   95   N N   . ARG A 1 17  ? -15.459 5.332   -6.562  1.00 35.43  ? 13  ARG A N   1 
ATOM   96   C CA  . ARG A 1 17  ? -16.157 5.293   -5.304  1.00 38.30  ? 13  ARG A CA  1 
ATOM   97   C C   . ARG A 1 17  ? -15.281 5.008   -4.099  1.00 38.96  ? 13  ARG A C   1 
ATOM   98   O O   . ARG A 1 17  ? -15.658 5.353   -2.954  1.00 37.03  ? 13  ARG A O   1 
ATOM   99   C CB  . ARG A 1 17  ? -17.270 4.274   -5.350  1.00 47.99  ? 13  ARG A CB  1 
ATOM   100  C CG  . ARG A 1 17  ? -16.860 2.850   -5.097  1.00 52.51  ? 13  ARG A CG  1 
ATOM   101  C CD  . ARG A 1 17  ? -17.997 1.915   -5.413  1.00 61.44  ? 13  ARG A CD  1 
ATOM   102  N NE  . ARG A 1 17  ? -18.335 1.922   -6.835  1.00 62.49  ? 13  ARG A NE  1 
ATOM   103  C CZ  . ARG A 1 17  ? -19.392 1.303   -7.357  1.00 68.75  ? 13  ARG A CZ  1 
ATOM   104  N NH1 . ARG A 1 17  ? -19.615 1.365   -8.659  1.00 68.19  ? 13  ARG A NH1 1 
ATOM   105  N NH2 . ARG A 1 17  ? -20.226 0.619   -6.589  1.00 70.17  ? 13  ARG A NH2 1 
ATOM   106  N N   . TYR A 1 18  ? -14.123 4.367   -4.334  1.00 33.94  ? 14  TYR A N   1 
ATOM   107  C CA  . TYR A 1 18  ? -13.137 4.115   -3.227  1.00 31.28  ? 14  TYR A CA  1 
ATOM   108  C C   . TYR A 1 18  ? -11.997 5.104   -3.126  1.00 29.17  ? 14  TYR A C   1 
ATOM   109  O O   . TYR A 1 18  ? -11.177 5.048   -2.188  1.00 32.94  ? 14  TYR A O   1 
ATOM   110  C CB  . TYR A 1 18  ? -12.578 2.715   -3.412  1.00 32.70  ? 14  TYR A CB  1 
ATOM   111  C CG  . TYR A 1 18  ? -13.610 1.647   -3.267  1.00 34.10  ? 14  TYR A CG  1 
ATOM   112  C CD1 . TYR A 1 18  ? -14.070 1.252   -2.003  1.00 35.98  ? 14  TYR A CD1 1 
ATOM   113  C CD2 . TYR A 1 18  ? -14.106 1.002   -4.372  1.00 37.85  ? 14  TYR A CD2 1 
ATOM   114  C CE1 . TYR A 1 18  ? -15.038 0.232   -1.867  1.00 39.96  ? 14  TYR A CE1 1 
ATOM   115  C CE2 . TYR A 1 18  ? -15.034 -0.020  -4.245  1.00 39.16  ? 14  TYR A CE2 1 
ATOM   116  C CZ  . TYR A 1 18  ? -15.514 -0.373  -2.999  1.00 37.80  ? 14  TYR A CZ  1 
ATOM   117  O OH  . TYR A 1 18  ? -16.436 -1.361  -2.965  1.00 46.05  ? 14  TYR A OH  1 
ATOM   118  N N   . ALA A 1 19  ? -11.927 6.051   -4.072  1.00 33.95  ? 15  ALA A N   1 
ATOM   119  C CA  . ALA A 1 19  ? -10.724 6.879   -4.264  1.00 31.82  ? 15  ALA A CA  1 
ATOM   120  C C   . ALA A 1 19  ? -10.409 7.747   -3.059  1.00 34.25  ? 15  ALA A C   1 
ATOM   121  O O   . ALA A 1 19  ? -9.263  7.997   -2.777  1.00 31.49  ? 15  ALA A O   1 
ATOM   122  C CB  . ALA A 1 19  ? -10.840 7.699   -5.576  1.00 36.11  ? 15  ALA A CB  1 
ATOM   123  N N   . ARG A 1 20  ? -11.422 8.172   -2.278  1.00 31.06  ? 16  ARG A N   1 
ATOM   124  C CA  . ARG A 1 20  ? -11.137 8.988   -1.113  1.00 30.05  ? 16  ARG A CA  1 
ATOM   125  C C   . ARG A 1 20  ? -11.107 8.227   0.225   1.00 26.13  ? 16  ARG A C   1 
ATOM   126  O O   . ARG A 1 20  ? -10.851 8.842   1.280   1.00 28.73  ? 16  ARG A O   1 
ATOM   127  C CB  . ARG A 1 20  ? -12.185 10.125  -0.958  1.00 37.37  ? 16  ARG A CB  1 
ATOM   128  C CG  . ARG A 1 20  ? -12.308 11.001  -2.182  1.00 39.28  ? 16  ARG A CG  1 
ATOM   129  C CD  . ARG A 1 20  ? -13.377 12.070  -1.962  1.00 46.51  ? 16  ARG A CD  1 
ATOM   130  N NE  . ARG A 1 20  ? -13.582 12.813  -3.210  1.00 56.03  ? 16  ARG A NE  1 
ATOM   131  C CZ  . ARG A 1 20  ? -14.228 13.982  -3.313  1.00 70.05  ? 16  ARG A CZ  1 
ATOM   132  N NH1 . ARG A 1 20  ? -14.764 14.584  -2.241  1.00 67.44  ? 16  ARG A NH1 1 
ATOM   133  N NH2 . ARG A 1 20  ? -14.354 14.555  -4.509  1.00 64.75  ? 16  ARG A NH2 1 
ATOM   134  N N   . THR A 1 21  ? -11.376 6.960   0.179   1.00 27.62  ? 17  THR A N   1 
ATOM   135  C CA  . THR A 1 21  ? -11.513 6.155   1.445   1.00 27.27  ? 17  THR A CA  1 
ATOM   136  C C   . THR A 1 21  ? -10.183 5.887   2.140   1.00 30.67  ? 17  THR A C   1 
ATOM   137  O O   . THR A 1 21  ? -9.131  5.878   1.484   1.00 31.80  ? 17  THR A O   1 
ATOM   138  C CB  . THR A 1 21  ? -12.212 4.839   1.144   1.00 30.61  ? 17  THR A CB  1 
ATOM   139  O OG1 . THR A 1 21  ? -11.479 4.031   0.173   1.00 28.12  ? 17  THR A OG1 1 
ATOM   140  C CG2 . THR A 1 21  ? -13.641 5.146   0.637   1.00 30.62  ? 17  THR A CG2 1 
ATOM   141  N N   . ARG A 1 22  ? -10.223 5.635   3.440   1.00 26.55  ? 18  ARG A N   1 
ATOM   142  C CA  . ARG A 1 22  ? -9.024  5.451   4.201   1.00 30.22  ? 18  ARG A CA  1 
ATOM   143  C C   . ARG A 1 22  ? -8.244  4.255   3.676   1.00 26.85  ? 18  ARG A C   1 
ATOM   144  O O   . ARG A 1 22  ? -7.001  4.263   3.675   1.00 28.51  ? 18  ARG A O   1 
ATOM   145  C CB  . ARG A 1 22  ? -9.319  5.252   5.670   1.00 28.83  ? 18  ARG A CB  1 
ATOM   146  C CG  . ARG A 1 22  ? -10.067 6.351   6.309   1.00 30.36  ? 18  ARG A CG  1 
ATOM   147  C CD  . ARG A 1 22  ? -10.085 6.170   7.785   1.00 29.14  ? 18  ARG A CD  1 
ATOM   148  N NE  . ARG A 1 22  ? -10.561 7.278   8.555   1.00 30.77  ? 18  ARG A NE  1 
ATOM   149  C CZ  . ARG A 1 22  ? -11.872 7.520   8.849   1.00 32.25  ? 18  ARG A CZ  1 
ATOM   150  N NH1 . ARG A 1 22  ? -12.853 6.759   8.417   1.00 32.55  ? 18  ARG A NH1 1 
ATOM   151  N NH2 . ARG A 1 22  ? -12.169 8.524   9.626   1.00 33.41  ? 18  ARG A NH2 1 
ATOM   152  N N   . HIS A 1 23  ? -8.962  3.223   3.221   1.00 25.32  ? 19  HIS A N   1 
ATOM   153  C CA  . HIS A 1 23  ? -8.338  2.024   2.728   1.00 27.61  ? 19  HIS A CA  1 
ATOM   154  C C   . HIS A 1 23  ? -7.560  2.257   1.394   1.00 31.03  ? 19  HIS A C   1 
ATOM   155  O O   . HIS A 1 23  ? -6.985  1.302   0.888   1.00 26.95  ? 19  HIS A O   1 
ATOM   156  C CB  . HIS A 1 23  ? -9.377  0.933   2.481   1.00 27.04  ? 19  HIS A CB  1 
ATOM   157  C CG  . HIS A 1 23  ? -9.098  -0.409  3.095   1.00 25.79  ? 19  HIS A CG  1 
ATOM   158  N ND1 . HIS A 1 23  ? -8.340  -0.614  4.234   1.00 26.72  ? 19  HIS A ND1 1 
ATOM   159  C CD2 . HIS A 1 23  ? -9.584  -1.625  2.755   1.00 25.57  ? 19  HIS A CD2 1 
ATOM   160  C CE1 . HIS A 1 23  ? -8.379  -1.895  4.565   1.00 25.71  ? 19  HIS A CE1 1 
ATOM   161  N NE2 . HIS A 1 23  ? -9.071  -2.530  3.648   1.00 27.43  ? 19  HIS A NE2 1 
ATOM   162  N N   . ASN A 1 24  ? -7.662  3.460   0.784   1.00 25.80  ? 20  ASN A N   1 
ATOM   163  C CA  . ASN A 1 24  ? -6.952  3.813   -0.407  1.00 25.94  ? 20  ASN A CA  1 
ATOM   164  C C   . ASN A 1 24  ? -5.746  4.705   -0.135  1.00 23.57  ? 20  ASN A C   1 
ATOM   165  O O   . ASN A 1 24  ? -5.178  5.216   -1.078  1.00 26.98  ? 20  ASN A O   1 
ATOM   166  C CB  . ASN A 1 24  ? -7.881  4.477   -1.466  1.00 23.00  ? 20  ASN A CB  1 
ATOM   167  C CG  . ASN A 1 24  ? -8.390  3.520   -2.434  1.00 25.92  ? 20  ASN A CG  1 
ATOM   168  O OD1 . ASN A 1 24  ? -8.847  2.425   -2.048  1.00 28.45  ? 20  ASN A OD1 1 
ATOM   169  N ND2 . ASN A 1 24  ? -8.353  3.883   -3.688  1.00 27.11  ? 20  ASN A ND2 1 
ATOM   170  N N   . LEU A 1 25  ? -5.314  4.821   1.107   1.00 23.95  ? 21  LEU A N   1 
ATOM   171  C CA  . LEU A 1 25  ? -4.179  5.650   1.444   1.00 24.86  ? 21  LEU A CA  1 
ATOM   172  C C   . LEU A 1 25  ? -2.895  5.230   0.717   1.00 26.19  ? 21  LEU A C   1 
ATOM   173  O O   . LEU A 1 25  ? -2.090  6.094   0.305   1.00 22.92  ? 21  LEU A O   1 
ATOM   174  C CB  . LEU A 1 25  ? -3.952  5.638   2.944   1.00 28.87  ? 21  LEU A CB  1 
ATOM   175  C CG  . LEU A 1 25  ? -3.090  6.625   3.657   1.00 25.43  ? 21  LEU A CG  1 
ATOM   176  C CD1 . LEU A 1 25  ? -3.650  8.038   3.410   1.00 29.74  ? 21  LEU A CD1 1 
ATOM   177  C CD2 . LEU A 1 25  ? -3.047  6.255   5.119   1.00 27.61  ? 21  LEU A CD2 1 
ATOM   178  N N   . GLY A 1 26  ? -2.705  3.921   0.547   1.00 24.86  ? 22  GLY A N   1 
ATOM   179  C CA  . GLY A 1 26  ? -1.558  3.403   -0.250  1.00 26.77  ? 22  GLY A CA  1 
ATOM   180  C C   . GLY A 1 26  ? -1.568  3.830   -1.699  1.00 25.01  ? 22  GLY A C   1 
ATOM   181  O O   . GLY A 1 26  ? -0.545  4.253   -2.219  1.00 24.48  ? 22  GLY A O   1 
ATOM   182  N N   . PHE A 1 27  ? -2.744  3.877   -2.324  1.00 22.11  ? 23  PHE A N   1 
ATOM   183  C CA  . PHE A 1 27  ? -2.884  4.476   -3.684  1.00 24.05  ? 23  PHE A CA  1 
ATOM   184  C C   . PHE A 1 27  ? -2.537  5.975   -3.649  1.00 24.46  ? 23  PHE A C   1 
ATOM   185  O O   . PHE A 1 27  ? -1.860  6.501   -4.567  1.00 22.96  ? 23  PHE A O   1 
ATOM   186  C CB  . PHE A 1 27  ? -4.319  4.411   -4.194  1.00 27.42  ? 23  PHE A CB  1 
ATOM   187  C CG  . PHE A 1 27  ? -4.729  3.122   -4.857  1.00 27.35  ? 23  PHE A CG  1 
ATOM   188  C CD1 . PHE A 1 27  ? -4.116  1.907   -4.573  1.00 27.09  ? 23  PHE A CD1 1 
ATOM   189  C CD2 . PHE A 1 27  ? -5.826  3.142   -5.772  1.00 27.69  ? 23  PHE A CD2 1 
ATOM   190  C CE1 . PHE A 1 27  ? -4.571  0.762   -5.191  1.00 25.79  ? 23  PHE A CE1 1 
ATOM   191  C CE2 . PHE A 1 27  ? -6.268  1.993   -6.378  1.00 28.54  ? 23  PHE A CE2 1 
ATOM   192  C CZ  . PHE A 1 27  ? -5.625  0.797   -6.084  1.00 25.53  ? 23  PHE A CZ  1 
ATOM   193  N N   . MET A 1 28  ? -3.027  6.659   -2.636  1.00 24.18  ? 24  MET A N   1 
ATOM   194  C CA  . MET A 1 28  ? -2.779  8.132   -2.458  1.00 23.81  ? 24  MET A CA  1 
ATOM   195  C C   . MET A 1 28  ? -1.265  8.470   -2.374  1.00 26.00  ? 24  MET A C   1 
ATOM   196  O O   . MET A 1 28  ? -0.785  9.445   -3.000  1.00 26.69  ? 24  MET A O   1 
ATOM   197  C CB  . MET A 1 28  ? -3.485  8.614   -1.225  1.00 23.84  ? 24  MET A CB  1 
ATOM   198  C CG  . MET A 1 28  ? -5.047  8.627   -1.393  1.00 23.76  ? 24  MET A CG  1 
ATOM   199  S SD  . MET A 1 28  ? -5.705  9.234   0.176   1.00 28.36  ? 24  MET A SD  1 
ATOM   200  C CE  . MET A 1 28  ? -7.352  8.484   0.177   1.00 30.43  ? 24  MET A CE  1 
ATOM   201  N N   . VAL A 1 29  ? -0.528  7.652   -1.625  1.00 26.78  ? 25  VAL A N   1 
ATOM   202  C CA  . VAL A 1 29  ? 0.950   7.762   -1.577  1.00 27.92  ? 25  VAL A CA  1 
ATOM   203  C C   . VAL A 1 29  ? 1.576   7.553   -2.948  1.00 28.07  ? 25  VAL A C   1 
ATOM   204  O O   . VAL A 1 29  ? 2.331   8.416   -3.449  1.00 28.79  ? 25  VAL A O   1 
ATOM   205  C CB  . VAL A 1 29  ? 1.555   6.807   -0.581  1.00 27.20  ? 25  VAL A CB  1 
ATOM   206  C CG1 . VAL A 1 29  ? 3.087   6.932   -0.578  1.00 29.70  ? 25  VAL A CG1 1 
ATOM   207  C CG2 . VAL A 1 29  ? 1.071   7.195   0.782   1.00 27.21  ? 25  VAL A CG2 1 
ATOM   208  N N   . LEU A 1 30  ? 1.178   6.480   -3.627  1.00 26.83  ? 26  LEU A N   1 
ATOM   209  C CA  . LEU A 1 30  ? 1.695   6.213   -4.967  1.00 28.10  ? 26  LEU A CA  1 
ATOM   210  C C   . LEU A 1 30  ? 1.418   7.346   -5.936  1.00 33.56  ? 26  LEU A C   1 
ATOM   211  O O   . LEU A 1 30  ? 2.277   7.686   -6.796  1.00 29.10  ? 26  LEU A O   1 
ATOM   212  C CB  . LEU A 1 30  ? 1.211   4.862   -5.535  1.00 29.41  ? 26  LEU A CB  1 
ATOM   213  C CG  . LEU A 1 30  ? 2.301   3.778   -5.223  1.00 25.67  ? 26  LEU A CG  1 
ATOM   214  C CD1 . LEU A 1 30  ? 2.467   3.565   -3.772  1.00 26.83  ? 26  LEU A CD1 1 
ATOM   215  C CD2 . LEU A 1 30  ? 2.003   2.514   -5.910  1.00 29.79  ? 26  LEU A CD2 1 
ATOM   216  N N   . ASP A 1 31  ? 0.246   7.970   -5.775  1.00 30.72  ? 27  ASP A N   1 
ATOM   217  C CA  . ASP A 1 31  ? -0.149  9.043   -6.644  1.00 35.24  ? 27  ASP A CA  1 
ATOM   218  C C   . ASP A 1 31  ? 0.605   10.343  -6.404  1.00 36.17  ? 27  ASP A C   1 
ATOM   219  O O   . ASP A 1 31  ? 0.502   11.224  -7.231  1.00 47.38  ? 27  ASP A O   1 
ATOM   220  C CB  . ASP A 1 31  ? -1.646  9.283   -6.566  1.00 34.73  ? 27  ASP A CB  1 
ATOM   221  C CG  . ASP A 1 31  ? -2.440  8.208   -7.191  1.00 37.07  ? 27  ASP A CG  1 
ATOM   222  O OD1 . ASP A 1 31  ? -1.967  7.474   -8.079  1.00 38.99  ? 27  ASP A OD1 1 
ATOM   223  O OD2 . ASP A 1 31  ? -3.600  8.085   -6.813  1.00 43.22  ? 27  ASP A OD2 1 
ATOM   224  N N   . ARG A 1 32  ? 1.322   10.464  -5.290  1.00 35.16  ? 28  ARG A N   1 
ATOM   225  C CA  . ARG A 1 32  ? 2.173   11.612  -4.975  1.00 38.29  ? 28  ARG A CA  1 
ATOM   226  C C   . ARG A 1 32  ? 3.581   11.470  -5.550  1.00 37.47  ? 28  ARG A C   1 
ATOM   227  O O   . ARG A 1 32  ? 4.405   12.314  -5.298  1.00 36.90  ? 28  ARG A O   1 
ATOM   228  C CB  . ARG A 1 32  ? 2.402   11.737  -3.448  1.00 37.55  ? 28  ARG A CB  1 
ATOM   229  C CG  . ARG A 1 32  ? 1.266   12.176  -2.580  1.00 40.69  ? 28  ARG A CG  1 
ATOM   230  C CD  . ARG A 1 32  ? 0.621   13.344  -3.269  1.00 42.87  ? 28  ARG A CD  1 
ATOM   231  N NE  . ARG A 1 32  ? -0.498  13.852  -2.511  1.00 45.58  ? 28  ARG A NE  1 
ATOM   232  C CZ  . ARG A 1 32  ? -0.458  14.746  -1.526  1.00 40.55  ? 28  ARG A CZ  1 
ATOM   233  N NH1 . ARG A 1 32  ? 0.677   15.265  -1.035  1.00 38.71  ? 28  ARG A NH1 1 
ATOM   234  N NH2 . ARG A 1 32  ? -1.619  15.138  -1.043  1.00 42.53  ? 28  ARG A NH2 1 
ATOM   235  N N   . LEU A 1 33  ? 3.892   10.412  -6.301  1.00 37.09  ? 29  LEU A N   1 
ATOM   236  C CA  . LEU A 1 33  ? 5.306   10.109  -6.588  1.00 37.72  ? 29  LEU A CA  1 
ATOM   237  C C   . LEU A 1 33  ? 5.799   10.717  -7.897  1.00 37.02  ? 29  LEU A C   1 
ATOM   238  O O   . LEU A 1 33  ? 6.955   10.579  -8.231  1.00 43.26  ? 29  LEU A O   1 
ATOM   239  C CB  . LEU A 1 33  ? 5.545   8.591   -6.567  1.00 36.28  ? 29  LEU A CB  1 
ATOM   240  C CG  . LEU A 1 33  ? 5.279   7.790   -5.282  1.00 36.91  ? 29  LEU A CG  1 
ATOM   241  C CD1 . LEU A 1 33  ? 5.696   6.334   -5.411  1.00 38.63  ? 29  LEU A CD1 1 
ATOM   242  C CD2 . LEU A 1 33  ? 5.915   8.416   -4.069  1.00 39.36  ? 29  LEU A CD2 1 
ATOM   243  N N   . GLY A 1 34  ? 4.909   11.326  -8.649  1.00 38.27  ? 30  GLY A N   1 
ATOM   244  C CA  . GLY A 1 34  ? 5.236   11.870  -9.928  1.00 44.92  ? 30  GLY A CA  1 
ATOM   245  C C   . GLY A 1 34  ? 5.223   10.919  -11.104 1.00 49.65  ? 30  GLY A C   1 
ATOM   246  O O   . GLY A 1 34  ? 5.711   11.293  -12.141 1.00 45.59  ? 30  GLY A O   1 
ATOM   247  N N   . LEU A 1 35  ? 4.583   9.750   -11.006 1.00 38.39  ? 31  LEU A N   1 
ATOM   248  C CA  . LEU A 1 35  ? 4.829   8.663   -11.968 1.00 38.69  ? 31  LEU A CA  1 
ATOM   249  C C   . LEU A 1 35  ? 3.762   8.625   -13.046 1.00 35.33  ? 31  LEU A C   1 
ATOM   250  O O   . LEU A 1 35  ? 2.700   9.212   -12.911 1.00 37.09  ? 31  LEU A O   1 
ATOM   251  C CB  . LEU A 1 35  ? 4.877   7.310   -11.216 1.00 35.35  ? 31  LEU A CB  1 
ATOM   252  C CG  . LEU A 1 35  ? 5.877   7.175   -10.074 1.00 37.66  ? 31  LEU A CG  1 
ATOM   253  C CD1 . LEU A 1 35  ? 5.444   6.065   -9.137  1.00 39.01  ? 31  LEU A CD1 1 
ATOM   254  C CD2 . LEU A 1 35  ? 7.305   6.925   -10.533 1.00 41.77  ? 31  LEU A CD2 1 
ATOM   255  N N   . SER A 1 36  ? 4.032   7.880   -14.107 1.00 35.62  ? 32  SER A N   1 
ATOM   256  C CA  . SER A 1 36  ? 3.086   7.631   -15.185 1.00 39.46  ? 32  SER A CA  1 
ATOM   257  C C   . SER A 1 36  ? 2.612   6.196   -15.197 1.00 37.49  ? 32  SER A C   1 
ATOM   258  O O   . SER A 1 36  ? 3.288   5.314   -15.694 1.00 35.92  ? 32  SER A O   1 
ATOM   259  C CB  . SER A 1 36  ? 3.701   7.935   -16.531 1.00 44.07  ? 32  SER A CB  1 
ATOM   260  O OG  . SER A 1 36  ? 3.982   9.309   -16.566 1.00 53.45  ? 32  SER A OG  1 
ATOM   261  N N   . PHE A 1 37  ? 1.397   6.012   -14.693 1.00 38.61  ? 33  PHE A N   1 
ATOM   262  C CA  . PHE A 1 37  ? 0.796   4.694   -14.522 1.00 36.05  ? 33  PHE A CA  1 
ATOM   263  C C   . PHE A 1 37  ? 0.095   4.276   -15.806 1.00 39.61  ? 33  PHE A C   1 
ATOM   264  O O   . PHE A 1 37  ? -0.556  5.071   -16.422 1.00 41.78  ? 33  PHE A O   1 
ATOM   265  C CB  . PHE A 1 37  ? -0.195  4.813   -13.361 1.00 32.04  ? 33  PHE A CB  1 
ATOM   266  C CG  . PHE A 1 37  ? 0.452   4.740   -12.037 1.00 30.81  ? 33  PHE A CG  1 
ATOM   267  C CD1 . PHE A 1 37  ? 0.886   3.518   -11.555 1.00 27.48  ? 33  PHE A CD1 1 
ATOM   268  C CD2 . PHE A 1 37  ? 0.668   5.880   -11.275 1.00 31.41  ? 33  PHE A CD2 1 
ATOM   269  C CE1 . PHE A 1 37  ? 1.468   3.398   -10.323 1.00 27.81  ? 33  PHE A CE1 1 
ATOM   270  C CE2 . PHE A 1 37  ? 1.291   5.761   -10.035 1.00 30.57  ? 33  PHE A CE2 1 
ATOM   271  C CZ  . PHE A 1 37  ? 1.686   4.535   -9.560  1.00 30.15  ? 33  PHE A CZ  1 
ATOM   272  N N   . ARG A 1 38  ? 0.270   3.039   -16.233 1.00 41.41  ? 34  ARG A N   1 
ATOM   273  C CA  . ARG A 1 38  ? -0.427  2.508   -17.380 1.00 44.80  ? 34  ARG A CA  1 
ATOM   274  C C   . ARG A 1 38  ? -1.163  1.220   -16.977 1.00 48.01  ? 34  ARG A C   1 
ATOM   275  O O   . ARG A 1 38  ? -0.660  0.443   -16.138 1.00 43.40  ? 34  ARG A O   1 
ATOM   276  C CB  . ARG A 1 38  ? 0.544   2.157   -18.508 1.00 47.75  ? 34  ARG A CB  1 
ATOM   277  C CG  . ARG A 1 38  ? 1.447   3.301   -18.928 1.00 56.91  ? 34  ARG A CG  1 
ATOM   278  C CD  . ARG A 1 38  ? 0.661   4.387   -19.660 1.00 61.80  ? 34  ARG A CD  1 
ATOM   279  N NE  . ARG A 1 38  ? 1.188   5.766   -19.594 1.00 75.14  ? 34  ARG A NE  1 
ATOM   280  C CZ  . ARG A 1 38  ? 2.475   6.169   -19.603 1.00 83.82  ? 34  ARG A CZ  1 
ATOM   281  N NH1 . ARG A 1 38  ? 3.527   5.341   -19.673 1.00 77.95  ? 34  ARG A NH1 1 
ATOM   282  N NH2 . ARG A 1 38  ? 2.722   7.477   -19.559 1.00 92.68  ? 34  ARG A NH2 1 
ATOM   283  N N   . PRO A 1 39  ? -2.317  0.966   -17.606 1.00 48.59  ? 35  PRO A N   1 
ATOM   284  C CA  . PRO A 1 39  ? -3.071  -0.252  -17.335 1.00 45.64  ? 35  PRO A CA  1 
ATOM   285  C C   . PRO A 1 39  ? -2.361  -1.458  -17.841 1.00 44.36  ? 35  PRO A C   1 
ATOM   286  O O   . PRO A 1 39  ? -1.921  -1.476  -18.966 1.00 52.53  ? 35  PRO A O   1 
ATOM   287  C CB  . PRO A 1 39  ? -4.377  -0.057  -18.117 1.00 54.70  ? 35  PRO A CB  1 
ATOM   288  C CG  . PRO A 1 39  ? -4.471  1.390   -18.400 1.00 57.06  ? 35  PRO A CG  1 
ATOM   289  C CD  . PRO A 1 39  ? -3.060  1.898   -18.474 1.00 52.94  ? 35  PRO A CD  1 
ATOM   290  N N   . ARG A 1 40  ? -2.209  -2.460  -16.994 1.00 50.00  ? 36  ARG A N   1 
ATOM   291  C CA  . ARG A 1 40  ? -1.635  -3.734  -17.379 1.00 50.76  ? 36  ARG A CA  1 
ATOM   292  C C   . ARG A 1 40  ? -2.437  -4.863  -16.698 1.00 50.45  ? 36  ARG A C   1 
ATOM   293  O O   . ARG A 1 40  ? -2.064  -5.326  -15.618 1.00 48.00  ? 36  ARG A O   1 
ATOM   294  C CB  . ARG A 1 40  ? -0.160  -3.798  -16.967 1.00 56.00  ? 36  ARG A CB  1 
ATOM   295  C CG  . ARG A 1 40  ? 0.732   -2.702  -17.544 1.00 64.08  ? 36  ARG A CG  1 
ATOM   296  C CD  . ARG A 1 40  ? 1.122   -3.000  -18.984 1.00 68.79  ? 36  ARG A CD  1 
ATOM   297  N NE  . ARG A 1 40  ? 2.134   -2.069  -19.481 1.00 69.82  ? 36  ARG A NE  1 
ATOM   298  C CZ  . ARG A 1 40  ? 1.900   -1.001  -20.239 1.00 67.89  ? 36  ARG A CZ  1 
ATOM   299  N NH1 . ARG A 1 40  ? 2.919   -0.239  -20.614 1.00 76.36  ? 36  ARG A NH1 1 
ATOM   300  N NH2 . ARG A 1 40  ? 0.667   -0.666  -20.622 1.00 73.37  ? 36  ARG A NH2 1 
ATOM   301  N N   . GLY A 1 41  ? -3.544  -5.277  -17.323 1.00 54.87  ? 37  GLY A N   1 
ATOM   302  C CA  . GLY A 1 41  ? -4.454  -6.292  -16.731 1.00 52.12  ? 37  GLY A CA  1 
ATOM   303  C C   . GLY A 1 41  ? -5.158  -5.634  -15.558 1.00 47.74  ? 37  GLY A C   1 
ATOM   304  O O   . GLY A 1 41  ? -5.557  -4.482  -15.679 1.00 53.38  ? 37  GLY A O   1 
ATOM   305  N N   . GLU A 1 42  ? -5.293  -6.328  -14.422 1.00 47.14  ? 38  GLU A N   1 
ATOM   306  C CA  . GLU A 1 42  ? -5.978  -5.787  -13.229 1.00 42.67  ? 38  GLU A CA  1 
ATOM   307  C C   . GLU A 1 42  ? -4.978  -4.988  -12.343 1.00 42.24  ? 38  GLU A C   1 
ATOM   308  O O   . GLU A 1 42  ? -4.813  -5.246  -11.135 1.00 37.22  ? 38  GLU A O   1 
ATOM   309  C CB  . GLU A 1 42  ? -6.662  -6.921  -12.444 1.00 47.50  ? 38  GLU A CB  1 
ATOM   310  C CG  . GLU A 1 42  ? -7.939  -7.401  -13.135 1.00 52.74  ? 38  GLU A CG  1 
ATOM   311  C CD  . GLU A 1 42  ? -8.730  -8.406  -12.323 1.00 54.41  ? 38  GLU A CD  1 
ATOM   312  O OE1 . GLU A 1 42  ? -9.521  -9.114  -12.975 1.00 60.31  ? 38  GLU A OE1 1 
ATOM   313  O OE2 . GLU A 1 42  ? -8.565  -8.515  -11.076 1.00 38.67  ? 38  GLU A OE2 1 
ATOM   314  N N   . ALA A 1 43  ? -4.335  -3.993  -12.957 1.00 39.24  ? 39  ALA A N   1 
ATOM   315  C CA  . ALA A 1 43  ? -3.245  -3.216  -12.334 1.00 36.81  ? 39  ALA A CA  1 
ATOM   316  C C   . ALA A 1 43  ? -2.983  -1.905  -13.110 1.00 33.41  ? 39  ALA A C   1 
ATOM   317  O O   . ALA A 1 43  ? -3.160  -1.848  -14.340 1.00 33.21  ? 39  ALA A O   1 
ATOM   318  C CB  . ALA A 1 43  ? -2.005  -4.066  -12.266 1.00 39.08  ? 39  ALA A CB  1 
ATOM   319  N N   . LEU A 1 44  ? -2.661  -0.840  -12.366 1.00 31.24  ? 40  LEU A N   1 
ATOM   320  C CA  . LEU A 1 44  ? -1.982  0.313   -12.909 1.00 32.85  ? 40  LEU A CA  1 
ATOM   321  C C   . LEU A 1 44  ? -0.510  0.202   -12.524 1.00 33.99  ? 40  LEU A C   1 
ATOM   322  O O   . LEU A 1 44  ? -0.194  0.015   -11.352 1.00 31.95  ? 40  LEU A O   1 
ATOM   323  C CB  . LEU A 1 44  ? -2.564  1.600   -12.403 1.00 33.18  ? 40  LEU A CB  1 
ATOM   324  C CG  . LEU A 1 44  ? -3.916  1.896   -13.032 1.00 34.99  ? 40  LEU A CG  1 
ATOM   325  C CD1 . LEU A 1 44  ? -4.584  3.013   -12.271 1.00 36.02  ? 40  LEU A CD1 1 
ATOM   326  C CD2 . LEU A 1 44  ? -3.777  2.205   -14.510 1.00 37.71  ? 40  LEU A CD2 1 
ATOM   327  N N   . VAL A 1 45  ? 0.386   0.313   -13.520 1.00 31.85  ? 41  VAL A N   1 
ATOM   328  C CA  . VAL A 1 45  ? 1.797   0.060   -13.274 1.00 31.85  ? 41  VAL A CA  1 
ATOM   329  C C   . VAL A 1 45  ? 2.585   1.255   -13.836 1.00 30.53  ? 41  VAL A C   1 
ATOM   330  O O   . VAL A 1 45  ? 2.249   1.753   -14.908 1.00 30.38  ? 41  VAL A O   1 
ATOM   331  C CB  . VAL A 1 45  ? 2.275   -1.232  -13.949 1.00 34.49  ? 41  VAL A CB  1 
ATOM   332  C CG1 . VAL A 1 45  ? 3.741   -1.510  -13.643 1.00 38.54  ? 41  VAL A CG1 1 
ATOM   333  C CG2 . VAL A 1 45  ? 1.462   -2.426  -13.440 1.00 39.73  ? 41  VAL A CG2 1 
ATOM   334  N N   . ALA A 1 46  ? 3.623   1.631   -13.103 1.00 30.25  ? 42  ALA A N   1 
ATOM   335  C CA  . ALA A 1 46  ? 4.571   2.680   -13.479 1.00 34.24  ? 42  ALA A CA  1 
ATOM   336  C C   . ALA A 1 46  ? 5.975   2.099   -13.326 1.00 31.90  ? 42  ALA A C   1 
ATOM   337  O O   . ALA A 1 46  ? 6.244   1.301   -12.417 1.00 30.56  ? 42  ALA A O   1 
ATOM   338  C CB  . ALA A 1 46  ? 4.422   3.911   -12.571 1.00 31.22  ? 42  ALA A CB  1 
ATOM   339  N N   . GLU A 1 47  ? 6.858   2.555   -14.196 1.00 33.91  ? 43  GLU A N   1 
ATOM   340  C CA  . GLU A 1 47  ? 8.289   2.200   -14.139 1.00 36.98  ? 43  GLU A CA  1 
ATOM   341  C C   . GLU A 1 47  ? 9.112   3.467   -13.844 1.00 33.60  ? 43  GLU A C   1 
ATOM   342  O O   . GLU A 1 47  ? 8.888   4.469   -14.472 1.00 39.03  ? 43  GLU A O   1 
ATOM   343  C CB  . GLU A 1 47  ? 8.675   1.540   -15.488 1.00 40.77  ? 43  GLU A CB  1 
ATOM   344  C CG  . GLU A 1 47  ? 9.519   0.283   -15.310 1.00 59.06  ? 43  GLU A CG  1 
ATOM   345  C CD  . GLU A 1 47  ? 11.031  0.498   -15.411 1.00 67.72  ? 43  GLU A CD  1 
ATOM   346  O OE1 . GLU A 1 47  ? 11.524  0.514   -16.555 1.00 87.93  ? 43  GLU A OE1 1 
ATOM   347  O OE2 . GLU A 1 47  ? 11.736  0.594   -14.376 1.00 70.14  ? 43  GLU A OE2 1 
ATOM   348  N N   . ALA A 1 48  ? 9.958   3.463   -12.809 1.00 35.96  ? 44  ALA A N   1 
ATOM   349  C CA  . ALA A 1 48  ? 10.847  4.591   -12.536 1.00 34.76  ? 44  ALA A CA  1 
ATOM   350  C C   . ALA A 1 48  ? 12.015  4.087   -11.780 1.00 36.32  ? 44  ALA A C   1 
ATOM   351  O O   . ALA A 1 48  ? 11.906  3.101   -11.038 1.00 34.64  ? 44  ALA A O   1 
ATOM   352  C CB  . ALA A 1 48  ? 10.152  5.691   -11.743 1.00 33.99  ? 44  ALA A CB  1 
ATOM   353  N N   . GLU A 1 49  ? 13.170  4.712   -12.001 1.00 35.83  ? 45  GLU A N   1 
ATOM   354  C CA  . GLU A 1 49  ? 14.388  4.358   -11.266 1.00 31.80  ? 45  GLU A CA  1 
ATOM   355  C C   . GLU A 1 49  ? 14.794  2.898   -11.281 1.00 27.39  ? 45  GLU A C   1 
ATOM   356  O O   . GLU A 1 49  ? 15.298  2.363   -10.302 1.00 31.96  ? 45  GLU A O   1 
ATOM   357  C CB  . GLU A 1 49  ? 14.324  4.881   -9.858  1.00 38.87  ? 45  GLU A CB  1 
ATOM   358  C CG  . GLU A 1 49  ? 14.246  6.375   -9.907  1.00 44.13  ? 45  GLU A CG  1 
ATOM   359  C CD  . GLU A 1 49  ? 14.435  7.037   -8.578  1.00 43.86  ? 45  GLU A CD  1 
ATOM   360  O OE1 . GLU A 1 49  ? 13.808  8.089   -8.408  1.00 65.46  ? 45  GLU A OE1 1 
ATOM   361  O OE2 . GLU A 1 49  ? 15.181  6.564   -7.726  1.00 50.07  ? 45  GLU A OE2 1 
ATOM   362  N N   . GLY A 1 50  ? 14.536  2.270   -12.409 1.00 33.38  ? 46  GLY A N   1 
ATOM   363  C CA  . GLY A 1 50  ? 14.849  0.865   -12.616 1.00 35.31  ? 46  GLY A CA  1 
ATOM   364  C C   . GLY A 1 50  ? 13.924  -0.106  -11.953 1.00 37.76  ? 46  GLY A C   1 
ATOM   365  O O   . GLY A 1 50  ? 14.258  -1.297  -11.882 1.00 34.80  ? 46  GLY A O   1 
ATOM   366  N N   . GLY A 1 51  ? 12.729  0.344   -11.519 1.00 34.38  ? 47  GLY A N   1 
ATOM   367  C CA  . GLY A 1 51  ? 11.854  -0.550  -10.768 1.00 31.23  ? 47  GLY A CA  1 
ATOM   368  C C   . GLY A 1 51  ? 10.430  -0.244  -11.040 1.00 33.27  ? 47  GLY A C   1 
ATOM   369  O O   . GLY A 1 51  ? 10.135  0.540   -11.927 1.00 32.61  ? 47  GLY A O   1 
ATOM   370  N N   . LEU A 1 52  ? 9.527   -0.873  -10.278 1.00 32.09  ? 48  LEU A N   1 
ATOM   371  C CA  . LEU A 1 52  ? 8.093   -0.794  -10.623 1.00 31.35  ? 48  LEU A CA  1 
ATOM   372  C C   . LEU A 1 52  ? 7.273   -0.346  -9.438  1.00 24.48  ? 48  LEU A C   1 
ATOM   373  O O   . LEU A 1 52  ? 7.578   -0.695  -8.333  1.00 27.00  ? 48  LEU A O   1 
ATOM   374  C CB  . LEU A 1 52  ? 7.523   -2.132  -11.092 1.00 37.11  ? 48  LEU A CB  1 
ATOM   375  C CG  . LEU A 1 52  ? 7.975   -2.809  -12.402 1.00 35.36  ? 48  LEU A CG  1 
ATOM   376  C CD1 . LEU A 1 52  ? 7.497   -4.253  -12.379 1.00 45.15  ? 48  LEU A CD1 1 
ATOM   377  C CD2 . LEU A 1 52  ? 7.413   -2.075  -13.594 1.00 37.42  ? 48  LEU A CD2 1 
ATOM   378  N N   . PHE A 1 53  ? 6.213   0.362   -9.768  1.00 25.59  ? 49  PHE A N   1 
ATOM   379  C CA  . PHE A 1 53  ? 5.193   0.906   -8.865  1.00 26.45  ? 49  PHE A CA  1 
ATOM   380  C C   . PHE A 1 53  ? 3.830   0.382   -9.377  1.00 26.70  ? 49  PHE A C   1 
ATOM   381  O O   . PHE A 1 53  ? 3.526   0.452   -10.581 1.00 27.90  ? 49  PHE A O   1 
ATOM   382  C CB  . PHE A 1 53  ? 5.221   2.429   -8.899  1.00 27.43  ? 49  PHE A CB  1 
ATOM   383  C CG  . PHE A 1 53  ? 6.541   3.009   -8.380  1.00 28.34  ? 49  PHE A CG  1 
ATOM   384  C CD1 . PHE A 1 53  ? 7.676   3.046   -9.212  1.00 32.03  ? 49  PHE A CD1 1 
ATOM   385  C CD2 . PHE A 1 53  ? 6.678   3.394   -7.051  1.00 29.62  ? 49  PHE A CD2 1 
ATOM   386  C CE1 . PHE A 1 53  ? 8.878   3.567   -8.738  1.00 31.41  ? 49  PHE A CE1 1 
ATOM   387  C CE2 . PHE A 1 53  ? 7.890   3.877   -6.552  1.00 31.37  ? 49  PHE A CE2 1 
ATOM   388  C CZ  . PHE A 1 53  ? 8.974   3.968   -7.400  1.00 32.59  ? 49  PHE A CZ  1 
ATOM   389  N N   . LEU A 1 54  ? 3.035   -0.112  -8.444  1.00 25.96  ? 50  LEU A N   1 
ATOM   390  C CA  . LEU A 1 54  ? 1.808   -0.926  -8.748  1.00 26.75  ? 50  LEU A CA  1 
ATOM   391  C C   . LEU A 1 54  ? 0.657   -0.460  -7.848  1.00 24.77  ? 50  LEU A C   1 
ATOM   392  O O   . LEU A 1 54  ? 0.798   -0.499  -6.632  1.00 24.10  ? 50  LEU A O   1 
ATOM   393  C CB  . LEU A 1 54  ? 2.096   -2.398  -8.398  1.00 30.39  ? 50  LEU A CB  1 
ATOM   394  C CG  . LEU A 1 54  ? 0.920   -3.437  -8.492  1.00 29.89  ? 50  LEU A CG  1 
ATOM   395  C CD1 . LEU A 1 54  ? 0.319   -3.508  -9.880  1.00 30.12  ? 50  LEU A CD1 1 
ATOM   396  C CD2 . LEU A 1 54  ? 1.338   -4.818  -8.018  1.00 30.00  ? 50  LEU A CD2 1 
ATOM   397  N N   . LYS A 1 55  ? -0.437  -0.038  -8.480  1.00 25.73  ? 51  LYS A N   1 
ATOM   398  C CA  . LYS A 1 55  ? -1.759  0.109   -7.868  1.00 27.75  ? 51  LYS A CA  1 
ATOM   399  C C   . LYS A 1 55  ? -2.603  -1.060  -8.449  1.00 26.79  ? 51  LYS A C   1 
ATOM   400  O O   . LYS A 1 55  ? -3.105  -1.025  -9.586  1.00 26.80  ? 51  LYS A O   1 
ATOM   401  C CB  . LYS A 1 55  ? -2.360  1.471   -8.185  1.00 27.99  ? 51  LYS A CB  1 
ATOM   402  C CG  . LYS A 1 55  ? -1.619  2.686   -7.548  1.00 29.46  ? 51  LYS A CG  1 
ATOM   403  C CD  . LYS A 1 55  ? -2.384  3.995   -7.786  1.00 31.18  ? 51  LYS A CD  1 
ATOM   404  C CE  . LYS A 1 55  ? -2.361  4.333   -9.257  1.00 29.26  ? 51  LYS A CE  1 
ATOM   405  N NZ  . LYS A 1 55  ? -3.124  5.573   -9.504  1.00 33.03  ? 51  LYS A NZ  1 
ATOM   406  N N   . PRO A 1 56  ? -2.661  -2.149  -7.734  1.00 25.65  ? 52  PRO A N   1 
ATOM   407  C CA  . PRO A 1 56  ? -3.461  -3.270  -8.238  1.00 25.96  ? 52  PRO A CA  1 
ATOM   408  C C   . PRO A 1 56  ? -4.978  -2.851  -8.312  1.00 25.33  ? 52  PRO A C   1 
ATOM   409  O O   . PRO A 1 56  ? -5.434  -2.072  -7.490  1.00 26.69  ? 52  PRO A O   1 
ATOM   410  C CB  . PRO A 1 56  ? -3.276  -4.352  -7.176  1.00 28.22  ? 52  PRO A CB  1 
ATOM   411  C CG  . PRO A 1 56  ? -2.202  -3.864  -6.276  1.00 29.54  ? 52  PRO A CG  1 
ATOM   412  C CD  . PRO A 1 56  ? -2.169  -2.377  -6.376  1.00 27.65  ? 52  PRO A CD  1 
ATOM   413  N N   . LEU A 1 57  ? -5.672  -3.310  -9.333  1.00 32.06  ? 53  LEU A N   1 
ATOM   414  C CA  . LEU A 1 57  ? -7.114  -3.066  -9.525  1.00 32.01  ? 53  LEU A CA  1 
ATOM   415  C C   . LEU A 1 57  ? -7.823  -4.417  -9.312  1.00 34.96  ? 53  LEU A C   1 
ATOM   416  O O   . LEU A 1 57  ? -8.807  -4.697  -9.947  1.00 30.21  ? 53  LEU A O   1 
ATOM   417  C CB  . LEU A 1 57  ? -7.384  -2.493  -10.913 1.00 34.47  ? 53  LEU A CB  1 
ATOM   418  C CG  . LEU A 1 57  ? -6.652  -1.146  -11.174 1.00 34.84  ? 53  LEU A CG  1 
ATOM   419  C CD1 . LEU A 1 57  ? -6.875  -0.788  -12.623 1.00 37.56  ? 53  LEU A CD1 1 
ATOM   420  C CD2 . LEU A 1 57  ? -7.014  -0.009  -10.225 1.00 37.22  ? 53  LEU A CD2 1 
ATOM   421  N N   . THR A 1 58  ? -7.318  -5.203  -8.348  1.00 30.68  ? 54  THR A N   1 
ATOM   422  C CA  . THR A 1 58  ? -7.816  -6.558  -8.029  1.00 29.91  ? 54  THR A CA  1 
ATOM   423  C C   . THR A 1 58  ? -8.912  -6.534  -6.994  1.00 29.94  ? 54  THR A C   1 
ATOM   424  O O   . THR A 1 58  ? -9.540  -7.541  -6.817  1.00 32.27  ? 54  THR A O   1 
ATOM   425  C CB  . THR A 1 58  ? -6.665  -7.399  -7.449  1.00 27.42  ? 54  THR A CB  1 
ATOM   426  O OG1 . THR A 1 58  ? -6.019  -6.619  -6.415  1.00 29.82  ? 54  THR A OG1 1 
ATOM   427  C CG2 . THR A 1 58  ? -5.656  -7.695  -8.512  1.00 32.51  ? 54  THR A CG2 1 
ATOM   428  N N   . TYR A 1 59  ? -9.033  -5.418  -6.268  1.00 29.29  ? 55  TYR A N   1 
ATOM   429  C CA  . TYR A 1 59  ? -9.576  -5.245  -4.944  1.00 28.66  ? 55  TYR A CA  1 
ATOM   430  C C   . TYR A 1 59  ? -8.543  -5.522  -3.812  1.00 23.72  ? 55  TYR A C   1 
ATOM   431  O O   . TYR A 1 59  ? -7.742  -6.374  -3.964  1.00 27.04  ? 55  TYR A O   1 
ATOM   432  C CB  . TYR A 1 59  ? -10.863 -6.087  -4.677  1.00 33.43  ? 55  TYR A CB  1 
ATOM   433  C CG  . TYR A 1 59  ? -12.025 -5.650  -5.569  1.00 38.84  ? 55  TYR A CG  1 
ATOM   434  C CD1 . TYR A 1 59  ? -12.657 -4.410  -5.349  1.00 36.91  ? 55  TYR A CD1 1 
ATOM   435  C CD2 . TYR A 1 59  ? -12.474 -6.450  -6.598  1.00 40.69  ? 55  TYR A CD2 1 
ATOM   436  C CE1 . TYR A 1 59  ? -13.706 -3.998  -6.129  1.00 40.79  ? 55  TYR A CE1 1 
ATOM   437  C CE2 . TYR A 1 59  ? -13.522 -6.040  -7.379  1.00 42.79  ? 55  TYR A CE2 1 
ATOM   438  C CZ  . TYR A 1 59  ? -14.116 -4.825  -7.123  1.00 40.47  ? 55  TYR A CZ  1 
ATOM   439  O OH  . TYR A 1 59  ? -15.109 -4.431  -7.908  1.00 44.05  ? 55  TYR A OH  1 
ATOM   440  N N   . TYR A 1 60  ? -8.723  -4.843  -2.692  1.00 20.83  ? 56  TYR A N   1 
ATOM   441  C CA  . TYR A 1 60  ? -7.808  -4.751  -1.583  1.00 24.63  ? 56  TYR A CA  1 
ATOM   442  C C   . TYR A 1 60  ? -7.269  -6.102  -1.119  1.00 29.82  ? 56  TYR A C   1 
ATOM   443  O O   . TYR A 1 60  ? -6.043  -6.279  -0.976  1.00 27.13  ? 56  TYR A O   1 
ATOM   444  C CB  . TYR A 1 60  ? -8.416  -3.940  -0.496  1.00 24.88  ? 56  TYR A CB  1 
ATOM   445  C CG  . TYR A 1 60  ? -7.469  -3.436  0.581   1.00 25.34  ? 56  TYR A CG  1 
ATOM   446  C CD1 . TYR A 1 60  ? -7.053  -4.276  1.630   1.00 26.06  ? 56  TYR A CD1 1 
ATOM   447  C CD2 . TYR A 1 60  ? -7.114  -2.098  0.634   1.00 22.42  ? 56  TYR A CD2 1 
ATOM   448  C CE1 . TYR A 1 60  ? -6.216  -3.814  2.631   1.00 27.55  ? 56  TYR A CE1 1 
ATOM   449  C CE2 . TYR A 1 60  ? -6.270  -1.654  1.616   1.00 25.44  ? 56  TYR A CE2 1 
ATOM   450  C CZ  . TYR A 1 60  ? -5.818  -2.511  2.604   1.00 25.20  ? 56  TYR A CZ  1 
ATOM   451  O OH  . TYR A 1 60  ? -5.069  -1.984  3.600   1.00 24.04  ? 56  TYR A OH  1 
ATOM   452  N N   . ASN A 1 61  ? -8.164  -7.086  -1.033  1.00 27.44  ? 57  ASN A N   1 
ATOM   453  C CA  . ASN A 1 61  ? -7.825  -8.336  -0.400  1.00 26.70  ? 57  ASN A CA  1 
ATOM   454  C C   . ASN A 1 61  ? -7.285  -9.346  -1.357  1.00 25.40  ? 57  ASN A C   1 
ATOM   455  O O   . ASN A 1 61  ? -6.984  -10.454 -0.959  1.00 27.33  ? 57  ASN A O   1 
ATOM   456  C CB  . ASN A 1 61  ? -9.066  -8.904  0.334   1.00 27.97  ? 57  ASN A CB  1 
ATOM   457  C CG  . ASN A 1 61  ? -9.600  -7.986  1.397   1.00 32.73  ? 57  ASN A CG  1 
ATOM   458  O OD1 . ASN A 1 61  ? -8.891  -7.103  1.951   1.00 32.14  ? 57  ASN A OD1 1 
ATOM   459  N ND2 . ASN A 1 61  ? -10.867 -8.226  1.765   1.00 34.00  ? 57  ASN A ND2 1 
ATOM   460  N N   . LEU A 1 62  ? -7.262  -8.999  -2.630  1.00 23.52  ? 58  LEU A N   1 
ATOM   461  C CA  . LEU A 1 62  ? -6.871  -9.835  -3.666  1.00 28.04  ? 58  LEU A CA  1 
ATOM   462  C C   . LEU A 1 62  ? -5.576  -9.306  -4.406  1.00 27.24  ? 58  LEU A C   1 
ATOM   463  O O   . LEU A 1 62  ? -5.265  -9.747  -5.496  1.00 30.12  ? 58  LEU A O   1 
ATOM   464  C CB  . LEU A 1 62  ? -8.037  -9.930  -4.650  1.00 28.52  ? 58  LEU A CB  1 
ATOM   465  C CG  . LEU A 1 62  ? -9.347  -10.475 -4.047  1.00 29.62  ? 58  LEU A CG  1 
ATOM   466  C CD1 . LEU A 1 62  ? -10.360 -10.610 -5.176  1.00 28.20  ? 58  LEU A CD1 1 
ATOM   467  C CD2 . LEU A 1 62  ? -9.086  -11.840 -3.379  1.00 32.70  ? 58  LEU A CD2 1 
ATOM   468  N N   . THR A 1 63  ? -4.843  -8.396  -3.784  1.00 27.98  ? 59  THR A N   1 
ATOM   469  C CA  . THR A 1 63  ? -3.743  -7.727  -4.488  1.00 30.14  ? 59  THR A CA  1 
ATOM   470  C C   . THR A 1 63  ? -2.613  -8.690  -4.845  1.00 32.73  ? 59  THR A C   1 
ATOM   471  O O   . THR A 1 63  ? -1.980  -8.495  -5.827  1.00 30.32  ? 59  THR A O   1 
ATOM   472  C CB  . THR A 1 63  ? -3.192  -6.566  -3.690  1.00 28.00  ? 59  THR A CB  1 
ATOM   473  O OG1 . THR A 1 63  ? -2.929  -6.956  -2.345  1.00 27.28  ? 59  THR A OG1 1 
ATOM   474  C CG2 . THR A 1 63  ? -4.230  -5.407  -3.703  1.00 26.16  ? 59  THR A CG2 1 
ATOM   475  N N   . GLY A 1 64  ? -2.414  -9.739  -4.058  1.00 30.26  ? 60  GLY A N   1 
ATOM   476  C CA  . GLY A 1 64  ? -1.507  -10.825 -4.408  1.00 30.25  ? 60  GLY A CA  1 
ATOM   477  C C   . GLY A 1 64  ? -1.688  -11.362 -5.787  1.00 31.32  ? 60  GLY A C   1 
ATOM   478  O O   . GLY A 1 64  ? -0.709  -11.713 -6.417  1.00 32.00  ? 60  GLY A O   1 
ATOM   479  N N   . ARG A 1 65  ? -2.910  -11.341 -6.319  1.00 32.21  ? 61  ARG A N   1 
ATOM   480  C CA  . ARG A 1 65  ? -3.134  -11.832 -7.644  1.00 32.39  ? 61  ARG A CA  1 
ATOM   481  C C   . ARG A 1 65  ? -2.371  -11.014 -8.677  1.00 31.11  ? 61  ARG A C   1 
ATOM   482  O O   . ARG A 1 65  ? -2.012  -11.570 -9.709  1.00 32.47  ? 61  ARG A O   1 
ATOM   483  C CB  . ARG A 1 65  ? -4.593  -11.787 -8.023  1.00 33.28  ? 61  ARG A CB  1 
ATOM   484  C CG  . ARG A 1 65  ? -5.498  -12.668 -7.126  1.00 37.11  ? 61  ARG A CG  1 
ATOM   485  C CD  . ARG A 1 65  ? -6.940  -12.542 -7.612  1.00 35.63  ? 61  ARG A CD  1 
ATOM   486  N NE  . ARG A 1 65  ? -7.092  -13.343 -8.831  1.00 35.96  ? 61  ARG A NE  1 
ATOM   487  C CZ  . ARG A 1 65  ? -8.089  -13.209 -9.688  1.00 32.09  ? 61  ARG A CZ  1 
ATOM   488  N NH1 . ARG A 1 65  ? -8.131  -13.998 -10.739 1.00 35.26  ? 61  ARG A NH1 1 
ATOM   489  N NH2 . ARG A 1 65  ? -8.999  -12.289 -9.517  1.00 34.76  ? 61  ARG A NH2 1 
ATOM   490  N N   . ALA A 1 66  ? -2.224  -9.714  -8.450  1.00 32.31  ? 62  ALA A N   1 
ATOM   491  C CA  . ALA A 1 66  ? -1.344  -8.828  -9.345  1.00 30.78  ? 62  ALA A CA  1 
ATOM   492  C C   . ALA A 1 66  ? 0.138   -8.795  -8.967  1.00 31.13  ? 62  ALA A C   1 
ATOM   493  O O   . ALA A 1 66  ? 1.005   -8.712  -9.828  1.00 32.73  ? 62  ALA A O   1 
ATOM   494  C CB  . ALA A 1 66  ? -1.885  -7.423  -9.380  1.00 30.11  ? 62  ALA A CB  1 
ATOM   495  N N   . VAL A 1 67  ? 0.432   -8.862  -7.673  1.00 29.03  ? 63  VAL A N   1 
ATOM   496  C CA  . VAL A 1 67  ? 1.787   -8.695  -7.194  1.00 33.28  ? 63  VAL A CA  1 
ATOM   497  C C   . VAL A 1 67  ? 2.633   -9.920  -7.606  1.00 37.10  ? 63  VAL A C   1 
ATOM   498  O O   . VAL A 1 67  ? 3.750   -9.778  -8.166  1.00 32.28  ? 63  VAL A O   1 
ATOM   499  C CB  . VAL A 1 67  ? 1.835   -8.498  -5.668  1.00 31.58  ? 63  VAL A CB  1 
ATOM   500  C CG1 . VAL A 1 67  ? 3.239   -8.591  -5.110  1.00 34.27  ? 63  VAL A CG1 1 
ATOM   501  C CG2 . VAL A 1 67  ? 1.230   -7.177  -5.257  1.00 34.13  ? 63  VAL A CG2 1 
ATOM   502  N N   . ALA A 1 68  ? 2.122   -11.119 -7.315  1.00 33.05  ? 64  ALA A N   1 
ATOM   503  C CA  . ALA A 1 68  ? 2.960   -12.329 -7.498  1.00 34.46  ? 64  ALA A CA  1 
ATOM   504  C C   . ALA A 1 68  ? 3.373   -12.566 -8.965  1.00 33.79  ? 64  ALA A C   1 
ATOM   505  O O   . ALA A 1 68  ? 4.563   -12.744 -9.199  1.00 42.70  ? 64  ALA A O   1 
ATOM   506  C CB  . ALA A 1 68  ? 2.325   -13.581 -6.876  1.00 38.14  ? 64  ALA A CB  1 
ATOM   507  N N   . PRO A 1 69  ? 2.443   -12.471 -9.942  1.00 35.52  ? 65  PRO A N   1 
ATOM   508  C CA  . PRO A 1 69  ? 2.916   -12.668 -11.311 1.00 37.16  ? 65  PRO A CA  1 
ATOM   509  C C   . PRO A 1 69  ? 3.989   -11.664 -11.676 1.00 42.81  ? 65  PRO A C   1 
ATOM   510  O O   . PRO A 1 69  ? 4.873   -12.023 -12.387 1.00 37.02  ? 65  PRO A O   1 
ATOM   511  C CB  . PRO A 1 69  ? 1.712   -12.419 -12.181 1.00 38.13  ? 65  PRO A CB  1 
ATOM   512  C CG  . PRO A 1 69  ? 0.547   -12.252 -11.293 1.00 35.22  ? 65  PRO A CG  1 
ATOM   513  C CD  . PRO A 1 69  ? 0.976   -12.340 -9.883  1.00 36.49  ? 65  PRO A CD  1 
ATOM   514  N N   . LEU A 1 70  ? 3.931   -10.428 -11.173 1.00 42.17  ? 66  LEU A N   1 
ATOM   515  C CA  . LEU A 1 70  ? 4.964   -9.442  -11.526 1.00 40.64  ? 66  LEU A CA  1 
ATOM   516  C C   . LEU A 1 70  ? 6.273   -9.727  -10.867 1.00 36.00  ? 66  LEU A C   1 
ATOM   517  O O   . LEU A 1 70  ? 7.300   -9.641  -11.517 1.00 40.64  ? 66  LEU A O   1 
ATOM   518  C CB  . LEU A 1 70  ? 4.534   -8.030  -11.145 1.00 43.36  ? 66  LEU A CB  1 
ATOM   519  C CG  . LEU A 1 70  ? 3.708   -7.294  -12.128 1.00 44.62  ? 66  LEU A CG  1 
ATOM   520  C CD1 . LEU A 1 70  ? 3.375   -5.955  -11.482 1.00 54.81  ? 66  LEU A CD1 1 
ATOM   521  C CD2 . LEU A 1 70  ? 4.506   -7.068  -13.410 1.00 46.27  ? 66  LEU A CD2 1 
ATOM   522  N N   . ALA A 1 71  ? 6.255   -9.997  -9.562  1.00 34.40  ? 67  ALA A N   1 
ATOM   523  C CA  . ALA A 1 71  ? 7.472   -10.350 -8.829  1.00 38.37  ? 67  ALA A CA  1 
ATOM   524  C C   . ALA A 1 71  ? 8.155   -11.624 -9.372  1.00 48.48  ? 67  ALA A C   1 
ATOM   525  O O   . ALA A 1 71  ? 9.394   -11.719 -9.444  1.00 41.33  ? 67  ALA A O   1 
ATOM   526  C CB  . ALA A 1 71  ? 7.208   -10.497 -7.358  1.00 36.54  ? 67  ALA A CB  1 
ATOM   527  N N   . ARG A 1 72  ? 7.342   -12.598 -9.743  1.00 44.45  ? 68  ARG A N   1 
ATOM   528  C CA  . ARG A 1 72  ? 7.864   -13.887 -10.209 1.00 47.62  ? 68  ARG A CA  1 
ATOM   529  C C   . ARG A 1 72  ? 8.533   -13.648 -11.557 1.00 41.33  ? 68  ARG A C   1 
ATOM   530  O O   . ARG A 1 72  ? 9.665   -14.021 -11.781 1.00 47.11  ? 68  ARG A O   1 
ATOM   531  C CB  . ARG A 1 72  ? 6.694   -14.871 -10.362 1.00 53.37  ? 68  ARG A CB  1 
ATOM   532  C CG  . ARG A 1 72  ? 7.080   -16.288 -10.732 1.00 71.36  ? 68  ARG A CG  1 
ATOM   533  C CD  . ARG A 1 72  ? 5.955   -17.266 -10.384 1.00 82.27  ? 68  ARG A CD  1 
ATOM   534  N NE  . ARG A 1 72  ? 5.634   -17.198 -8.946  1.00 85.01  ? 68  ARG A NE  1 
ATOM   535  C CZ  . ARG A 1 72  ? 4.493   -16.755 -8.393  1.00 85.23  ? 68  ARG A CZ  1 
ATOM   536  N NH1 . ARG A 1 72  ? 4.384   -16.746 -7.053  1.00 72.25  ? 68  ARG A NH1 1 
ATOM   537  N NH2 . ARG A 1 72  ? 3.461   -16.328 -9.136  1.00 85.67  ? 68  ARG A NH2 1 
ATOM   538  N N   . PHE A 1 73  ? 7.822   -12.982 -12.437 1.00 38.94  ? 69  PHE A N   1 
ATOM   539  C CA  . PHE A 1 73  ? 8.280   -12.776 -13.742 1.00 40.38  ? 69  PHE A CA  1 
ATOM   540  C C   . PHE A 1 73  ? 9.646   -12.048 -13.769 1.00 51.95  ? 69  PHE A C   1 
ATOM   541  O O   . PHE A 1 73  ? 10.584  -12.512 -14.387 1.00 50.09  ? 69  PHE A O   1 
ATOM   542  C CB  . PHE A 1 73  ? 7.239   -11.987 -14.463 1.00 39.80  ? 69  PHE A CB  1 
ATOM   543  C CG  . PHE A 1 73  ? 7.589   -11.692 -15.884 1.00 46.50  ? 69  PHE A CG  1 
ATOM   544  C CD1 . PHE A 1 73  ? 8.691   -10.925 -16.205 1.00 54.47  ? 69  PHE A CD1 1 
ATOM   545  C CD2 . PHE A 1 73  ? 6.819   -12.240 -16.925 1.00 58.69  ? 69  PHE A CD2 1 
ATOM   546  C CE1 . PHE A 1 73  ? 8.993   -10.686 -17.530 1.00 58.89  ? 69  PHE A CE1 1 
ATOM   547  C CE2 . PHE A 1 73  ? 7.111   -12.009 -18.255 1.00 62.55  ? 69  PHE A CE2 1 
ATOM   548  C CZ  . PHE A 1 73  ? 8.199   -11.216 -18.561 1.00 67.90  ? 69  PHE A CZ  1 
ATOM   549  N N   . TYR A 1 74  ? 9.744   -10.884 -13.117 1.00 50.54  ? 70  TYR A N   1 
ATOM   550  C CA  . TYR A 1 74  ? 10.987  -10.091 -13.105 1.00 44.28  ? 70  TYR A CA  1 
ATOM   551  C C   . TYR A 1 74  ? 11.965  -10.483 -12.020 1.00 44.82  ? 70  TYR A C   1 
ATOM   552  O O   . TYR A 1 74  ? 12.940  -9.795  -11.793 1.00 50.21  ? 70  TYR A O   1 
ATOM   553  C CB  . TYR A 1 74  ? 10.611  -8.633  -12.905 1.00 46.85  ? 70  TYR A CB  1 
ATOM   554  C CG  . TYR A 1 74  ? 9.927   -8.022  -14.064 1.00 40.43  ? 70  TYR A CG  1 
ATOM   555  C CD1 . TYR A 1 74  ? 10.621  -7.743  -15.215 1.00 46.21  ? 70  TYR A CD1 1 
ATOM   556  C CD2 . TYR A 1 74  ? 8.621   -7.620  -13.989 1.00 39.51  ? 70  TYR A CD2 1 
ATOM   557  C CE1 . TYR A 1 74  ? 9.994   -7.144  -16.285 1.00 40.36  ? 70  TYR A CE1 1 
ATOM   558  C CE2 . TYR A 1 74  ? 7.981   -7.057  -15.066 1.00 41.04  ? 70  TYR A CE2 1 
ATOM   559  C CZ  . TYR A 1 74  ? 8.689   -6.817  -16.200 1.00 42.42  ? 70  TYR A CZ  1 
ATOM   560  O OH  . TYR A 1 74  ? 8.076   -6.236  -17.255 1.00 43.92  ? 70  TYR A OH  1 
ATOM   561  N N   . LYS A 1 75  ? 11.688  -11.561 -11.312 1.00 40.27  ? 71  LYS A N   1 
ATOM   562  C CA  . LYS A 1 75  ? 12.542  -12.091 -10.293 1.00 45.98  ? 71  LYS A CA  1 
ATOM   563  C C   . LYS A 1 75  ? 12.864  -11.042 -9.233  1.00 51.89  ? 71  LYS A C   1 
ATOM   564  O O   . LYS A 1 75  ? 13.994  -10.947 -8.749  1.00 41.52  ? 71  LYS A O   1 
ATOM   565  C CB  . LYS A 1 75  ? 13.794  -12.767 -10.894 1.00 53.70  ? 71  LYS A CB  1 
ATOM   566  C CG  . LYS A 1 75  ? 13.477  -13.623 -12.139 1.00 60.37  ? 71  LYS A CG  1 
ATOM   567  C CD  . LYS A 1 75  ? 13.813  -15.102 -11.994 1.00 77.05  ? 71  LYS A CD  1 
ATOM   568  C CE  . LYS A 1 75  ? 12.814  -15.986 -12.754 1.00 83.96  ? 71  LYS A CE  1 
ATOM   569  N NZ  . LYS A 1 75  ? 13.385  -17.323 -13.086 1.00 92.91  ? 71  LYS A NZ  1 
ATOM   570  N N   . ILE A 1 76  ? 11.831  -10.317 -8.794  1.00 46.91  ? 72  ILE A N   1 
ATOM   571  C CA  . ILE A 1 76  ? 12.029  -9.311  -7.754  1.00 40.72  ? 72  ILE A CA  1 
ATOM   572  C C   . ILE A 1 76  ? 11.966  -10.055 -6.473  1.00 41.95  ? 72  ILE A C   1 
ATOM   573  O O   . ILE A 1 76  ? 10.883  -10.615 -6.166  1.00 42.29  ? 72  ILE A O   1 
ATOM   574  C CB  . ILE A 1 76  ? 10.912  -8.193  -7.763  1.00 38.46  ? 72  ILE A CB  1 
ATOM   575  C CG1 . ILE A 1 76  ? 10.917  -7.557  -9.151  1.00 37.72  ? 72  ILE A CG1 1 
ATOM   576  C CG2 . ILE A 1 76  ? 11.176  -7.234  -6.611  1.00 36.41  ? 72  ILE A CG2 1 
ATOM   577  C CD1 . ILE A 1 76  ? 9.829   -6.576  -9.517  1.00 42.43  ? 72  ILE A CD1 1 
ATOM   578  N N   . PRO A 1 77  ? 13.069  -10.030 -5.689  1.00 35.13  ? 73  PRO A N   1 
ATOM   579  C CA  . PRO A 1 77  ? 13.027  -10.721 -4.439  1.00 38.12  ? 73  PRO A CA  1 
ATOM   580  C C   . PRO A 1 77  ? 12.165  -9.995  -3.393  1.00 43.56  ? 73  PRO A C   1 
ATOM   581  O O   . PRO A 1 77  ? 11.979  -8.766  -3.494  1.00 40.94  ? 73  PRO A O   1 
ATOM   582  C CB  . PRO A 1 77  ? 14.492  -10.723 -3.960  1.00 38.79  ? 73  PRO A CB  1 
ATOM   583  C CG  . PRO A 1 77  ? 15.086  -9.537  -4.632  1.00 38.77  ? 73  PRO A CG  1 
ATOM   584  C CD  . PRO A 1 77  ? 14.381  -9.385  -5.933  1.00 37.77  ? 73  PRO A CD  1 
ATOM   585  N N   . PRO A 1 78  ? 11.705  -10.748 -2.381  1.00 42.52  ? 74  PRO A N   1 
ATOM   586  C CA  . PRO A 1 78  ? 10.795  -10.231 -1.404  1.00 49.11  ? 74  PRO A CA  1 
ATOM   587  C C   . PRO A 1 78  ? 11.411  -9.105  -0.610  1.00 50.54  ? 74  PRO A C   1 
ATOM   588  O O   . PRO A 1 78  ? 10.687  -8.214  -0.195  1.00 37.45  ? 74  PRO A O   1 
ATOM   589  C CB  . PRO A 1 78  ? 10.468  -11.460 -0.520  1.00 52.37  ? 74  PRO A CB  1 
ATOM   590  C CG  . PRO A 1 78  ? 11.623  -12.375 -0.692  1.00 48.83  ? 74  PRO A CG  1 
ATOM   591  C CD  . PRO A 1 78  ? 11.985  -12.188 -2.137  1.00 49.89  ? 74  PRO A CD  1 
ATOM   592  N N   . GLU A 1 79  ? 12.735  -9.113  -0.442  1.00 43.96  ? 75  GLU A N   1 
ATOM   593  C CA  . GLU A 1 79  ? 13.422  -8.010  0.225   1.00 45.28  ? 75  GLU A CA  1 
ATOM   594  C C   . GLU A 1 79  ? 13.297  -6.682  -0.520  1.00 29.39  ? 75  GLU A C   1 
ATOM   595  O O   . GLU A 1 79  ? 13.582  -5.660  0.062   1.00 38.99  ? 75  GLU A O   1 
ATOM   596  C CB  . GLU A 1 79  ? 14.938  -8.274  0.467   1.00 49.60  ? 75  GLU A CB  1 
ATOM   597  C CG  . GLU A 1 79  ? 15.311  -9.608  1.091   1.00 60.54  ? 75  GLU A CG  1 
ATOM   598  C CD  . GLU A 1 79  ? 15.662  -10.650 0.037   1.00 56.11  ? 75  GLU A CD  1 
ATOM   599  O OE1 . GLU A 1 79  ? 14.760  -11.220 -0.585  1.00 48.59  ? 75  GLU A OE1 1 
ATOM   600  O OE2 . GLU A 1 79  ? 16.853  -10.884 -0.214  1.00 77.64  ? 75  GLU A OE2 1 
ATOM   601  N N   . ARG A 1 80  ? 12.995  -6.704  -1.801  1.00 30.16  ? 76  ARG A N   1 
ATOM   602  C CA  . ARG A 1 80  ? 12.784  -5.521  -2.588  1.00 29.54  ? 76  ARG A CA  1 
ATOM   603  C C   . ARG A 1 80  ? 11.331  -5.384  -3.020  1.00 24.97  ? 76  ARG A C   1 
ATOM   604  O O   . ARG A 1 80  ? 11.052  -4.834  -4.071  1.00 30.85  ? 76  ARG A O   1 
ATOM   605  C CB  . ARG A 1 80  ? 13.771  -5.445  -3.763  1.00 30.13  ? 76  ARG A CB  1 
ATOM   606  C CG  . ARG A 1 80  ? 15.242  -5.303  -3.253  1.00 34.81  ? 76  ARG A CG  1 
ATOM   607  C CD  . ARG A 1 80  ? 15.505  -3.987  -2.513  1.00 33.51  ? 76  ARG A CD  1 
ATOM   608  N NE  . ARG A 1 80  ? 15.444  -2.877  -3.440  1.00 37.53  ? 76  ARG A NE  1 
ATOM   609  C CZ  . ARG A 1 80  ? 15.330  -1.572  -3.077  1.00 36.08  ? 76  ARG A CZ  1 
ATOM   610  N NH1 . ARG A 1 80  ? 15.158  -1.234  -1.836  1.00 31.51  ? 76  ARG A NH1 1 
ATOM   611  N NH2 . ARG A 1 80  ? 15.349  -0.635  -4.007  1.00 41.43  ? 76  ARG A NH2 1 
ATOM   612  N N   . ILE A 1 81  ? 10.431  -5.847  -2.165  1.00 30.27  ? 77  ILE A N   1 
ATOM   613  C CA  . ILE A 1 81  ? 9.001   -5.600  -2.338  1.00 30.48  ? 77  ILE A CA  1 
ATOM   614  C C   . ILE A 1 81  ? 8.579   -4.834  -1.123  1.00 27.23  ? 77  ILE A C   1 
ATOM   615  O O   . ILE A 1 81  ? 8.801   -5.275  0.012   1.00 27.91  ? 77  ILE A O   1 
ATOM   616  C CB  . ILE A 1 81  ? 8.172   -6.901  -2.453  1.00 32.70  ? 77  ILE A CB  1 
ATOM   617  C CG1 . ILE A 1 81  ? 8.569   -7.596  -3.761  1.00 34.23  ? 77  ILE A CG1 1 
ATOM   618  C CG2 . ILE A 1 81  ? 6.682   -6.559  -2.486  1.00 31.64  ? 77  ILE A CG2 1 
ATOM   619  C CD1 . ILE A 1 81  ? 7.993   -8.984  -3.871  1.00 35.44  ? 77  ILE A CD1 1 
ATOM   620  N N   . LEU A 1 82  ? 7.979   -3.659  -1.384  1.00 29.48  ? 78  LEU A N   1 
ATOM   621  C CA  . LEU A 1 82  ? 7.374   -2.827  -0.318  1.00 27.56  ? 78  LEU A CA  1 
ATOM   622  C C   . LEU A 1 82  ? 5.855   -2.636  -0.525  1.00 24.53  ? 78  LEU A C   1 
ATOM   623  O O   . LEU A 1 82  ? 5.454   -2.206  -1.597  1.00 28.82  ? 78  LEU A O   1 
ATOM   624  C CB  . LEU A 1 82  ? 8.028   -1.436  -0.318  1.00 27.93  ? 78  LEU A CB  1 
ATOM   625  C CG  . LEU A 1 82  ? 7.550   -0.426  0.787   1.00 24.36  ? 78  LEU A CG  1 
ATOM   626  C CD1 . LEU A 1 82  ? 8.085   -0.829  2.121   1.00 24.73  ? 78  LEU A CD1 1 
ATOM   627  C CD2 . LEU A 1 82  ? 8.026   0.935   0.416   1.00 24.51  ? 78  LEU A CD2 1 
ATOM   628  N N   . VAL A 1 83  ? 5.067   -2.983  0.487   1.00 25.55  ? 79  VAL A N   1 
ATOM   629  C CA  . VAL A 1 83  ? 3.611   -2.842  0.482   1.00 25.91  ? 79  VAL A CA  1 
ATOM   630  C C   . VAL A 1 83  ? 3.199   -1.701  1.441   1.00 22.49  ? 79  VAL A C   1 
ATOM   631  O O   . VAL A 1 83  ? 3.298   -1.799  2.652   1.00 25.20  ? 79  VAL A O   1 
ATOM   632  C CB  . VAL A 1 83  ? 2.835   -4.127  0.840   1.00 28.48  ? 79  VAL A CB  1 
ATOM   633  C CG1 . VAL A 1 83  ? 1.309   -3.948  0.581   1.00 29.38  ? 79  VAL A CG1 1 
ATOM   634  C CG2 . VAL A 1 83  ? 3.387   -5.280  0.002   1.00 28.48  ? 79  VAL A CG2 1 
ATOM   635  N N   . VAL A 1 84  ? 2.739   -0.617  0.820   1.00 25.09  ? 80  VAL A N   1 
ATOM   636  C CA  . VAL A 1 84  ? 2.331   0.613   1.508   1.00 23.68  ? 80  VAL A CA  1 
ATOM   637  C C   . VAL A 1 84  ? 0.829   0.469   1.821   1.00 24.69  ? 80  VAL A C   1 
ATOM   638  O O   . VAL A 1 84  ? 0.033   0.218   0.923   1.00 25.92  ? 80  VAL A O   1 
ATOM   639  C CB  . VAL A 1 84  ? 2.583   1.848   0.600   1.00 23.69  ? 80  VAL A CB  1 
ATOM   640  C CG1 . VAL A 1 84  ? 2.208   3.112   1.374   1.00 24.93  ? 80  VAL A CG1 1 
ATOM   641  C CG2 . VAL A 1 84  ? 4.021   1.893   0.165   1.00 22.89  ? 80  VAL A CG2 1 
ATOM   642  N N   . HIS A 1 85  ? 0.429   0.576   3.071   1.00 27.01  ? 81  HIS A N   1 
ATOM   643  C CA  . HIS A 1 85  ? -1.003  0.360   3.389   1.00 26.75  ? 81  HIS A CA  1 
ATOM   644  C C   . HIS A 1 85  ? -1.374  1.104   4.627   1.00 28.55  ? 81  HIS A C   1 
ATOM   645  O O   . HIS A 1 85  ? -0.560  1.386   5.526   1.00 25.62  ? 81  HIS A O   1 
ATOM   646  C CB  . HIS A 1 85  ? -1.350  -1.123  3.534   1.00 26.04  ? 81  HIS A CB  1 
ATOM   647  C CG  . HIS A 1 85  ? -0.680  -1.791  4.687   1.00 26.40  ? 81  HIS A CG  1 
ATOM   648  N ND1 . HIS A 1 85  ? -1.228  -1.847  5.953   1.00 29.00  ? 81  HIS A ND1 1 
ATOM   649  C CD2 . HIS A 1 85  ? 0.540   -2.401  4.783   1.00 33.76  ? 81  HIS A CD2 1 
ATOM   650  C CE1 . HIS A 1 85  ? -0.407  -2.511  6.766   1.00 31.39  ? 81  HIS A CE1 1 
ATOM   651  N NE2 . HIS A 1 85  ? 0.669   -2.853  6.084   1.00 30.22  ? 81  HIS A NE2 1 
ATOM   652  N N   . ASP A 1 86  ? -2.647  1.483   4.649   1.00 27.79  ? 82  ASP A N   1 
ATOM   653  C CA  . ASP A 1 86  ? -3.301  1.896   5.863   1.00 25.29  ? 82  ASP A CA  1 
ATOM   654  C C   . ASP A 1 86  ? -3.327  0.826   6.963   1.00 28.38  ? 82  ASP A C   1 
ATOM   655  O O   . ASP A 1 86  ? -3.453  -0.414  6.681   1.00 27.57  ? 82  ASP A O   1 
ATOM   656  C CB  . ASP A 1 86  ? -4.749  2.316   5.559   1.00 26.57  ? 82  ASP A CB  1 
ATOM   657  C CG  . ASP A 1 86  ? -5.570  1.210   4.975   1.00 27.50  ? 82  ASP A CG  1 
ATOM   658  O OD1 . ASP A 1 86  ? -5.228  0.623   3.924   1.00 26.82  ? 82  ASP A OD1 1 
ATOM   659  O OD2 . ASP A 1 86  ? -6.561  0.883   5.628   1.00 29.01  ? 82  ASP A OD2 1 
ATOM   660  N N   . GLU A 1 87  ? -3.207  1.329   8.188   1.00 28.88  ? 83  GLU A N   1 
ATOM   661  C CA  . GLU A 1 87  ? -3.036  0.500   9.385   1.00 32.28  ? 83  GLU A CA  1 
ATOM   662  C C   . GLU A 1 87  ? -3.876  1.070   10.551  1.00 32.04  ? 83  GLU A C   1 
ATOM   663  O O   . GLU A 1 87  ? -3.510  2.079   11.187  1.00 27.52  ? 83  GLU A O   1 
ATOM   664  C CB  . GLU A 1 87  ? -1.532  0.441   9.757   1.00 32.97  ? 83  GLU A CB  1 
ATOM   665  C CG  . GLU A 1 87  ? -1.206  -0.242  11.070  1.00 37.78  ? 83  GLU A CG  1 
ATOM   666  C CD  . GLU A 1 87  ? -1.546  -1.694  10.998  1.00 39.85  ? 83  GLU A CD  1 
ATOM   667  O OE1 . GLU A 1 87  ? -0.936  -2.418  10.208  1.00 48.73  ? 83  GLU A OE1 1 
ATOM   668  O OE2 . GLU A 1 87  ? -2.500  -2.088  11.644  1.00 47.74  ? 83  GLU A OE2 1 
ATOM   669  N N   . MET A 1 88  ? -4.947  0.347   10.880  1.00 32.69  ? 84  MET A N   1 
ATOM   670  C CA  . MET A 1 88  ? -5.808  0.718   11.999  1.00 39.21  ? 84  MET A CA  1 
ATOM   671  C C   . MET A 1 88  ? -5.112  0.662   13.386  1.00 45.39  ? 84  MET A C   1 
ATOM   672  O O   . MET A 1 88  ? -5.448  1.452   14.298  1.00 43.07  ? 84  MET A O   1 
ATOM   673  C CB  . MET A 1 88  ? -7.091  -0.133  12.005  1.00 43.79  ? 84  MET A CB  1 
ATOM   674  C CG  . MET A 1 88  ? -8.164  0.362   11.054  1.00 44.47  ? 84  MET A CG  1 
ATOM   675  S SD  . MET A 1 88  ? -9.797  -0.448  11.176  1.00 46.98  ? 84  MET A SD  1 
ATOM   676  C CE  . MET A 1 88  ? -9.334  -1.988  10.412  1.00 46.80  ? 84  MET A CE  1 
ATOM   677  N N   . ASP A 1 89  ? -4.112  -0.201  13.515  1.00 43.43  ? 85  ASP A N   1 
ATOM   678  C CA  . ASP A 1 89  ? -3.369  -0.391  14.800  1.00 48.73  ? 85  ASP A CA  1 
ATOM   679  C C   . ASP A 1 89  ? -2.433  0.716   15.177  1.00 49.17  ? 85  ASP A C   1 
ATOM   680  O O   . ASP A 1 89  ? -1.764  0.597   16.219  1.00 43.11  ? 85  ASP A O   1 
ATOM   681  C CB  . ASP A 1 89  ? -2.466  -1.642  14.773  1.00 50.94  ? 85  ASP A CB  1 
ATOM   682  C CG  . ASP A 1 89  ? -3.237  -2.929  14.884  1.00 63.88  ? 85  ASP A CG  1 
ATOM   683  O OD1 . ASP A 1 89  ? -4.509  -2.936  14.947  1.00 66.92  ? 85  ASP A OD1 1 
ATOM   684  O OD2 . ASP A 1 89  ? -2.531  -3.955  14.920  1.00 68.15  ? 85  ASP A OD2 1 
ATOM   685  N N   . LEU A 1 90  ? -2.275  1.717   14.308  1.00 39.82  ? 86  LEU A N   1 
ATOM   686  C CA  . LEU A 1 90  ? -1.483  2.877   14.622  1.00 37.43  ? 86  LEU A CA  1 
ATOM   687  C C   . LEU A 1 90  ? -2.398  4.104   14.470  1.00 35.02  ? 86  LEU A C   1 
ATOM   688  O O   . LEU A 1 90  ? -3.260  4.118   13.582  1.00 35.30  ? 86  LEU A O   1 
ATOM   689  C CB  . LEU A 1 90  ? -0.316  3.016   13.658  1.00 40.80  ? 86  LEU A CB  1 
ATOM   690  C CG  . LEU A 1 90  ? 0.702   1.902   13.590  1.00 47.34  ? 86  LEU A CG  1 
ATOM   691  C CD1 . LEU A 1 90  ? 1.599   2.073   12.363  1.00 47.38  ? 86  LEU A CD1 1 
ATOM   692  C CD2 . LEU A 1 90  ? 1.509   1.862   14.875  1.00 49.55  ? 86  LEU A CD2 1 
ATOM   693  N N   . PRO A 1 91  ? -2.171  5.121   15.294  1.00 35.81  ? 87  PRO A N   1 
ATOM   694  C CA  . PRO A 1 91  ? -2.900  6.348   15.199  1.00 36.79  ? 87  PRO A CA  1 
ATOM   695  C C   . PRO A 1 91  ? -2.506  7.091   13.927  1.00 35.93  ? 87  PRO A C   1 
ATOM   696  O O   . PRO A 1 91  ? -1.371  6.973   13.464  1.00 34.83  ? 87  PRO A O   1 
ATOM   697  C CB  . PRO A 1 91  ? -2.448  7.118   16.437  1.00 35.25  ? 87  PRO A CB  1 
ATOM   698  C CG  . PRO A 1 91  ? -1.038  6.679   16.602  1.00 40.40  ? 87  PRO A CG  1 
ATOM   699  C CD  . PRO A 1 91  ? -1.046  5.229   16.254  1.00 36.98  ? 87  PRO A CD  1 
ATOM   700  N N   . LEU A 1 92  ? -3.470  7.823   13.372  1.00 34.97  ? 88  LEU A N   1 
ATOM   701  C CA  . LEU A 1 92  ? -3.196  8.785   12.305  1.00 33.32  ? 88  LEU A CA  1 
ATOM   702  C C   . LEU A 1 92  ? -2.068  9.666   12.663  1.00 34.16  ? 88  LEU A C   1 
ATOM   703  O O   . LEU A 1 92  ? -2.068  10.230  13.735  1.00 33.47  ? 88  LEU A O   1 
ATOM   704  C CB  . LEU A 1 92  ? -4.421  9.651   11.991  1.00 36.40  ? 88  LEU A CB  1 
ATOM   705  C CG  . LEU A 1 92  ? -4.327  10.488  10.706  1.00 34.22  ? 88  LEU A CG  1 
ATOM   706  C CD1 . LEU A 1 92  ? -4.173  9.634   9.459   1.00 34.91  ? 88  LEU A CD1 1 
ATOM   707  C CD2 . LEU A 1 92  ? -5.573  11.360  10.678  1.00 34.81  ? 88  LEU A CD2 1 
ATOM   708  N N   . GLY A 1 93  ? -1.090  9.774   11.760  1.00 30.46  ? 89  GLY A N   1 
ATOM   709  C CA  . GLY A 1 93  ? 0.112   10.555  12.013  1.00 32.29  ? 89  GLY A CA  1 
ATOM   710  C C   . GLY A 1 93  ? 1.316   9.685   12.189  1.00 36.83  ? 89  GLY A C   1 
ATOM   711  O O   . GLY A 1 93  ? 2.415   10.157  11.982  1.00 36.72  ? 89  GLY A O   1 
ATOM   712  N N   . ARG A 1 94  ? 1.127   8.411   12.539  1.00 34.72  ? 90  ARG A N   1 
ATOM   713  C CA  . ARG A 1 94  ? 2.257   7.533   12.856  1.00 38.51  ? 90  ARG A CA  1 
ATOM   714  C C   . ARG A 1 94  ? 2.537   6.667   11.624  1.00 34.02  ? 90  ARG A C   1 
ATOM   715  O O   . ARG A 1 94  ? 1.627   6.153   11.024  1.00 32.69  ? 90  ARG A O   1 
ATOM   716  C CB  . ARG A 1 94  ? 1.896   6.624   14.038  1.00 44.18  ? 90  ARG A CB  1 
ATOM   717  C CG  . ARG A 1 94  ? 3.033   5.719   14.504  1.00 59.88  ? 90  ARG A CG  1 
ATOM   718  C CD  . ARG A 1 94  ? 3.626   6.202   15.827  1.00 63.98  ? 90  ARG A CD  1 
ATOM   719  N NE  . ARG A 1 94  ? 2.771   5.859   16.946  1.00 68.99  ? 90  ARG A NE  1 
ATOM   720  C CZ  . ARG A 1 94  ? 2.693   6.519   18.097  1.00 73.75  ? 90  ARG A CZ  1 
ATOM   721  N NH1 . ARG A 1 94  ? 1.850   6.080   19.023  1.00 77.61  ? 90  ARG A NH1 1 
ATOM   722  N NH2 . ARG A 1 94  ? 3.433   7.601   18.343  1.00 73.87  ? 90  ARG A NH2 1 
ATOM   723  N N   . ILE A 1 95  ? 3.805   6.485   11.279  1.00 30.33  ? 91  ILE A N   1 
ATOM   724  C CA  . ILE A 1 95  ? 4.201   5.677   10.121  1.00 33.41  ? 91  ILE A CA  1 
ATOM   725  C C   . ILE A 1 95  ? 5.298   4.763   10.601  1.00 37.11  ? 91  ILE A C   1 
ATOM   726  O O   . ILE A 1 95  ? 6.244   5.276   11.192  1.00 34.37  ? 91  ILE A O   1 
ATOM   727  C CB  . ILE A 1 95  ? 4.745   6.587   9.030   1.00 34.06  ? 91  ILE A CB  1 
ATOM   728  C CG1 . ILE A 1 95  ? 3.601   7.446   8.465   1.00 35.29  ? 91  ILE A CG1 1 
ATOM   729  C CG2 . ILE A 1 95  ? 5.512   5.835   7.984   1.00 43.26  ? 91  ILE A CG2 1 
ATOM   730  C CD1 . ILE A 1 95  ? 4.118   8.602   7.637   1.00 39.61  ? 91  ILE A CD1 1 
ATOM   731  N N   . ARG A 1 96  ? 5.207   3.471   10.250  1.00 31.73  ? 92  ARG A N   1 
ATOM   732  C CA  . ARG A 1 96  ? 6.181   2.470   10.665  1.00 39.85  ? 92  ARG A CA  1 
ATOM   733  C C   . ARG A 1 96  ? 6.489   1.511   9.535   1.00 34.89  ? 92  ARG A C   1 
ATOM   734  O O   . ARG A 1 96  ? 5.575   1.059   8.787   1.00 30.14  ? 92  ARG A O   1 
ATOM   735  C CB  . ARG A 1 96  ? 5.655   1.689   11.867  1.00 40.18  ? 92  ARG A CB  1 
ATOM   736  C CG  . ARG A 1 96  ? 5.659   2.468   13.179  1.00 45.42  ? 92  ARG A CG  1 
ATOM   737  C CD  . ARG A 1 96  ? 7.066   2.862   13.651  1.00 51.42  ? 92  ARG A CD  1 
ATOM   738  N NE  . ARG A 1 96  ? 7.007   3.681   14.882  1.00 60.15  ? 92  ARG A NE  1 
ATOM   739  C CZ  . ARG A 1 96  ? 6.906   5.016   14.944  1.00 59.78  ? 92  ARG A CZ  1 
ATOM   740  N NH1 . ARG A 1 96  ? 6.822   5.783   13.860  1.00 66.32  ? 92  ARG A NH1 1 
ATOM   741  N NH2 . ARG A 1 96  ? 6.866   5.610   16.124  1.00 63.46  ? 92  ARG A NH2 1 
ATOM   742  N N   . PHE A 1 97  ? 7.781   1.211   9.373   1.00 34.77  ? 93  PHE A N   1 
ATOM   743  C CA  . PHE A 1 97  ? 8.194   0.194   8.431   1.00 30.99  ? 93  PHE A CA  1 
ATOM   744  C C   . PHE A 1 97  ? 8.056   -1.135  9.151   1.00 38.13  ? 93  PHE A C   1 
ATOM   745  O O   . PHE A 1 97  ? 8.036   -1.191  10.374  1.00 37.29  ? 93  PHE A O   1 
ATOM   746  C CB  . PHE A 1 97  ? 9.606   0.391   7.966   1.00 36.09  ? 93  PHE A CB  1 
ATOM   747  C CG  . PHE A 1 97  ? 9.725   1.260   6.786   1.00 33.92  ? 93  PHE A CG  1 
ATOM   748  C CD1 . PHE A 1 97  ? 9.540   0.742   5.507   1.00 29.82  ? 93  PHE A CD1 1 
ATOM   749  C CD2 . PHE A 1 97  ? 10.042  2.594   6.929   1.00 33.07  ? 93  PHE A CD2 1 
ATOM   750  C CE1 . PHE A 1 97  ? 9.646   1.563   4.386   1.00 30.80  ? 93  PHE A CE1 1 
ATOM   751  C CE2 . PHE A 1 97  ? 10.180  3.405   5.808   1.00 32.93  ? 93  PHE A CE2 1 
ATOM   752  C CZ  . PHE A 1 97  ? 9.976   2.887   4.530   1.00 32.68  ? 93  PHE A CZ  1 
ATOM   753  N N   . LYS A 1 98  ? 7.906   -2.197  8.380   1.00 38.00  ? 94  LYS A N   1 
ATOM   754  C CA  . LYS A 1 98  ? 7.817   -3.548  8.925   1.00 42.16  ? 94  LYS A CA  1 
ATOM   755  C C   . LYS A 1 98  ? 8.442   -4.517  7.933   1.00 46.94  ? 94  LYS A C   1 
ATOM   756  O O   . LYS A 1 98  ? 8.129   -4.470  6.747   1.00 39.82  ? 94  LYS A O   1 
ATOM   757  C CB  . LYS A 1 98  ? 6.402   -3.922  9.279   1.00 45.08  ? 94  LYS A CB  1 
ATOM   758  C CG  . LYS A 1 98  ? 6.304   -5.373  9.705   1.00 53.01  ? 94  LYS A CG  1 
ATOM   759  C CD  . LYS A 1 98  ? 5.159   -5.673  10.616  1.00 52.92  ? 94  LYS A CD  1 
ATOM   760  C CE  . LYS A 1 98  ? 5.279   -7.130  11.070  1.00 59.87  ? 94  LYS A CE  1 
ATOM   761  N NZ  . LYS A 1 98  ? 4.058   -7.549  11.819  1.00 66.13  ? 94  LYS A NZ  1 
ATOM   762  N N   . ALA A 1 99  ? 9.373   -5.358  8.429   1.00 53.23  ? 95  ALA A N   1 
ATOM   763  C CA  . ALA A 1 99  ? 10.155  -6.282  7.598   1.00 53.35  ? 95  ALA A CA  1 
ATOM   764  C C   . ALA A 1 99  ? 9.756   -7.685  8.009   1.00 54.20  ? 95  ALA A C   1 
ATOM   765  O O   . ALA A 1 99  ? 10.003  -8.103  9.139   1.00 58.85  ? 95  ALA A O   1 
ATOM   766  C CB  . ALA A 1 99  ? 11.650  -6.048  7.813   1.00 57.68  ? 95  ALA A CB  1 
ATOM   767  N N   . GLY A 1 100 ? 9.058   -8.391  7.139   1.00 53.23  ? 96  GLY A N   1 
ATOM   768  C CA  . GLY A 1 100 ? 8.626   -9.727  7.472   1.00 48.89  ? 96  GLY A CA  1 
ATOM   769  C C   . GLY A 1 100 ? 7.761   -9.773  8.698   1.00 57.85  ? 96  GLY A C   1 
ATOM   770  O O   . GLY A 1 100 ? 7.339   -8.716  9.174   1.00 58.88  ? 96  GLY A O   1 
ATOM   771  N N   . GLY A 1 101 ? 7.519   -10.984 9.220   1.00 50.72  ? 97  GLY A N   1 
ATOM   772  C CA  . GLY A 1 101 ? 6.705   -11.180 10.431  1.00 54.26  ? 97  GLY A CA  1 
ATOM   773  C C   . GLY A 1 101 ? 5.257   -11.237 9.946   1.00 61.11  ? 97  GLY A C   1 
ATOM   774  O O   . GLY A 1 101 ? 5.017   -11.150 8.725   1.00 46.72  ? 97  GLY A O   1 
ATOM   775  N N   . SER A 1 102 ? 4.287   -11.333 10.867  1.00 62.85  ? 98  SER A N   1 
ATOM   776  C CA  . SER A 1 102 ? 2.898   -11.710 10.480  1.00 63.13  ? 98  SER A CA  1 
ATOM   777  C C   . SER A 1 102 ? 2.143   -10.617 9.697   1.00 69.61  ? 98  SER A C   1 
ATOM   778  O O   . SER A 1 102 ? 2.357   -9.416  9.953   1.00 60.38  ? 98  SER A O   1 
ATOM   779  C CB  . SER A 1 102 ? 2.067   -12.160 11.697  1.00 66.47  ? 98  SER A CB  1 
ATOM   780  O OG  . SER A 1 102 ? 0.962   -11.318 11.956  1.00 66.82  ? 98  SER A OG  1 
ATOM   781  N N   . ALA A 1 103 ? 1.261   -11.044 8.770   1.00 73.90  ? 99  ALA A N   1 
ATOM   782  C CA  . ALA A 1 103 ? 0.368   -10.129 8.022   1.00 68.51  ? 99  ALA A CA  1 
ATOM   783  C C   . ALA A 1 103 ? -0.700  -9.740  8.988   1.00 72.16  ? 99  ALA A C   1 
ATOM   784  O O   . ALA A 1 103 ? -1.834  -10.291 8.917   1.00 60.36  ? 99  ALA A O   1 
ATOM   785  C CB  . ALA A 1 103 ? -0.259  -10.791 6.811   1.00 72.60  ? 99  ALA A CB  1 
ATOM   786  N N   . ALA A 1 104 ? -0.337  -8.778  9.857   1.00 64.09  ? 100 ALA A N   1 
ATOM   787  C CA  . ALA A 1 104 ? -0.973  -8.572  11.187  1.00 69.12  ? 100 ALA A CA  1 
ATOM   788  C C   . ALA A 1 104 ? -2.470  -8.245  11.052  1.00 69.83  ? 100 ALA A C   1 
ATOM   789  O O   . ALA A 1 104 ? -2.977  -7.194  11.474  1.00 75.07  ? 100 ALA A O   1 
ATOM   790  C CB  . ALA A 1 104 ? -0.208  -7.538  12.051  1.00 59.78  ? 100 ALA A CB  1 
ATOM   791  N N   . GLY A 1 105 ? -3.165  -9.206  10.462  1.00 62.30  ? 101 GLY A N   1 
ATOM   792  C CA  . GLY A 1 105 ? -4.541  -9.062  10.093  1.00 63.25  ? 101 GLY A CA  1 
ATOM   793  C C   . GLY A 1 105 ? -4.763  -8.079  8.963   1.00 50.15  ? 101 GLY A C   1 
ATOM   794  O O   . GLY A 1 105 ? -5.948  -7.771  8.748   1.00 61.44  ? 101 GLY A O   1 
ATOM   795  N N   . ASN A 1 106 ? -3.712  -7.578  8.277   1.00 40.63  ? 102 ASN A N   1 
ATOM   796  C CA  . ASN A 1 106 ? -3.958  -6.765  7.019   1.00 37.04  ? 102 ASN A CA  1 
ATOM   797  C C   . ASN A 1 106 ? -4.157  -7.695  5.888   1.00 35.67  ? 102 ASN A C   1 
ATOM   798  O O   . ASN A 1 106 ? -3.264  -8.434  5.490   1.00 31.12  ? 102 ASN A O   1 
ATOM   799  C CB  . ASN A 1 106 ? -2.935  -5.715  6.639   1.00 36.64  ? 102 ASN A CB  1 
ATOM   800  C CG  . ASN A 1 106 ? -3.404  -4.846  5.436   1.00 33.41  ? 102 ASN A CG  1 
ATOM   801  O OD1 . ASN A 1 106 ? -3.327  -5.224  4.299   1.00 30.65  ? 102 ASN A OD1 1 
ATOM   802  N ND2 . ASN A 1 106 ? -3.942  -3.707  5.736   1.00 30.44  ? 102 ASN A ND2 1 
ATOM   803  N N   . ARG A 1 107 ? -5.337  -7.634  5.298   1.00 32.11  ? 103 ARG A N   1 
ATOM   804  C CA  . ARG A 1 107 ? -5.737  -8.683  4.333   1.00 32.75  ? 103 ARG A CA  1 
ATOM   805  C C   . ARG A 1 107 ? -5.140  -8.458  3.004   1.00 28.55  ? 103 ARG A C   1 
ATOM   806  O O   . ARG A 1 107 ? -4.930  -9.401  2.205   1.00 24.91  ? 103 ARG A O   1 
ATOM   807  C CB  . ARG A 1 107 ? -7.269  -8.839  4.290   1.00 36.81  ? 103 ARG A CB  1 
ATOM   808  C CG  . ARG A 1 107 ? -7.830  -9.549  5.517   1.00 47.66  ? 103 ARG A CG  1 
ATOM   809  C CD  . ARG A 1 107 ? -8.258  -8.577  6.612   1.00 56.55  ? 103 ARG A CD  1 
ATOM   810  N NE  . ARG A 1 107 ? -8.525  -9.250  7.891   1.00 74.08  ? 103 ARG A NE  1 
ATOM   811  C CZ  . ARG A 1 107 ? -9.722  -9.392  8.502   1.00 83.68  ? 103 ARG A CZ  1 
ATOM   812  N NH1 . ARG A 1 107 ? -10.867 -8.880  7.995   1.00 85.92  ? 103 ARG A NH1 1 
ATOM   813  N NH2 . ARG A 1 107 ? -9.777  -10.058 9.664   1.00 74.15  ? 103 ARG A NH2 1 
ATOM   814  N N   . GLY A 1 108 ? -4.754  -7.212  2.732   1.00 25.81  ? 104 GLY A N   1 
ATOM   815  C CA  . GLY A 1 108 ? -3.975  -7.018  1.486   1.00 28.18  ? 104 GLY A CA  1 
ATOM   816  C C   . GLY A 1 108 ? -2.565  -7.604  1.595   1.00 24.82  ? 104 GLY A C   1 
ATOM   817  O O   . GLY A 1 108 ? -2.135  -8.325  0.709   1.00 29.94  ? 104 GLY A O   1 
ATOM   818  N N   . VAL A 1 109 ? -1.920  -7.311  2.710   1.00 30.70  ? 105 VAL A N   1 
ATOM   819  C CA  . VAL A 1 109 ? -0.570  -7.889  3.031   1.00 33.17  ? 105 VAL A CA  1 
ATOM   820  C C   . VAL A 1 109 ? -0.698  -9.454  3.082   1.00 32.17  ? 105 VAL A C   1 
ATOM   821  O O   . VAL A 1 109 ? 0.072   -10.157 2.471   1.00 32.22  ? 105 VAL A O   1 
ATOM   822  C CB  . VAL A 1 109 ? -0.033  -7.265  4.284   1.00 31.67  ? 105 VAL A CB  1 
ATOM   823  C CG1 . VAL A 1 109 ? 1.285   -7.978  4.840   1.00 31.69  ? 105 VAL A CG1 1 
ATOM   824  C CG2 . VAL A 1 109 ? 0.246   -5.793  3.985   1.00 31.64  ? 105 VAL A CG2 1 
ATOM   825  N N   . LEU A 1 110 ? -1.744  -9.949  3.738   1.00 35.00  ? 106 LEU A N   1 
ATOM   826  C CA  . LEU A 1 110 ? -2.000  -11.396 3.766   1.00 32.42  ? 106 LEU A CA  1 
ATOM   827  C C   . LEU A 1 110 ? -2.144  -11.978 2.366   1.00 32.22  ? 106 LEU A C   1 
ATOM   828  O O   . LEU A 1 110 ? -1.470  -12.988 2.080   1.00 31.15  ? 106 LEU A O   1 
ATOM   829  C CB  . LEU A 1 110 ? -3.214  -11.730 4.604   1.00 34.29  ? 106 LEU A CB  1 
ATOM   830  C CG  . LEU A 1 110 ? -3.383  -13.231 4.919   1.00 35.79  ? 106 LEU A CG  1 
ATOM   831  C CD1 . LEU A 1 110 ? -2.158  -13.776 5.679   1.00 36.00  ? 106 LEU A CD1 1 
ATOM   832  C CD2 . LEU A 1 110 ? -4.647  -13.430 5.764   1.00 33.03  ? 106 LEU A CD2 1 
ATOM   833  N N   . SER A 1 111 ? -2.926  -11.345 1.456   1.00 30.40  ? 107 SER A N   1 
ATOM   834  C CA  . SER A 1 111 ? -3.056  -11.896 0.111   1.00 29.56  ? 107 SER A CA  1 
ATOM   835  C C   . SER A 1 111 ? -1.724  -11.954 -0.659  1.00 33.12  ? 107 SER A C   1 
ATOM   836  O O   . SER A 1 111 ? -1.530  -12.852 -1.521  1.00 32.99  ? 107 SER A O   1 
ATOM   837  C CB  . SER A 1 111 ? -4.102  -11.211 -0.741  1.00 35.82  ? 107 SER A CB  1 
ATOM   838  O OG  . SER A 1 111 ? -3.669  -10.057 -1.434  1.00 34.09  ? 107 SER A OG  1 
ATOM   839  N N   . ILE A 1 112 ? -0.840  -10.986 -0.376  1.00 31.06  ? 108 ILE A N   1 
ATOM   840  C CA  . ILE A 1 112 ? 0.482   -10.970 -1.060  1.00 30.98  ? 108 ILE A CA  1 
ATOM   841  C C   . ILE A 1 112 ? 1.332   -12.094 -0.416  1.00 31.10  ? 108 ILE A C   1 
ATOM   842  O O   . ILE A 1 112 ? 2.005   -12.794 -1.102  1.00 34.34  ? 108 ILE A O   1 
ATOM   843  C CB  . ILE A 1 112 ? 1.132   -9.561  -1.029  1.00 32.16  ? 108 ILE A CB  1 
ATOM   844  C CG1 . ILE A 1 112 ? 0.209   -8.527  -1.764  1.00 29.22  ? 108 ILE A CG1 1 
ATOM   845  C CG2 . ILE A 1 112 ? 2.616   -9.588  -1.556  1.00 31.25  ? 108 ILE A CG2 1 
ATOM   846  C CD1 . ILE A 1 112 ? 0.513   -7.084  -1.366  1.00 30.37  ? 108 ILE A CD1 1 
ATOM   847  N N   . GLU A 1 113 ? 1.284   -12.278 0.897   1.00 34.12  ? 109 GLU A N   1 
ATOM   848  C CA  . GLU A 1 113 ? 2.007   -13.395 1.496   1.00 33.16  ? 109 GLU A CA  1 
ATOM   849  C C   . GLU A 1 113 ? 1.534   -14.712 0.891   1.00 38.51  ? 109 GLU A C   1 
ATOM   850  O O   . GLU A 1 113 ? 2.341   -15.553 0.548   1.00 34.24  ? 109 GLU A O   1 
ATOM   851  C CB  . GLU A 1 113 ? 1.808   -13.506 2.986   1.00 39.79  ? 109 GLU A CB  1 
ATOM   852  C CG  . GLU A 1 113 ? 2.259   -12.340 3.836   1.00 42.17  ? 109 GLU A CG  1 
ATOM   853  C CD  . GLU A 1 113 ? 1.966   -12.555 5.321   1.00 45.82  ? 109 GLU A CD  1 
ATOM   854  O OE1 . GLU A 1 113 ? 1.165   -13.447 5.709   1.00 51.73  ? 109 GLU A OE1 1 
ATOM   855  O OE2 . GLU A 1 113 ? 2.557   -11.797 6.113   1.00 47.65  ? 109 GLU A OE2 1 
ATOM   856  N N   . GLU A 1 114 ? 0.218   -14.873 0.730   1.00 32.74  ? 110 GLU A N   1 
ATOM   857  C CA  . GLU A 1 114 ? -0.330  -16.107 0.193   1.00 33.39  ? 110 GLU A CA  1 
ATOM   858  C C   . GLU A 1 114 ? 0.151   -16.322 -1.177  1.00 35.34  ? 110 GLU A C   1 
ATOM   859  O O   . GLU A 1 114 ? 0.576   -17.426 -1.522  1.00 37.06  ? 110 GLU A O   1 
ATOM   860  C CB  . GLU A 1 114 ? -1.896  -16.092 0.153   1.00 32.90  ? 110 GLU A CB  1 
ATOM   861  C CG  . GLU A 1 114 ? -2.623  -16.098 1.484   1.00 36.62  ? 110 GLU A CG  1 
ATOM   862  C CD  . GLU A 1 114 ? -4.153  -15.933 1.241   1.00 45.63  ? 110 GLU A CD  1 
ATOM   863  O OE1 . GLU A 1 114 ? -4.613  -14.796 0.998   1.00 47.16  ? 110 GLU A OE1 1 
ATOM   864  O OE2 . GLU A 1 114 ? -4.879  -16.944 1.217   1.00 50.95  ? 110 GLU A OE2 1 
ATOM   865  N N   . ALA A 1 115 ? 0.061   -15.295 -2.016  1.00 35.92  ? 111 ALA A N   1 
ATOM   866  C CA  . ALA A 1 115 ? 0.413   -15.481 -3.432  1.00 34.61  ? 111 ALA A CA  1 
ATOM   867  C C   . ALA A 1 115 ? 1.912   -15.630 -3.641  1.00 35.63  ? 111 ALA A C   1 
ATOM   868  O O   . ALA A 1 115 ? 2.330   -16.272 -4.585  1.00 37.71  ? 111 ALA A O   1 
ATOM   869  C CB  . ALA A 1 115 ? -0.132  -14.351 -4.293  1.00 34.53  ? 111 ALA A CB  1 
ATOM   870  N N   . LEU A 1 116 ? 2.726   -15.044 -2.786  1.00 36.97  ? 112 LEU A N   1 
ATOM   871  C CA  . LEU A 1 116 ? 4.178   -15.166 -2.950  1.00 42.69  ? 112 LEU A CA  1 
ATOM   872  C C   . LEU A 1 116 ? 4.722   -16.422 -2.266  1.00 40.50  ? 112 LEU A C   1 
ATOM   873  O O   . LEU A 1 116 ? 5.819   -16.807 -2.566  1.00 44.42  ? 112 LEU A O   1 
ATOM   874  C CB  . LEU A 1 116 ? 4.931   -14.002 -2.301  1.00 37.56  ? 112 LEU A CB  1 
ATOM   875  C CG  . LEU A 1 116 ? 4.843   -12.618 -2.937  1.00 43.65  ? 112 LEU A CG  1 
ATOM   876  C CD1 . LEU A 1 116 ? 5.616   -11.641 -2.070  1.00 38.97  ? 112 LEU A CD1 1 
ATOM   877  C CD2 . LEU A 1 116 ? 5.314   -12.577 -4.384  1.00 40.58  ? 112 LEU A CD2 1 
ATOM   878  N N   . GLY A 1 117 ? 4.047   -16.902 -1.241  1.00 41.12  ? 113 GLY A N   1 
ATOM   879  C CA  . GLY A 1 117 ? 4.539   -18.000 -0.427  1.00 40.37  ? 113 GLY A CA  1 
ATOM   880  C C   . GLY A 1 117 ? 5.588   -17.515 0.557   1.00 48.06  ? 113 GLY A C   1 
ATOM   881  O O   . GLY A 1 117 ? 6.364   -18.314 1.079   1.00 35.56  ? 113 GLY A O   1 
ATOM   882  N N   . THR A 1 118 ? 5.643   -16.215 0.845   1.00 39.61  ? 114 THR A N   1 
ATOM   883  C CA  . THR A 1 118 ? 6.544   -15.762 1.875   1.00 36.93  ? 114 THR A CA  1 
ATOM   884  C C   . THR A 1 118 ? 6.011   -14.549 2.695   1.00 39.38  ? 114 THR A C   1 
ATOM   885  O O   . THR A 1 118 ? 5.254   -13.762 2.164   1.00 39.04  ? 114 THR A O   1 
ATOM   886  C CB  . THR A 1 118 ? 7.938   -15.445 1.267   1.00 38.21  ? 114 THR A CB  1 
ATOM   887  O OG1 . THR A 1 118 ? 8.796   -14.980 2.307   1.00 36.02  ? 114 THR A OG1 1 
ATOM   888  C CG2 . THR A 1 118 ? 7.881   -14.444 0.183   1.00 40.58  ? 114 THR A CG2 1 
ATOM   889  N N   . ARG A 1 119 ? 6.410   -14.458 3.964   1.00 41.20  ? 115 ARG A N   1 
ATOM   890  C CA  . ARG A 1 119 ? 6.195   -13.290 4.845   1.00 41.79  ? 115 ARG A CA  1 
ATOM   891  C C   . ARG A 1 119 ? 7.373   -12.242 4.759   1.00 42.30  ? 115 ARG A C   1 
ATOM   892  O O   . ARG A 1 119 ? 7.312   -11.212 5.399   1.00 40.16  ? 115 ARG A O   1 
ATOM   893  C CB  . ARG A 1 119 ? 6.010   -13.718 6.330   1.00 44.18  ? 115 ARG A CB  1 
ATOM   894  C CG  . ARG A 1 119 ? 4.824   -14.662 6.633   1.00 55.15  ? 115 ARG A CG  1 
ATOM   895  C CD  . ARG A 1 119 ? 4.316   -14.661 8.111   1.00 65.46  ? 115 ARG A CD  1 
ATOM   896  N NE  . ARG A 1 119 ? 2.812   -14.552 8.196   1.00 86.71  ? 115 ARG A NE  1 
ATOM   897  C CZ  . ARG A 1 119 ? 2.031   -14.657 9.297   1.00 82.17  ? 115 ARG A CZ  1 
ATOM   898  N NH1 . ARG A 1 119 ? 2.569   -14.903 10.491  1.00 89.66  ? 115 ARG A NH1 1 
ATOM   899  N NH2 . ARG A 1 119 ? 0.694   -14.520 9.207   1.00 65.80  ? 115 ARG A NH2 1 
ATOM   900  N N   . ALA A 1 120 ? 8.419   -12.479 3.974   1.00 41.06  ? 116 ALA A N   1 
ATOM   901  C CA  . ALA A 1 120 ? 9.719   -11.743 4.113   1.00 43.06  ? 116 ALA A CA  1 
ATOM   902  C C   . ALA A 1 120 ? 9.810   -10.453 3.256   1.00 43.24  ? 116 ALA A C   1 
ATOM   903  O O   . ALA A 1 120 ? 10.881  -10.095 2.774   1.00 54.83  ? 116 ALA A O   1 
ATOM   904  C CB  . ALA A 1 120 ? 10.866  -12.675 3.713   1.00 42.70  ? 116 ALA A CB  1 
ATOM   905  N N   . PHE A 1 121 ? 8.686   -9.818  2.975   1.00 36.89  ? 117 PHE A N   1 
ATOM   906  C CA  . PHE A 1 121 ? 8.709   -8.597  2.205   1.00 31.46  ? 117 PHE A CA  1 
ATOM   907  C C   . PHE A 1 121 ? 8.409   -7.482  3.187   1.00 27.20  ? 117 PHE A C   1 
ATOM   908  O O   . PHE A 1 121 ? 8.089   -7.695  4.372   1.00 31.04  ? 117 PHE A O   1 
ATOM   909  C CB  . PHE A 1 121 ? 7.759   -8.654  1.001   1.00 34.49  ? 117 PHE A CB  1 
ATOM   910  C CG  . PHE A 1 121 ? 6.318   -8.900  1.405   1.00 31.67  ? 117 PHE A CG  1 
ATOM   911  C CD1 . PHE A 1 121 ? 5.827   -10.195 1.511   1.00 36.98  ? 117 PHE A CD1 1 
ATOM   912  C CD2 . PHE A 1 121 ? 5.471   -7.828  1.761   1.00 36.58  ? 117 PHE A CD2 1 
ATOM   913  C CE1 . PHE A 1 121 ? 4.494   -10.442 1.865   1.00 39.78  ? 117 PHE A CE1 1 
ATOM   914  C CE2 . PHE A 1 121 ? 4.148   -8.062  2.136   1.00 35.71  ? 117 PHE A CE2 1 
ATOM   915  C CZ  . PHE A 1 121 ? 3.659   -9.377  2.206   1.00 37.25  ? 117 PHE A CZ  1 
ATOM   916  N N   . HIS A 1 122 ? 8.682   -6.279  2.735   1.00 31.27  ? 118 HIS A N   1 
ATOM   917  C CA  . HIS A 1 122 ? 8.572   -5.084  3.577   1.00 30.81  ? 118 HIS A CA  1 
ATOM   918  C C   . HIS A 1 122 ? 7.218   -4.411  3.428   1.00 29.08  ? 118 HIS A C   1 
ATOM   919  O O   . HIS A 1 122 ? 6.591   -4.531  2.410   1.00 28.42  ? 118 HIS A O   1 
ATOM   920  C CB  . HIS A 1 122 ? 9.693   -4.105  3.185   1.00 35.61  ? 118 HIS A CB  1 
ATOM   921  C CG  . HIS A 1 122 ? 11.029  -4.681  3.498   1.00 38.60  ? 118 HIS A CG  1 
ATOM   922  N ND1 . HIS A 1 122 ? 11.667  -4.427  4.687   1.00 38.98  ? 118 HIS A ND1 1 
ATOM   923  C CD2 . HIS A 1 122 ? 11.725  -5.688  2.899   1.00 44.88  ? 118 HIS A CD2 1 
ATOM   924  C CE1 . HIS A 1 122 ? 12.761  -5.183  4.760   1.00 44.14  ? 118 HIS A CE1 1 
ATOM   925  N NE2 . HIS A 1 122 ? 12.805  -5.971  3.703   1.00 41.73  ? 118 HIS A NE2 1 
ATOM   926  N N   . ARG A 1 123 ? 6.797   -3.724  4.491   1.00 29.90  ? 119 ARG A N   1 
ATOM   927  C CA  . ARG A 1 123 ? 5.574   -3.009  4.482   1.00 31.88  ? 119 ARG A CA  1 
ATOM   928  C C   . ARG A 1 123 ? 5.813   -1.646  5.090   1.00 35.21  ? 119 ARG A C   1 
ATOM   929  O O   . ARG A 1 123 ? 6.656   -1.472  5.987   1.00 33.44  ? 119 ARG A O   1 
ATOM   930  C CB  . ARG A 1 123 ? 4.449   -3.738  5.230   1.00 31.95  ? 119 ARG A CB  1 
ATOM   931  C CG  . ARG A 1 123 ? 4.225   -5.183  4.812   1.00 37.99  ? 119 ARG A CG  1 
ATOM   932  C CD  . ARG A 1 123 ? 4.958   -5.991  5.874   1.00 42.92  ? 119 ARG A CD  1 
ATOM   933  N NE  . ARG A 1 123 ? 5.132   -7.389  5.631   1.00 54.60  ? 119 ARG A NE  1 
ATOM   934  C CZ  . ARG A 1 123 ? 4.772   -8.365  6.459   1.00 47.94  ? 119 ARG A CZ  1 
ATOM   935  N NH1 . ARG A 1 123 ? 4.140   -8.161  7.595   1.00 48.04  ? 119 ARG A NH1 1 
ATOM   936  N NH2 . ARG A 1 123 ? 5.032   -9.583  6.095   1.00 58.35  ? 119 ARG A NH2 1 
ATOM   937  N N   . LEU A 1 124 ? 5.081   -0.681  4.562   1.00 29.10  ? 120 LEU A N   1 
ATOM   938  C CA  . LEU A 1 124 ? 5.044   0.663   5.138   1.00 26.56  ? 120 LEU A CA  1 
ATOM   939  C C   . LEU A 1 124 ? 3.639   0.845   5.634   1.00 27.82  ? 120 LEU A C   1 
ATOM   940  O O   . LEU A 1 124 ? 2.645   0.965   4.834   1.00 24.24  ? 120 LEU A O   1 
ATOM   941  C CB  . LEU A 1 124 ? 5.424   1.723   4.132   1.00 25.42  ? 120 LEU A CB  1 
ATOM   942  C CG  . LEU A 1 124 ? 5.378   3.209   4.627   1.00 23.69  ? 120 LEU A CG  1 
ATOM   943  C CD1 . LEU A 1 124 ? 6.273   3.509   5.797   1.00 27.96  ? 120 LEU A CD1 1 
ATOM   944  C CD2 . LEU A 1 124 ? 5.741   4.158   3.541   1.00 24.51  ? 120 LEU A CD2 1 
ATOM   945  N N   . ARG A 1 125 ? 3.568   0.844   6.948   1.00 27.64  ? 121 ARG A N   1 
ATOM   946  C CA  . ARG A 1 125 ? 2.343   0.971   7.682   1.00 32.00  ? 121 ARG A CA  1 
ATOM   947  C C   . ARG A 1 125 ? 2.009   2.444   8.016   1.00 28.74  ? 121 ARG A C   1 
ATOM   948  O O   . ARG A 1 125 ? 2.722   3.118   8.777   1.00 25.65  ? 121 ARG A O   1 
ATOM   949  C CB  . ARG A 1 125 ? 2.467   0.162   8.973   1.00 34.55  ? 121 ARG A CB  1 
ATOM   950  C CG  . ARG A 1 125 ? 2.809   -1.323  8.718   1.00 42.22  ? 121 ARG A CG  1 
ATOM   951  C CD  . ARG A 1 125 ? 3.309   -2.117  9.955   1.00 49.25  ? 121 ARG A CD  1 
ATOM   952  N NE  . ARG A 1 125 ? 2.381   -2.063  11.048  1.00 51.65  ? 121 ARG A NE  1 
ATOM   953  C CZ  . ARG A 1 125 ? 2.619   -1.633  12.307  1.00 64.39  ? 121 ARG A CZ  1 
ATOM   954  N NH1 . ARG A 1 125 ? 3.822   -1.233  12.758  1.00 60.86  ? 121 ARG A NH1 1 
ATOM   955  N NH2 . ARG A 1 125 ? 1.602   -1.616  13.168  1.00 67.60  ? 121 ARG A NH2 1 
ATOM   956  N N   . LEU A 1 126 ? 0.848   2.858   7.521   1.00 29.42  ? 122 LEU A N   1 
ATOM   957  C CA  . LEU A 1 126 ? 0.366   4.221   7.663   1.00 28.15  ? 122 LEU A CA  1 
ATOM   958  C C   . LEU A 1 126 ? -0.822  4.234   8.597   1.00 25.22  ? 122 LEU A C   1 
ATOM   959  O O   . LEU A 1 126 ? -1.892  3.889   8.211   1.00 28.37  ? 122 LEU A O   1 
ATOM   960  C CB  . LEU A 1 126 ? -0.016  4.756   6.263   1.00 31.03  ? 122 LEU A CB  1 
ATOM   961  C CG  . LEU A 1 126 ? 1.076   4.661   5.163   1.00 32.13  ? 122 LEU A CG  1 
ATOM   962  C CD1 . LEU A 1 126 ? 0.665   5.385   3.868   1.00 33.14  ? 122 LEU A CD1 1 
ATOM   963  C CD2 . LEU A 1 126 ? 2.399   5.202   5.640   1.00 31.37  ? 122 LEU A CD2 1 
ATOM   964  N N   . GLY A 1 127 ? -0.619  4.678   9.827   1.00 26.34  ? 123 GLY A N   1 
ATOM   965  C CA  . GLY A 1 127 ? -1.679  4.694   10.809  1.00 33.15  ? 123 GLY A CA  1 
ATOM   966  C C   . GLY A 1 127 ? -2.893  5.510   10.438  1.00 32.48  ? 123 GLY A C   1 
ATOM   967  O O   . GLY A 1 127 ? -2.751  6.600   9.869   1.00 27.87  ? 123 GLY A O   1 
ATOM   968  N N   . ILE A 1 128 ? -4.064  4.897   10.620  1.00 32.72  ? 124 ILE A N   1 
ATOM   969  C CA  . ILE A 1 128 ? -5.338  5.600   10.390  1.00 31.21  ? 124 ILE A CA  1 
ATOM   970  C C   . ILE A 1 128 ? -6.235  5.607   11.638  1.00 35.51  ? 124 ILE A C   1 
ATOM   971  O O   . ILE A 1 128 ? -7.328  6.103   11.548  1.00 35.03  ? 124 ILE A O   1 
ATOM   972  C CB  . ILE A 1 128 ? -6.103  5.036   9.161   1.00 28.73  ? 124 ILE A CB  1 
ATOM   973  C CG1 . ILE A 1 128 ? -6.508  3.570   9.328   1.00 26.33  ? 124 ILE A CG1 1 
ATOM   974  C CG2 . ILE A 1 128 ? -5.349  5.332   7.868   1.00 31.37  ? 124 ILE A CG2 1 
ATOM   975  C CD1 . ILE A 1 128 ? -7.507  3.075   8.345   1.00 27.83  ? 124 ILE A CD1 1 
ATOM   976  N N   . GLY A 1 129 ? -5.777  5.077   12.780  1.00 38.33  ? 125 GLY A N   1 
ATOM   977  C CA  . GLY A 1 129 ? -6.643  4.915   13.987  1.00 43.73  ? 125 GLY A CA  1 
ATOM   978  C C   . GLY A 1 129 ? -7.668  3.802   13.827  1.00 44.69  ? 125 GLY A C   1 
ATOM   979  O O   . GLY A 1 129 ? -7.751  3.179   12.758  1.00 39.14  ? 125 GLY A O   1 
ATOM   980  N N   . LYS A 1 130 ? -8.460  3.550   14.877  1.00 53.16  ? 126 LYS A N   1 
ATOM   981  C CA  . LYS A 1 130 ? -9.525  2.483   14.884  1.00 54.86  ? 126 LYS A CA  1 
ATOM   982  C C   . LYS A 1 130 ? -10.905 3.149   14.927  1.00 51.12  ? 126 LYS A C   1 
ATOM   983  O O   . LYS A 1 130 ? -11.025 4.263   15.407  1.00 44.99  ? 126 LYS A O   1 
ATOM   984  C CB  . LYS A 1 130 ? -9.449  1.573   16.138  1.00 61.61  ? 126 LYS A CB  1 
ATOM   985  C CG  . LYS A 1 130 ? -8.084  1.194   16.714  1.00 69.99  ? 126 LYS A CG  1 
ATOM   986  C CD  . LYS A 1 130 ? -7.417  -0.041  16.063  1.00 82.77  ? 126 LYS A CD  1 
ATOM   987  C CE  . LYS A 1 130 ? -8.206  -1.352  16.026  1.00 87.74  ? 126 LYS A CE  1 
ATOM   988  N NZ  . LYS A 1 130 ? -8.933  -1.613  17.292  1.00 99.82  ? 126 LYS A NZ  1 
ATOM   989  N N   . PRO A 1 131 ? -11.961 2.458   14.494  1.00 49.08  ? 127 PRO A N   1 
ATOM   990  C CA  . PRO A 1 131 ? -13.298 2.994   14.799  1.00 54.92  ? 127 PRO A CA  1 
ATOM   991  C C   . PRO A 1 131 ? -13.660 2.810   16.281  1.00 65.89  ? 127 PRO A C   1 
ATOM   992  O O   . PRO A 1 131 ? -13.097 1.917   16.916  1.00 60.43  ? 127 PRO A O   1 
ATOM   993  C CB  . PRO A 1 131 ? -14.217 2.150   13.939  1.00 56.78  ? 127 PRO A CB  1 
ATOM   994  C CG  . PRO A 1 131 ? -13.438 0.933   13.554  1.00 53.51  ? 127 PRO A CG  1 
ATOM   995  C CD  . PRO A 1 131 ? -12.003 1.127   13.878  1.00 54.51  ? 127 PRO A CD  1 
ATOM   996  N N   . PRO A 1 132 ? -14.602 3.619   16.834  1.00 82.08  ? 128 PRO A N   1 
ATOM   997  C CA  . PRO A 1 132 ? -15.007 3.342   18.237  1.00 86.18  ? 128 PRO A CA  1 
ATOM   998  C C   . PRO A 1 132 ? -15.428 1.870   18.522  1.00 85.06  ? 128 PRO A C   1 
ATOM   999  O O   . PRO A 1 132 ? -15.020 1.336   19.555  1.00 89.70  ? 128 PRO A O   1 
ATOM   1000 C CB  . PRO A 1 132 ? -16.136 4.342   18.499  1.00 86.34  ? 128 PRO A CB  1 
ATOM   1001 C CG  . PRO A 1 132 ? -15.897 5.452   17.521  1.00 87.15  ? 128 PRO A CG  1 
ATOM   1002 C CD  . PRO A 1 132 ? -15.159 4.891   16.333  1.00 85.42  ? 128 PRO A CD  1 
ATOM   1003 N N   . ASP A 1 133 ? -16.105 1.200   17.581  1.00 77.36  ? 129 ASP A N   1 
ATOM   1004 C CA  . ASP A 1 133 ? -16.538 -0.193  17.742  1.00 72.55  ? 129 ASP A CA  1 
ATOM   1005 C C   . ASP A 1 133 ? -15.815 -1.087  16.707  1.00 72.97  ? 129 ASP A C   1 
ATOM   1006 O O   . ASP A 1 133 ? -15.875 -0.817  15.502  1.00 68.02  ? 129 ASP A O   1 
ATOM   1007 C CB  . ASP A 1 133 ? -18.075 -0.260  17.656  1.00 74.28  ? 129 ASP A CB  1 
ATOM   1008 C CG  . ASP A 1 133 ? -18.618 -1.565  17.089  1.00 74.91  ? 129 ASP A CG  1 
ATOM   1009 O OD1 . ASP A 1 133 ? -18.009 -2.652  17.214  1.00 77.73  ? 129 ASP A OD1 1 
ATOM   1010 O OD2 . ASP A 1 133 ? -19.714 -1.482  16.501  1.00 86.24  ? 129 ASP A OD2 1 
ATOM   1011 N N   . PRO A 1 134 ? -15.133 -2.155  17.177  1.00 73.92  ? 130 PRO A N   1 
ATOM   1012 C CA  . PRO A 1 134 ? -14.418 -3.125  16.338  1.00 70.94  ? 130 PRO A CA  1 
ATOM   1013 C C   . PRO A 1 134 ? -15.195 -3.687  15.166  1.00 72.49  ? 130 PRO A C   1 
ATOM   1014 O O   . PRO A 1 134 ? -14.650 -3.783  14.062  1.00 81.03  ? 130 PRO A O   1 
ATOM   1015 C CB  . PRO A 1 134 ? -14.101 -4.255  17.312  1.00 77.86  ? 130 PRO A CB  1 
ATOM   1016 C CG  . PRO A 1 134 ? -13.938 -3.569  18.624  1.00 78.47  ? 130 PRO A CG  1 
ATOM   1017 C CD  . PRO A 1 134 ? -14.891 -2.411  18.613  1.00 79.61  ? 130 PRO A CD  1 
ATOM   1018 N N   . SER A 1 135 ? -16.463 -4.027  15.376  1.00 67.53  ? 131 SER A N   1 
ATOM   1019 C CA  . SER A 1 135 ? -17.276 -4.610  14.303  1.00 66.61  ? 131 SER A CA  1 
ATOM   1020 C C   . SER A 1 135 ? -17.504 -3.653  13.100  1.00 60.37  ? 131 SER A C   1 
ATOM   1021 O O   . SER A 1 135 ? -18.000 -4.079  12.036  1.00 54.14  ? 131 SER A O   1 
ATOM   1022 C CB  . SER A 1 135 ? -18.634 -5.104  14.855  1.00 69.29  ? 131 SER A CB  1 
ATOM   1023 O OG  . SER A 1 135 ? -19.489 -4.009  15.175  1.00 68.70  ? 131 SER A OG  1 
ATOM   1024 N N   . ARG A 1 136 ? -17.171 -2.372  13.266  1.00 53.28  ? 132 ARG A N   1 
ATOM   1025 C CA  . ARG A 1 136 ? -17.347 -1.396  12.212  1.00 58.00  ? 132 ARG A CA  1 
ATOM   1026 C C   . ARG A 1 136 ? -16.044 -1.081  11.449  1.00 55.66  ? 132 ARG A C   1 
ATOM   1027 O O   . ARG A 1 136 ? -15.982 -0.061  10.753  1.00 48.69  ? 132 ARG A O   1 
ATOM   1028 C CB  . ARG A 1 136 ? -17.954 -0.130  12.809  1.00 67.99  ? 132 ARG A CB  1 
ATOM   1029 C CG  . ARG A 1 136 ? -19.319 -0.380  13.443  1.00 77.12  ? 132 ARG A CG  1 
ATOM   1030 C CD  . ARG A 1 136 ? -20.054 0.911   13.749  1.00 86.30  ? 132 ARG A CD  1 
ATOM   1031 N NE  . ARG A 1 136 ? -19.569 1.546   14.980  1.00 104.90 ? 132 ARG A NE  1 
ATOM   1032 C CZ  . ARG A 1 136 ? -18.521 2.380   15.095  1.00 109.74 ? 132 ARG A CZ  1 
ATOM   1033 N NH1 . ARG A 1 136 ? -17.764 2.739   14.054  1.00 109.89 ? 132 ARG A NH1 1 
ATOM   1034 N NH2 . ARG A 1 136 ? -18.217 2.877   16.291  1.00 108.06 ? 132 ARG A NH2 1 
ATOM   1035 N N   . GLY A 1 137 ? -15.048 -1.970  11.552  1.00 50.85  ? 133 GLY A N   1 
ATOM   1036 C CA  . GLY A 1 137 ? -13.746 -1.784  10.938  1.00 43.32  ? 133 GLY A CA  1 
ATOM   1037 C C   . GLY A 1 137 ? -13.879 -1.608  9.442   1.00 45.13  ? 133 GLY A C   1 
ATOM   1038 O O   . GLY A 1 137 ? -13.349 -0.631  8.893   1.00 41.11  ? 133 GLY A O   1 
ATOM   1039 N N   . ALA A 1 138 ? -14.659 -2.480  8.791   1.00 38.58  ? 134 ALA A N   1 
ATOM   1040 C CA  . ALA A 1 138 ? -14.827 -2.408  7.339   1.00 42.53  ? 134 ALA A CA  1 
ATOM   1041 C C   . ALA A 1 138 ? -15.452 -1.075  6.967   1.00 44.13  ? 134 ALA A C   1 
ATOM   1042 O O   . ALA A 1 138 ? -15.065 -0.460  5.951   1.00 39.10  ? 134 ALA A O   1 
ATOM   1043 C CB  . ALA A 1 138 ? -15.625 -3.575  6.749   1.00 37.59  ? 134 ALA A CB  1 
ATOM   1044 N N   . GLU A 1 139 ? -16.372 -0.602  7.795   1.00 40.41  ? 135 GLU A N   1 
ATOM   1045 C CA  . GLU A 1 139 ? -17.071 0.623   7.483   1.00 42.69  ? 135 GLU A CA  1 
ATOM   1046 C C   . GLU A 1 139 ? -16.106 1.790   7.538   1.00 35.91  ? 135 GLU A C   1 
ATOM   1047 O O   . GLU A 1 139 ? -16.134 2.683   6.697   1.00 39.22  ? 135 GLU A O   1 
ATOM   1048 C CB  . GLU A 1 139 ? -18.221 0.865   8.500   1.00 50.41  ? 135 GLU A CB  1 
ATOM   1049 C CG  . GLU A 1 139 ? -19.223 1.899   8.042   1.00 56.82  ? 135 GLU A CG  1 
ATOM   1050 C CD  . GLU A 1 139 ? -20.072 2.476   9.173   1.00 73.18  ? 135 GLU A CD  1 
ATOM   1051 O OE1 . GLU A 1 139 ? -20.537 1.698   10.039  1.00 68.19  ? 135 GLU A OE1 1 
ATOM   1052 O OE2 . GLU A 1 139 ? -20.275 3.719   9.196   1.00 77.94  ? 135 GLU A OE2 1 
ATOM   1053 N N   . TYR A 1 140 ? -15.330 1.827   8.615   1.00 34.89  ? 136 TYR A N   1 
ATOM   1054 C CA  . TYR A 1 140 ? -14.342 2.856   8.879   1.00 35.78  ? 136 TYR A CA  1 
ATOM   1055 C C   . TYR A 1 140 ? -13.299 3.008   7.746   1.00 35.20  ? 136 TYR A C   1 
ATOM   1056 O O   . TYR A 1 140 ? -13.032 4.135   7.283   1.00 33.42  ? 136 TYR A O   1 
ATOM   1057 C CB  . TYR A 1 140 ? -13.639 2.476   10.127  1.00 36.57  ? 136 TYR A CB  1 
ATOM   1058 C CG  . TYR A 1 140 ? -12.656 3.459   10.616  1.00 37.37  ? 136 TYR A CG  1 
ATOM   1059 C CD1 . TYR A 1 140 ? -13.075 4.625   11.259  1.00 41.38  ? 136 TYR A CD1 1 
ATOM   1060 C CD2 . TYR A 1 140 ? -11.304 3.232   10.510  1.00 34.97  ? 136 TYR A CD2 1 
ATOM   1061 C CE1 . TYR A 1 140 ? -12.154 5.527   11.760  1.00 38.65  ? 136 TYR A CE1 1 
ATOM   1062 C CE2 . TYR A 1 140 ? -10.399 4.133   11.003  1.00 32.52  ? 136 TYR A CE2 1 
ATOM   1063 C CZ  . TYR A 1 140 ? -10.824 5.269   11.616  1.00 35.10  ? 136 TYR A CZ  1 
ATOM   1064 O OH  . TYR A 1 140 ? -9.907  6.148   12.135  1.00 35.77  ? 136 TYR A OH  1 
ATOM   1065 N N   . VAL A 1 141 ? -12.779 1.875   7.268   1.00 35.95  ? 137 VAL A N   1 
ATOM   1066 C CA  . VAL A 1 141 ? -11.781 1.914   6.200   1.00 32.77  ? 137 VAL A CA  1 
ATOM   1067 C C   . VAL A 1 141 ? -12.380 2.233   4.863   1.00 31.55  ? 137 VAL A C   1 
ATOM   1068 O O   . VAL A 1 141 ? -11.694 2.783   3.977   1.00 30.56  ? 137 VAL A O   1 
ATOM   1069 C CB  . VAL A 1 141 ? -10.861 0.671   6.108   1.00 29.75  ? 137 VAL A CB  1 
ATOM   1070 C CG1 . VAL A 1 141 ? -10.134 0.429   7.435   1.00 33.23  ? 137 VAL A CG1 1 
ATOM   1071 C CG2 . VAL A 1 141 ? -11.626 -0.523  5.597   1.00 31.88  ? 137 VAL A CG2 1 
ATOM   1072 N N   . LEU A 1 142 ? -13.647 1.872   4.658   1.00 32.80  ? 138 LEU A N   1 
ATOM   1073 C CA  . LEU A 1 142 ? -14.340 2.248   3.443   1.00 32.02  ? 138 LEU A CA  1 
ATOM   1074 C C   . LEU A 1 142 ? -15.075 3.608   3.522   1.00 32.60  ? 138 LEU A C   1 
ATOM   1075 O O   . LEU A 1 142 ? -15.878 3.909   2.661   1.00 29.30  ? 138 LEU A O   1 
ATOM   1076 C CB  . LEU A 1 142 ? -15.233 1.109   2.927   1.00 33.73  ? 138 LEU A CB  1 
ATOM   1077 C CG  . LEU A 1 142 ? -14.564 -0.257  2.829   1.00 33.15  ? 138 LEU A CG  1 
ATOM   1078 C CD1 . LEU A 1 142 ? -15.635 -1.268  2.463   1.00 36.06  ? 138 LEU A CD1 1 
ATOM   1079 C CD2 . LEU A 1 142 ? -13.421 -0.301  1.834   1.00 36.35  ? 138 LEU A CD2 1 
ATOM   1080 N N   . SER A 1 143 ? -14.717 4.424   4.490   1.00 32.62  ? 139 SER A N   1 
ATOM   1081 C CA  . SER A 1 143 ? -15.155 5.770   4.600   1.00 34.03  ? 139 SER A CA  1 
ATOM   1082 C C   . SER A 1 143 ? -14.002 6.698   4.218   1.00 39.87  ? 139 SER A C   1 
ATOM   1083 O O   . SER A 1 143 ? -12.817 6.291   4.350   1.00 33.73  ? 139 SER A O   1 
ATOM   1084 C CB  . SER A 1 143 ? -15.540 6.108   6.032   1.00 34.98  ? 139 SER A CB  1 
ATOM   1085 O OG  . SER A 1 143 ? -16.644 5.336   6.423   1.00 38.53  ? 139 SER A OG  1 
ATOM   1086 N N   . PRO A 1 144 ? -14.333 7.933   3.794   1.00 35.64  ? 140 PRO A N   1 
ATOM   1087 C CA  . PRO A 1 144 ? -13.359 8.969   3.663   1.00 34.01  ? 140 PRO A CA  1 
ATOM   1088 C C   . PRO A 1 144 ? -12.819 9.391   4.978   1.00 32.46  ? 140 PRO A C   1 
ATOM   1089 O O   . PRO A 1 144 ? -13.430 9.179   5.999   1.00 32.08  ? 140 PRO A O   1 
ATOM   1090 C CB  . PRO A 1 144 ? -14.135 10.129  2.988   1.00 36.32  ? 140 PRO A CB  1 
ATOM   1091 C CG  . PRO A 1 144 ? -15.549 9.873   3.372   1.00 40.13  ? 140 PRO A CG  1 
ATOM   1092 C CD  . PRO A 1 144 ? -15.639 8.372   3.245   1.00 40.86  ? 140 PRO A CD  1 
ATOM   1093 N N   . PHE A 1 145 ? -11.661 10.029  4.985   1.00 28.82  ? 141 PHE A N   1 
ATOM   1094 C CA  . PHE A 1 145 ? -11.203 10.687  6.216   1.00 30.28  ? 141 PHE A CA  1 
ATOM   1095 C C   . PHE A 1 145 ? -12.153 11.824  6.625   1.00 33.55  ? 141 PHE A C   1 
ATOM   1096 O O   . PHE A 1 145 ? -12.749 12.376  5.735   1.00 30.78  ? 141 PHE A O   1 
ATOM   1097 C CB  . PHE A 1 145 ? -9.813  11.298  5.967   1.00 34.01  ? 141 PHE A CB  1 
ATOM   1098 C CG  . PHE A 1 145 ? -8.712  10.257  5.799   1.00 31.30  ? 141 PHE A CG  1 
ATOM   1099 C CD1 . PHE A 1 145 ? -8.178  9.641   6.947   1.00 30.34  ? 141 PHE A CD1 1 
ATOM   1100 C CD2 . PHE A 1 145 ? -8.329  9.789   4.525   1.00 31.32  ? 141 PHE A CD2 1 
ATOM   1101 C CE1 . PHE A 1 145 ? -7.162  8.705   6.810   1.00 30.61  ? 141 PHE A CE1 1 
ATOM   1102 C CE2 . PHE A 1 145 ? -7.322  8.817   4.397   1.00 31.02  ? 141 PHE A CE2 1 
ATOM   1103 C CZ  . PHE A 1 145 ? -6.749  8.292   5.574   1.00 28.14  ? 141 PHE A CZ  1 
ATOM   1104 N N   . ARG A 1 146 ? -12.200 12.211  7.908   1.00 31.94  ? 142 ARG A N   1 
ATOM   1105 C CA  . ARG A 1 146 ? -12.966 13.399  8.348   1.00 42.12  ? 142 ARG A CA  1 
ATOM   1106 C C   . ARG A 1 146 ? -12.201 14.622  7.957   1.00 43.83  ? 142 ARG A C   1 
ATOM   1107 O O   . ARG A 1 146 ? -10.945 14.628  7.943   1.00 35.26  ? 142 ARG A O   1 
ATOM   1108 C CB  . ARG A 1 146 ? -13.152 13.468  9.881   1.00 43.12  ? 142 ARG A CB  1 
ATOM   1109 C CG  . ARG A 1 146 ? -13.793 12.220  10.445  1.00 52.29  ? 142 ARG A CG  1 
ATOM   1110 C CD  . ARG A 1 146 ? -14.189 12.364  11.912  1.00 61.65  ? 142 ARG A CD  1 
ATOM   1111 N NE  . ARG A 1 146 ? -13.237 11.713  12.823  1.00 69.25  ? 142 ARG A NE  1 
ATOM   1112 C CZ  . ARG A 1 146 ? -13.081 10.383  12.985  1.00 80.08  ? 142 ARG A CZ  1 
ATOM   1113 N NH1 . ARG A 1 146 ? -12.184 9.926   13.856  1.00 81.36  ? 142 ARG A NH1 1 
ATOM   1114 N NH2 . ARG A 1 146 ? -13.795 9.493   12.283  1.00 77.95  ? 142 ARG A NH2 1 
ATOM   1115 N N   . GLU A 1 147 ? -12.931 15.714  7.744   1.00 38.33  ? 143 GLU A N   1 
ATOM   1116 C CA  . GLU A 1 147 ? -12.331 16.874  7.127   1.00 37.44  ? 143 GLU A CA  1 
ATOM   1117 C C   . GLU A 1 147 ? -11.367 17.397  8.135   1.00 34.60  ? 143 GLU A C   1 
ATOM   1118 O O   . GLU A 1 147 ? -10.377 17.961  7.771   1.00 36.10  ? 143 GLU A O   1 
ATOM   1119 C CB  . GLU A 1 147 ? -13.427 17.919  6.672   1.00 45.14  ? 143 GLU A CB  1 
ATOM   1120 C CG  . GLU A 1 147 ? -14.425 17.360  5.634   1.00 47.19  ? 143 GLU A CG  1 
ATOM   1121 C CD  . GLU A 1 147 ? -13.972 17.418  4.132   1.00 54.12  ? 143 GLU A CD  1 
ATOM   1122 O OE1 . GLU A 1 147 ? -12.889 17.916  3.762   1.00 55.31  ? 143 GLU A OE1 1 
ATOM   1123 O OE2 . GLU A 1 147 ? -14.734 16.990  3.253   1.00 62.75  ? 143 GLU A OE2 1 
ATOM   1124 N N   . GLU A 1 148 ? -11.648 17.236  9.430   1.00 33.41  ? 144 GLU A N   1 
ATOM   1125 C CA  . GLU A 1 148 ? -10.713 17.630  10.469  1.00 36.00  ? 144 GLU A CA  1 
ATOM   1126 C C   . GLU A 1 148 ? -9.392  16.783  10.459  1.00 32.17  ? 144 GLU A C   1 
ATOM   1127 O O   . GLU A 1 148 ? -8.400  17.171  11.026  1.00 32.46  ? 144 GLU A O   1 
ATOM   1128 C CB  . GLU A 1 148 ? -11.432 17.558  11.840  1.00 46.73  ? 144 GLU A CB  1 
ATOM   1129 C CG  . GLU A 1 148 ? -10.589 17.430  13.095  1.00 59.67  ? 144 GLU A CG  1 
ATOM   1130 C CD  . GLU A 1 148 ? -10.208 15.970  13.459  1.00 73.54  ? 144 GLU A CD  1 
ATOM   1131 O OE1 . GLU A 1 148 ? -10.912 15.035  12.984  1.00 81.69  ? 144 GLU A OE1 1 
ATOM   1132 O OE2 . GLU A 1 148 ? -9.216  15.757  14.235  1.00 76.86  ? 144 GLU A OE2 1 
ATOM   1133 N N   . GLU A 1 149 ? -9.423  15.610  9.863   1.00 27.41  ? 145 GLU A N   1 
ATOM   1134 C CA  . GLU A 1 149 ? -8.177  14.776  9.714   1.00 29.15  ? 145 GLU A CA  1 
ATOM   1135 C C   . GLU A 1 149 ? -7.270  15.184  8.545   1.00 30.20  ? 145 GLU A C   1 
ATOM   1136 O O   . GLU A 1 149 ? -6.101  14.780  8.492   1.00 30.25  ? 145 GLU A O   1 
ATOM   1137 C CB  . GLU A 1 149 ? -8.540  13.312  9.545   1.00 28.22  ? 145 GLU A CB  1 
ATOM   1138 C CG  . GLU A 1 149 ? -9.228  12.741  10.778  1.00 31.63  ? 145 GLU A CG  1 
ATOM   1139 C CD  . GLU A 1 149 ? -9.688  11.299  10.641  1.00 28.95  ? 145 GLU A CD  1 
ATOM   1140 O OE1 . GLU A 1 149 ? -10.483 10.937  9.730   1.00 31.81  ? 145 GLU A OE1 1 
ATOM   1141 O OE2 . GLU A 1 149 ? -9.250  10.503  11.524  1.00 33.01  ? 145 GLU A OE2 1 
ATOM   1142 N N   . LEU A 1 150 ? -7.807  15.966  7.610   1.00 32.16  ? 146 LEU A N   1 
ATOM   1143 C CA  . LEU A 1 150 ? -7.133  16.260  6.355   1.00 30.24  ? 146 LEU A CA  1 
ATOM   1144 C C   . LEU A 1 150 ? -5.812  16.914  6.509   1.00 30.01  ? 146 LEU A C   1 
ATOM   1145 O O   . LEU A 1 150 ? -4.853  16.489  5.842   1.00 28.56  ? 146 LEU A O   1 
ATOM   1146 C CB  . LEU A 1 150 ? -8.045  16.978  5.326   1.00 32.83  ? 146 LEU A CB  1 
ATOM   1147 C CG  . LEU A 1 150 ? -9.125  16.076  4.793   1.00 31.80  ? 146 LEU A CG  1 
ATOM   1148 C CD1 . LEU A 1 150 ? -10.027 16.834  3.796   1.00 33.48  ? 146 LEU A CD1 1 
ATOM   1149 C CD2 . LEU A 1 150 ? -8.641  14.790  4.125   1.00 35.15  ? 146 LEU A CD2 1 
ATOM   1150 N N   . PRO A 1 151 ? -5.663  17.856  7.445   1.00 31.84  ? 147 PRO A N   1 
ATOM   1151 C CA  . PRO A 1 151 ? -4.330  18.391  7.594   1.00 31.83  ? 147 PRO A CA  1 
ATOM   1152 C C   . PRO A 1 151 ? -3.230  17.352  8.019   1.00 32.28  ? 147 PRO A C   1 
ATOM   1153 O O   . PRO A 1 151 ? -2.088  17.387  7.473   1.00 29.04  ? 147 PRO A O   1 
ATOM   1154 C CB  . PRO A 1 151 ? -4.504  19.433  8.691   1.00 32.70  ? 147 PRO A CB  1 
ATOM   1155 C CG  . PRO A 1 151 ? -5.919  19.915  8.484   1.00 36.32  ? 147 PRO A CG  1 
ATOM   1156 C CD  . PRO A 1 151 ? -6.663  18.663  8.187   1.00 37.13  ? 147 PRO A CD  1 
ATOM   1157 N N   . VAL A 1 152 ? -3.599  16.461  8.937   1.00 29.59  ? 148 VAL A N   1 
ATOM   1158 C CA  . VAL A 1 152 ? -2.756  15.342  9.327   1.00 33.44  ? 148 VAL A CA  1 
ATOM   1159 C C   . VAL A 1 152 ? -2.535  14.387  8.158   1.00 28.31  ? 148 VAL A C   1 
ATOM   1160 O O   . VAL A 1 152 ? -1.397  14.037  7.876   1.00 27.04  ? 148 VAL A O   1 
ATOM   1161 C CB  . VAL A 1 152 ? -3.222  14.643  10.637  1.00 32.15  ? 148 VAL A CB  1 
ATOM   1162 C CG1 . VAL A 1 152 ? -2.293  13.496  11.000  1.00 33.98  ? 148 VAL A CG1 1 
ATOM   1163 C CG2 . VAL A 1 152 ? -3.118  15.626  11.807  1.00 34.71  ? 148 VAL A CG2 1 
ATOM   1164 N N   . VAL A 1 153 ? -3.596  14.001  7.463   1.00 29.66  ? 149 VAL A N   1 
ATOM   1165 C CA  . VAL A 1 153 ? -3.478  13.125  6.301   1.00 29.17  ? 149 VAL A CA  1 
ATOM   1166 C C   . VAL A 1 153 ? -2.454  13.676  5.295   1.00 32.58  ? 149 VAL A C   1 
ATOM   1167 O O   . VAL A 1 153 ? -1.560  12.953  4.782   1.00 26.53  ? 149 VAL A O   1 
ATOM   1168 C CB  . VAL A 1 153 ? -4.822  12.810  5.627   1.00 27.80  ? 149 VAL A CB  1 
ATOM   1169 C CG1 . VAL A 1 153 ? -4.626  12.075  4.329   1.00 30.02  ? 149 VAL A CG1 1 
ATOM   1170 C CG2 . VAL A 1 153 ? -5.722  12.023  6.540   1.00 29.93  ? 149 VAL A CG2 1 
ATOM   1171 N N   . GLU A 1 154 ? -2.550  14.956  5.010   1.00 27.67  ? 150 GLU A N   1 
ATOM   1172 C CA  . GLU A 1 154 ? -1.598  15.561  4.074   1.00 29.55  ? 150 GLU A CA  1 
ATOM   1173 C C   . GLU A 1 154 ? -0.153  15.348  4.505   1.00 27.66  ? 150 GLU A C   1 
ATOM   1174 O O   . GLU A 1 154 ? 0.683   14.965  3.718   1.00 27.18  ? 150 GLU A O   1 
ATOM   1175 C CB  . GLU A 1 154 ? -1.831  17.068  3.958   1.00 25.94  ? 150 GLU A CB  1 
ATOM   1176 C CG  . GLU A 1 154 ? -0.817  17.811  3.085   1.00 24.83  ? 150 GLU A CG  1 
ATOM   1177 C CD  . GLU A 1 154 ? -0.703  17.290  1.651   1.00 24.53  ? 150 GLU A CD  1 
ATOM   1178 O OE1 . GLU A 1 154 ? -1.717  16.832  1.059   1.00 24.24  ? 150 GLU A OE1 1 
ATOM   1179 O OE2 . GLU A 1 154 ? 0.398   17.397  1.063   1.00 25.60  ? 150 GLU A OE2 1 
ATOM   1180 N N   . ARG A 1 155 ? 0.145   15.678  5.751   1.00 27.61  ? 151 ARG A N   1 
ATOM   1181 C CA  . ARG A 1 155 ? 1.456   15.539  6.234   1.00 29.67  ? 151 ARG A CA  1 
ATOM   1182 C C   . ARG A 1 155 ? 1.934   14.074  6.292   1.00 28.46  ? 151 ARG A C   1 
ATOM   1183 O O   . ARG A 1 155 ? 3.116   13.823  6.119   1.00 28.88  ? 151 ARG A O   1 
ATOM   1184 C CB  . ARG A 1 155 ? 1.576   16.245  7.566   1.00 30.50  ? 151 ARG A CB  1 
ATOM   1185 C CG  . ARG A 1 155 ? 1.547   17.782  7.276   1.00 35.92  ? 151 ARG A CG  1 
ATOM   1186 C CD  . ARG A 1 155 ? 0.994   18.590  8.433   1.00 36.21  ? 151 ARG A CD  1 
ATOM   1187 N NE  . ARG A 1 155 ? 0.940   20.022  8.131   1.00 39.65  ? 151 ARG A NE  1 
ATOM   1188 C CZ  . ARG A 1 155 ? -0.078  20.666  7.528   1.00 36.03  ? 151 ARG A CZ  1 
ATOM   1189 N NH1 . ARG A 1 155 ? -1.177  20.041  7.134   1.00 31.33  ? 151 ARG A NH1 1 
ATOM   1190 N NH2 . ARG A 1 155 ? 0.013   21.979  7.366   1.00 38.85  ? 151 ARG A NH2 1 
ATOM   1191 N N   . VAL A 1 156 ? 1.024   13.165  6.593   1.00 26.52  ? 152 VAL A N   1 
ATOM   1192 C CA  . VAL A 1 156 ? 1.287   11.747  6.489   1.00 28.13  ? 152 VAL A CA  1 
ATOM   1193 C C   . VAL A 1 156 ? 1.667   11.407  5.041   1.00 29.34  ? 152 VAL A C   1 
ATOM   1194 O O   . VAL A 1 156 ? 2.632   10.652  4.824   1.00 28.32  ? 152 VAL A O   1 
ATOM   1195 C CB  . VAL A 1 156 ? 0.113   10.909  6.983   1.00 28.92  ? 152 VAL A CB  1 
ATOM   1196 C CG1 . VAL A 1 156 ? 0.173   9.421   6.574   1.00 31.50  ? 152 VAL A CG1 1 
ATOM   1197 C CG2 . VAL A 1 156 ? -0.067  11.060  8.479   1.00 33.03  ? 152 VAL A CG2 1 
ATOM   1198 N N   . LEU A 1 157 ? 0.909   11.890  4.045   1.00 27.60  ? 153 LEU A N   1 
ATOM   1199 C CA  . LEU A 1 157 ? 1.265   11.623  2.639   1.00 25.26  ? 153 LEU A CA  1 
ATOM   1200 C C   . LEU A 1 157 ? 2.644   12.149  2.229   1.00 26.44  ? 153 LEU A C   1 
ATOM   1201 O O   . LEU A 1 157 ? 3.381   11.440  1.506   1.00 24.56  ? 153 LEU A O   1 
ATOM   1202 C CB  . LEU A 1 157 ? 0.236   12.057  1.627   1.00 27.47  ? 153 LEU A CB  1 
ATOM   1203 C CG  . LEU A 1 157 ? -1.155  11.401  1.709   1.00 25.16  ? 153 LEU A CG  1 
ATOM   1204 C CD1 . LEU A 1 157 ? -2.141  12.127  0.822   1.00 26.47  ? 153 LEU A CD1 1 
ATOM   1205 C CD2 . LEU A 1 157 ? -1.124  9.961   1.265   1.00 26.46  ? 153 LEU A CD2 1 
ATOM   1206 N N   . GLU A 1 158 ? 2.989   13.357  2.681   1.00 24.48  ? 154 GLU A N   1 
ATOM   1207 C CA  . GLU A 1 158 ? 4.304   13.947  2.479   1.00 27.87  ? 154 GLU A CA  1 
ATOM   1208 C C   . GLU A 1 158 ? 5.469   13.082  3.098   1.00 27.98  ? 154 GLU A C   1 
ATOM   1209 O O   . GLU A 1 158 ? 6.492   12.885  2.474   1.00 25.11  ? 154 GLU A O   1 
ATOM   1210 C CB  . GLU A 1 158 ? 4.313   15.387  3.072   1.00 27.72  ? 154 GLU A CB  1 
ATOM   1211 C CG  . GLU A 1 158 ? 3.411   16.323  2.227   1.00 26.36  ? 154 GLU A CG  1 
ATOM   1212 C CD  . GLU A 1 158 ? 3.083   17.639  2.914   1.00 32.04  ? 154 GLU A CD  1 
ATOM   1213 O OE1 . GLU A 1 158 ? 3.683   17.944  3.929   1.00 27.36  ? 154 GLU A OE1 1 
ATOM   1214 O OE2 . GLU A 1 158 ? 2.165   18.350  2.451   1.00 28.63  ? 154 GLU A OE2 1 
ATOM   1215 N N   . ALA A 1 159 ? 5.253   12.620  4.324   1.00 24.99  ? 155 ALA A N   1 
ATOM   1216 C CA  . ALA A 1 159 ? 6.216   11.803  5.066   1.00 28.99  ? 155 ALA A CA  1 
ATOM   1217 C C   . ALA A 1 159 ? 6.327   10.416  4.400   1.00 30.37  ? 155 ALA A C   1 
ATOM   1218 O O   . ALA A 1 159 ? 7.430   9.868   4.252   1.00 29.09  ? 155 ALA A O   1 
ATOM   1219 C CB  . ALA A 1 159 ? 5.792   11.627  6.501   1.00 28.71  ? 155 ALA A CB  1 
ATOM   1220 N N   . ALA A 1 160 ? 5.186   9.900   3.961   1.00 27.01  ? 156 ALA A N   1 
ATOM   1221 C CA  . ALA A 1 160 ? 5.129   8.588   3.292   1.00 28.49  ? 156 ALA A CA  1 
ATOM   1222 C C   . ALA A 1 160 ? 5.856   8.603   1.967   1.00 27.53  ? 156 ALA A C   1 
ATOM   1223 O O   . ALA A 1 160 ? 6.504   7.598   1.594   1.00 26.95  ? 156 ALA A O   1 
ATOM   1224 C CB  . ALA A 1 160 ? 3.682   8.106   3.107   1.00 26.83  ? 156 ALA A CB  1 
ATOM   1225 N N   . LYS A 1 161 ? 5.684   9.689   1.214   1.00 25.40  ? 157 LYS A N   1 
ATOM   1226 C CA  . LYS A 1 161 ? 6.299   9.865   -0.072  1.00 25.00  ? 157 LYS A CA  1 
ATOM   1227 C C   . LYS A 1 161 ? 7.849   9.818   0.092   1.00 30.15  ? 157 LYS A C   1 
ATOM   1228 O O   . LYS A 1 161 ? 8.542   9.127   -0.679  1.00 28.02  ? 157 LYS A O   1 
ATOM   1229 C CB  . LYS A 1 161 ? 5.923   11.159  -0.754  1.00 28.97  ? 157 LYS A CB  1 
ATOM   1230 C CG  . LYS A 1 161 ? 6.960   11.734  -1.723  1.00 32.60  ? 157 LYS A CG  1 
ATOM   1231 C CD  . LYS A 1 161 ? 6.414   12.867  -2.592  1.00 38.14  ? 157 LYS A CD  1 
ATOM   1232 C CE  . LYS A 1 161 ? 7.501   13.458  -3.479  1.00 40.93  ? 157 LYS A CE  1 
ATOM   1233 N NZ  . LYS A 1 161 ? 6.955   14.187  -4.648  1.00 44.39  ? 157 LYS A NZ  1 
ATOM   1234 N N   . GLU A 1 162 ? 8.353   10.552  1.076   1.00 31.99  ? 158 GLU A N   1 
ATOM   1235 C CA  . GLU A 1 162 ? 9.815   10.547  1.441   1.00 34.68  ? 158 GLU A CA  1 
ATOM   1236 C C   . GLU A 1 162 ? 10.334  9.152   1.951   1.00 34.13  ? 158 GLU A C   1 
ATOM   1237 O O   . GLU A 1 162 ? 11.455  8.703   1.634   1.00 29.83  ? 158 GLU A O   1 
ATOM   1238 C CB  . GLU A 1 162 ? 9.978   11.632  2.486   1.00 38.69  ? 158 GLU A CB  1 
ATOM   1239 C CG  . GLU A 1 162 ? 11.269  11.726  3.212   1.00 55.20  ? 158 GLU A CG  1 
ATOM   1240 C CD  . GLU A 1 162 ? 11.377  13.084  3.879   1.00 67.83  ? 158 GLU A CD  1 
ATOM   1241 O OE1 . GLU A 1 162 ? 10.310  13.705  4.123   1.00 77.64  ? 158 GLU A OE1 1 
ATOM   1242 O OE2 . GLU A 1 162 ? 12.519  13.541  4.129   1.00 76.47  ? 158 GLU A OE2 1 
ATOM   1243 N N   . ALA A 1 163 ? 9.525   8.494   2.755   1.00 26.32  ? 159 ALA A N   1 
ATOM   1244 C CA  . ALA A 1 163 ? 9.826   7.160   3.244   1.00 27.08  ? 159 ALA A CA  1 
ATOM   1245 C C   . ALA A 1 163 ? 9.892   6.197   2.114   1.00 27.03  ? 159 ALA A C   1 
ATOM   1246 O O   . ALA A 1 163 ? 10.811  5.360   2.041   1.00 27.68  ? 159 ALA A O   1 
ATOM   1247 C CB  . ALA A 1 163 ? 8.813   6.696   4.266   1.00 28.26  ? 159 ALA A CB  1 
ATOM   1248 N N   . VAL A 1 164 ? 8.955   6.282   1.191   1.00 26.12  ? 160 VAL A N   1 
ATOM   1249 C CA  . VAL A 1 164 ? 8.994   5.406   0.063   1.00 26.25  ? 160 VAL A CA  1 
ATOM   1250 C C   . VAL A 1 164 ? 10.270  5.589   -0.735  1.00 32.64  ? 160 VAL A C   1 
ATOM   1251 O O   . VAL A 1 164 ? 10.902  4.583   -1.077  1.00 26.64  ? 160 VAL A O   1 
ATOM   1252 C CB  . VAL A 1 164 ? 7.775   5.516   -0.866  1.00 27.97  ? 160 VAL A CB  1 
ATOM   1253 C CG1 . VAL A 1 164 ? 8.035   4.768   -2.131  1.00 28.20  ? 160 VAL A CG1 1 
ATOM   1254 C CG2 . VAL A 1 164 ? 6.504   4.969   -0.143  1.00 26.39  ? 160 VAL A CG2 1 
ATOM   1255 N N   . TRP A 1 165 ? 10.586  6.813   -1.134  1.00 28.90  ? 161 TRP A N   1 
ATOM   1256 C CA  . TRP A 1 165 ? 11.801  7.059   -1.901  1.00 30.25  ? 161 TRP A CA  1 
ATOM   1257 C C   . TRP A 1 165 ? 13.088  6.725   -1.149  1.00 32.94  ? 161 TRP A C   1 
ATOM   1258 O O   . TRP A 1 165 ? 14.061  6.177   -1.740  1.00 28.21  ? 161 TRP A O   1 
ATOM   1259 C CB  . TRP A 1 165 ? 11.865  8.488   -2.421  1.00 32.50  ? 161 TRP A CB  1 
ATOM   1260 C CG  . TRP A 1 165 ? 11.000  8.759   -3.579  1.00 29.17  ? 161 TRP A CG  1 
ATOM   1261 C CD1 . TRP A 1 165 ? 10.107  9.787   -3.692  1.00 30.21  ? 161 TRP A CD1 1 
ATOM   1262 C CD2 . TRP A 1 165 ? 11.013  8.111   -4.859  1.00 29.71  ? 161 TRP A CD2 1 
ATOM   1263 N NE1 . TRP A 1 165 ? 9.541   9.782   -4.910  1.00 33.18  ? 161 TRP A NE1 1 
ATOM   1264 C CE2 . TRP A 1 165 ? 10.058  8.759   -5.654  1.00 29.58  ? 161 TRP A CE2 1 
ATOM   1265 C CE3 . TRP A 1 165 ? 11.685  6.996   -5.384  1.00 33.14  ? 161 TRP A CE3 1 
ATOM   1266 C CZ2 . TRP A 1 165 ? 9.784   8.383   -6.952  1.00 31.02  ? 161 TRP A CZ2 1 
ATOM   1267 C CZ3 . TRP A 1 165 ? 11.444  6.633   -6.707  1.00 32.76  ? 161 TRP A CZ3 1 
ATOM   1268 C CH2 . TRP A 1 165 ? 10.489  7.301   -7.470  1.00 33.04  ? 161 TRP A CH2 1 
ATOM   1269 N N   . CYS A 1 166 ? 13.084  6.944   0.156   1.00 32.44  ? 162 CYS A N   1 
ATOM   1270 C CA  . CYS A 1 166 ? 14.179  6.518   1.000   1.00 32.58  ? 162 CYS A CA  1 
ATOM   1271 C C   . CYS A 1 166 ? 14.424  4.969   0.958   1.00 38.63  ? 162 CYS A C   1 
ATOM   1272 O O   . CYS A 1 166 ? 15.553  4.498   0.787   1.00 30.87  ? 162 CYS A O   1 
ATOM   1273 C CB  . CYS A 1 166 ? 13.960  6.904   2.431   1.00 34.93  ? 162 CYS A CB  1 
ATOM   1274 S SG  . CYS A 1 166 ? 15.415  6.477   3.385   1.00 43.83  ? 162 CYS A SG  1 
ATOM   1275 N N   . TRP A 1 167 ? 13.352  4.220   1.124   1.00 31.86  ? 163 TRP A N   1 
ATOM   1276 C CA  . TRP A 1 167 ? 13.356  2.780   0.988   1.00 32.98  ? 163 TRP A CA  1 
ATOM   1277 C C   . TRP A 1 167 ? 13.808  2.344   -0.372  1.00 29.04  ? 163 TRP A C   1 
ATOM   1278 O O   . TRP A 1 167 ? 14.630  1.453   -0.464  1.00 35.61  ? 163 TRP A O   1 
ATOM   1279 C CB  . TRP A 1 167 ? 11.962  2.191   1.284   1.00 31.89  ? 163 TRP A CB  1 
ATOM   1280 C CG  . TRP A 1 167 ? 11.971  0.654   1.214   1.00 27.73  ? 163 TRP A CG  1 
ATOM   1281 C CD1 . TRP A 1 167 ? 12.229  -0.256  2.235   1.00 29.48  ? 163 TRP A CD1 1 
ATOM   1282 C CD2 . TRP A 1 167 ? 11.735  -0.096  0.041   1.00 28.28  ? 163 TRP A CD2 1 
ATOM   1283 N NE1 . TRP A 1 167 ? 12.160  -1.534  1.725   1.00 28.02  ? 163 TRP A NE1 1 
ATOM   1284 C CE2 . TRP A 1 167 ? 11.874  -1.457  0.374   1.00 27.44  ? 163 TRP A CE2 1 
ATOM   1285 C CE3 . TRP A 1 167 ? 11.421  0.265   -1.282  1.00 25.55  ? 163 TRP A CE3 1 
ATOM   1286 C CZ2 . TRP A 1 167 ? 11.669  -2.464  -0.571  1.00 28.77  ? 163 TRP A CZ2 1 
ATOM   1287 C CZ3 . TRP A 1 167 ? 11.243  -0.745  -2.241  1.00 31.06  ? 163 TRP A CZ3 1 
ATOM   1288 C CH2 . TRP A 1 167 ? 11.367  -2.083  -1.875  1.00 28.46  ? 163 TRP A CH2 1 
ATOM   1289 N N   . VAL A 1 168 ? 13.300  2.964   -1.429  1.00 27.08  ? 164 VAL A N   1 
ATOM   1290 C CA  . VAL A 1 168 ? 13.711  2.661   -2.771  1.00 31.42  ? 164 VAL A CA  1 
ATOM   1291 C C   . VAL A 1 168 ? 15.240  2.915   -2.971  1.00 45.22  ? 164 VAL A C   1 
ATOM   1292 O O   . VAL A 1 168 ? 15.939  2.130   -3.675  1.00 43.37  ? 164 VAL A O   1 
ATOM   1293 C CB  . VAL A 1 168 ? 12.921  3.423   -3.829  1.00 32.17  ? 164 VAL A CB  1 
ATOM   1294 C CG1 . VAL A 1 168 ? 13.550  3.346   -5.212  1.00 31.89  ? 164 VAL A CG1 1 
ATOM   1295 C CG2 . VAL A 1 168 ? 11.488  2.903   -3.939  1.00 31.30  ? 164 VAL A CG2 1 
ATOM   1296 N N   . ARG A 1 169 ? 15.748  3.992   -2.376  1.00 36.53  ? 165 ARG A N   1 
ATOM   1297 C CA  . ARG A 1 169 ? 16.968  4.626   -2.921  1.00 37.40  ? 165 ARG A CA  1 
ATOM   1298 C C   . ARG A 1 169 ? 18.131  4.482   -2.022  1.00 41.13  ? 165 ARG A C   1 
ATOM   1299 O O   . ARG A 1 169 ? 19.080  3.770   -2.349  1.00 40.80  ? 165 ARG A O   1 
ATOM   1300 C CB  . ARG A 1 169 ? 16.840  6.107   -3.152  1.00 31.05  ? 165 ARG A CB  1 
ATOM   1301 C CG  . ARG A 1 169 ? 16.265  6.523   -4.439  1.00 36.15  ? 165 ARG A CG  1 
ATOM   1302 C CD  . ARG A 1 169 ? 15.915  7.995   -4.317  1.00 35.57  ? 165 ARG A CD  1 
ATOM   1303 N NE  . ARG A 1 169 ? 15.002  8.372   -5.361  1.00 46.77  ? 165 ARG A NE  1 
ATOM   1304 C CZ  . ARG A 1 169 ? 14.427  9.570   -5.457  1.00 56.83  ? 165 ARG A CZ  1 
ATOM   1305 N NH1 . ARG A 1 169 ? 14.695  10.511  -4.563  1.00 59.33  ? 165 ARG A NH1 1 
ATOM   1306 N NH2 . ARG A 1 169 ? 13.579  9.832   -6.445  1.00 54.30  ? 165 ARG A NH2 1 
ATOM   1307 N N   . GLU A 1 170 ? 18.121  5.286   -0.968  1.00 41.23  ? 166 GLU A N   1 
ATOM   1308 C CA  . GLU A 1 170 ? 19.397  5.634   -0.212  1.00 44.05  ? 166 GLU A CA  1 
ATOM   1309 C C   . GLU A 1 170 ? 19.601  4.784   0.971   1.00 44.02  ? 166 GLU A C   1 
ATOM   1310 O O   . GLU A 1 170 ? 20.762  4.618   1.391   1.00 36.33  ? 166 GLU A O   1 
ATOM   1311 C CB  . GLU A 1 170 ? 19.455  7.082   0.260   1.00 48.01  ? 166 GLU A CB  1 
ATOM   1312 C CG  . GLU A 1 170 ? 19.193  8.114   -0.812  1.00 51.44  ? 166 GLU A CG  1 
ATOM   1313 C CD  . GLU A 1 170 ? 17.781  8.759   -0.831  1.00 49.76  ? 166 GLU A CD  1 
ATOM   1314 O OE1 . GLU A 1 170 ? 16.839  8.406   -0.076  1.00 47.84  ? 166 GLU A OE1 1 
ATOM   1315 O OE2 . GLU A 1 170 ? 17.638  9.676   -1.654  1.00 56.48  ? 166 GLU A OE2 1 
ATOM   1316 N N   . GLY A 1 171 ? 18.494  4.237   1.509   1.00 39.06  ? 167 GLY A N   1 
ATOM   1317 C CA  . GLY A 1 171 ? 18.526  3.517   2.723   1.00 38.83  ? 167 GLY A CA  1 
ATOM   1318 C C   . GLY A 1 171 ? 17.888  2.151   2.786   1.00 41.98  ? 167 GLY A C   1 
ATOM   1319 O O   . GLY A 1 171 ? 17.096  1.649   2.049   1.00 39.11  ? 167 GLY A O   1 
ATOM   1320 O OXT . GLY A 1 171 ? 18.121  1.503   3.761   1.00 50.03  ? 167 GLY A OXT 1 
HETATM 1321 S S   . SO4 B 2 .   ? 1.449   -5.522  8.329   1.00 54.99  ? 201 SO4 A S   1 
HETATM 1322 O O1  . SO4 B 2 .   ? 1.232   -4.570  9.455   1.00 64.49  ? 201 SO4 A O1  1 
HETATM 1323 O O2  . SO4 B 2 .   ? 0.173   -6.020  7.845   1.00 43.05  ? 201 SO4 A O2  1 
HETATM 1324 O O3  . SO4 B 2 .   ? 2.188   -6.687  8.814   1.00 58.67  ? 201 SO4 A O3  1 
HETATM 1325 O O4  . SO4 B 2 .   ? 2.284   -4.848  7.281   1.00 44.99  ? 201 SO4 A O4  1 
HETATM 1326 S S   . SO4 C 2 .   ? -15.725 7.803   10.435  1.00 66.53  ? 202 SO4 A S   1 
HETATM 1327 O O1  . SO4 C 2 .   ? -17.167 8.091   10.304  1.00 74.92  ? 202 SO4 A O1  1 
HETATM 1328 O O2  . SO4 C 2 .   ? -15.358 7.669   11.882  1.00 60.85  ? 202 SO4 A O2  1 
HETATM 1329 O O3  . SO4 C 2 .   ? -14.965 8.923   9.851   1.00 62.83  ? 202 SO4 A O3  1 
HETATM 1330 O O4  . SO4 C 2 .   ? -15.514 6.577   9.637   1.00 58.81  ? 202 SO4 A O4  1 
HETATM 1331 S S   . SO4 D 2 .   ? 15.699  7.160   -13.757 1.00 63.71  ? 203 SO4 A S   1 
HETATM 1332 O O1  . SO4 D 2 .   ? 14.244  7.274   -13.427 1.00 75.96  ? 203 SO4 A O1  1 
HETATM 1333 O O2  . SO4 D 2 .   ? 16.515  6.802   -12.594 1.00 71.07  ? 203 SO4 A O2  1 
HETATM 1334 O O3  . SO4 D 2 .   ? 15.685  6.148   -14.821 1.00 64.74  ? 203 SO4 A O3  1 
HETATM 1335 O O4  . SO4 D 2 .   ? 16.349  8.381   -14.238 1.00 65.65  ? 203 SO4 A O4  1 
HETATM 1336 S S   . SO4 E 2 .   ? -16.587 3.396   -9.958  1.00 81.36  ? 204 SO4 A S   1 
HETATM 1337 O O1  . SO4 E 2 .   ? -17.936 3.947   -10.187 1.00 84.39  ? 204 SO4 A O1  1 
HETATM 1338 O O2  . SO4 E 2 .   ? -16.308 3.674   -8.528  1.00 74.70  ? 204 SO4 A O2  1 
HETATM 1339 O O3  . SO4 E 2 .   ? -16.551 1.917   -9.987  1.00 85.75  ? 204 SO4 A O3  1 
HETATM 1340 O O4  . SO4 E 2 .   ? -15.646 3.960   -10.997 1.00 67.92  ? 204 SO4 A O4  1 
HETATM 1341 S S   . SO4 F 2 .   ? 5.425   9.330   15.700  1.00 93.16  ? 205 SO4 A S   1 
HETATM 1342 O O1  . SO4 F 2 .   ? 4.179   9.489   14.922  1.00 96.26  ? 205 SO4 A O1  1 
HETATM 1343 O O2  . SO4 F 2 .   ? 5.046   9.343   17.123  1.00 89.92  ? 205 SO4 A O2  1 
HETATM 1344 O O3  . SO4 F 2 .   ? 6.046   8.023   15.389  1.00 94.26  ? 205 SO4 A O3  1 
HETATM 1345 O O4  . SO4 F 2 .   ? 6.376   10.437  15.383  1.00 86.91  ? 205 SO4 A O4  1 
HETATM 1346 S S   . SO4 G 2 .   ? 3.732   22.543  8.272   0.50 42.59  ? 206 SO4 A S   1 
HETATM 1347 O O1  . SO4 G 2 .   ? 2.322   22.788  8.666   0.50 39.49  ? 206 SO4 A O1  1 
HETATM 1348 O O2  . SO4 G 2 .   ? 4.626   22.923  9.370   0.50 43.43  ? 206 SO4 A O2  1 
HETATM 1349 O O3  . SO4 G 2 .   ? 3.911   21.100  8.010   0.50 40.42  ? 206 SO4 A O3  1 
HETATM 1350 O O4  . SO4 G 2 .   ? 4.033   23.290  7.023   0.50 39.04  ? 206 SO4 A O4  1 
HETATM 1351 S S   . SO4 H 2 .   ? -5.386  -16.154 -10.118 1.00 85.53  ? 207 SO4 A S   1 
HETATM 1352 O O1  . SO4 H 2 .   ? -6.613  -16.950 -10.457 1.00 80.36  ? 207 SO4 A O1  1 
HETATM 1353 O O2  . SO4 H 2 .   ? -5.245  -15.748 -8.683  1.00 63.87  ? 207 SO4 A O2  1 
HETATM 1354 O O3  . SO4 H 2 .   ? -4.233  -16.973 -10.591 1.00 85.99  ? 207 SO4 A O3  1 
HETATM 1355 O O4  . SO4 H 2 .   ? -5.405  -14.857 -10.814 1.00 97.86  ? 207 SO4 A O4  1 
HETATM 1356 O O   . HOH I 3 .   ? 15.441  10.436  -2.470  1.00 40.12  ? 301 HOH A O   1 
HETATM 1357 O O   . HOH I 3 .   ? 6.545   -1.865  12.225  1.00 50.37  ? 302 HOH A O   1 
HETATM 1358 O O   . HOH I 3 .   ? -10.266 20.455  7.865   1.00 49.16  ? 303 HOH A O   1 
HETATM 1359 O O   . HOH I 3 .   ? 7.214   14.599  0.676   1.00 42.40  ? 304 HOH A O   1 
HETATM 1360 O O   . HOH I 3 .   ? 14.415  -3.658  1.496   1.00 49.38  ? 305 HOH A O   1 
HETATM 1361 O O   . HOH I 3 .   ? 11.255  -2.367  6.219   1.00 45.45  ? 306 HOH A O   1 
HETATM 1362 O O   . HOH I 3 .   ? 5.531   17.416  5.682   1.00 50.39  ? 307 HOH A O   1 
HETATM 1363 O O   . HOH I 3 .   ? -7.455  -3.133  -5.659  1.00 24.66  ? 308 HOH A O   1 
HETATM 1364 O O   . HOH I 3 .   ? -9.350  -5.287  3.785   1.00 32.37  ? 309 HOH A O   1 
HETATM 1365 O O   . HOH I 3 .   ? -15.681 9.741   7.458   1.00 36.19  ? 310 HOH A O   1 
HETATM 1366 O O   . HOH I 3 .   ? 2.421   12.269  -8.738  1.00 50.22  ? 311 HOH A O   1 
HETATM 1367 O O   . HOH I 3 .   ? -10.641 11.179  2.544   1.00 31.24  ? 312 HOH A O   1 
HETATM 1368 O O   . HOH I 3 .   ? -0.389  7.861   9.776   1.00 24.79  ? 313 HOH A O   1 
HETATM 1369 O O   . HOH I 3 .   ? 8.608   15.141  -6.529  1.00 54.69  ? 314 HOH A O   1 
HETATM 1370 O O   . HOH I 3 .   ? 5.508   8.142   12.519  1.00 45.12  ? 315 HOH A O   1 
HETATM 1371 O O   . HOH I 3 .   ? 2.457   9.089   -9.093  1.00 33.40  ? 316 HOH A O   1 
HETATM 1372 O O   . HOH I 3 .   ? 16.934  -2.618  -5.679  1.00 49.92  ? 317 HOH A O   1 
HETATM 1373 O O   . HOH I 3 .   ? -9.965  3.921   -6.383  1.00 29.36  ? 318 HOH A O   1 
HETATM 1374 O O   . HOH I 3 .   ? 10.135  -5.228  11.028  1.00 51.59  ? 319 HOH A O   1 
HETATM 1375 O O   . HOH I 3 .   ? -10.680 1.326   -0.377  1.00 30.82  ? 320 HOH A O   1 
HETATM 1376 O O   . HOH I 3 .   ? -1.452  -5.367  10.161  1.00 52.45  ? 321 HOH A O   1 
HETATM 1377 O O   . HOH I 3 .   ? -3.940  1.519   1.616   1.00 23.10  ? 322 HOH A O   1 
HETATM 1378 O O   . HOH I 3 .   ? -5.687  16.911  11.108  1.00 40.10  ? 323 HOH A O   1 
HETATM 1379 O O   . HOH I 3 .   ? -2.646  -14.102 -10.504 1.00 50.20  ? 324 HOH A O   1 
HETATM 1380 O O   . HOH I 3 .   ? -14.127 7.482   -2.187  1.00 36.27  ? 325 HOH A O   1 
HETATM 1381 O O   . HOH I 3 .   ? -9.397  -9.745  -8.600  1.00 37.37  ? 326 HOH A O   1 
HETATM 1382 O O   . HOH I 3 .   ? -8.381  8.345   10.079  1.00 32.35  ? 327 HOH A O   1 
HETATM 1383 O O   . HOH I 3 .   ? -0.162  8.179   -14.074 1.00 53.46  ? 328 HOH A O   1 
HETATM 1384 O O   . HOH I 3 .   ? -17.117 6.085   1.509   1.00 51.42  ? 329 HOH A O   1 
HETATM 1385 O O   . HOH I 3 .   ? -6.462  -0.809  7.810   1.00 44.76  ? 330 HOH A O   1 
HETATM 1386 O O   . HOH I 3 .   ? 5.877   4.440   -16.156 1.00 39.25  ? 331 HOH A O   1 
HETATM 1387 O O   . HOH I 3 .   ? -2.254  11.793  -3.173  1.00 34.25  ? 332 HOH A O   1 
HETATM 1388 O O   . HOH I 3 .   ? -4.690  3.000   16.477  1.00 57.02  ? 333 HOH A O   1 
HETATM 1389 O O   . HOH I 3 .   ? -7.330  6.595   -4.242  1.00 30.37  ? 334 HOH A O   1 
HETATM 1390 O O   . HOH I 3 .   ? 13.050  3.031   -14.825 1.00 56.46  ? 335 HOH A O   1 
HETATM 1391 O O   . HOH I 3 .   ? -15.275 -0.072  -7.849  1.00 46.45  ? 336 HOH A O   1 
HETATM 1392 O O   . HOH I 3 .   ? 6.655   6.778   -14.301 1.00 41.07  ? 337 HOH A O   1 
HETATM 1393 O O   . HOH I 3 .   ? -9.580  2.604   -10.452 1.00 49.28  ? 338 HOH A O   1 
HETATM 1394 O O   . HOH I 3 .   ? -7.128  -5.446  5.706   1.00 30.75  ? 339 HOH A O   1 
HETATM 1395 O O   . HOH I 3 .   ? 9.695   2.304   11.192  1.00 40.51  ? 340 HOH A O   1 
HETATM 1396 O O   . HOH I 3 .   ? -5.668  8.198   15.189  1.00 46.56  ? 341 HOH A O   1 
HETATM 1397 O O   . HOH I 3 .   ? 10.061  -13.321 -6.731  1.00 60.20  ? 342 HOH A O   1 
HETATM 1398 O O   . HOH I 3 .   ? 5.299   15.452  7.073   1.00 47.70  ? 343 HOH A O   1 
HETATM 1399 O O   . HOH I 3 .   ? -4.168  -3.283  8.598   1.00 43.51  ? 344 HOH A O   1 
HETATM 1400 O O   . HOH I 3 .   ? 3.546   15.153  -1.464  1.00 37.75  ? 345 HOH A O   1 
HETATM 1401 O O   . HOH I 3 .   ? 1.416   -16.145 4.559   1.00 63.38  ? 346 HOH A O   1 
HETATM 1402 O O   . HOH I 3 .   ? -18.041 -2.560  9.242   1.00 51.18  ? 347 HOH A O   1 
HETATM 1403 O O   . HOH I 3 .   ? -18.156 -2.101  -5.286  1.00 48.67  ? 348 HOH A O   1 
HETATM 1404 O O   . HOH I 3 .   ? -3.083  6.323   -12.473 1.00 44.70  ? 349 HOH A O   1 
HETATM 1405 O O   . HOH I 3 .   ? -13.036 19.975  9.326   1.00 53.48  ? 350 HOH A O   1 
HETATM 1406 O O   . HOH I 3 .   ? 9.876   10.027  6.198   1.00 53.08  ? 351 HOH A O   1 
HETATM 1407 O O   . HOH I 3 .   ? 8.301   -16.613 5.449   1.00 49.66  ? 352 HOH A O   1 
HETATM 1408 O O   . HOH I 3 .   ? 5.419   -10.657 13.840  1.00 56.77  ? 353 HOH A O   1 
HETATM 1409 O O   . HOH I 3 .   ? -4.095  13.379  -2.413  1.00 39.72  ? 354 HOH A O   1 
HETATM 1410 O O   . HOH I 3 .   ? -0.469  9.235   -10.519 1.00 50.04  ? 355 HOH A O   1 
HETATM 1411 O O   . HOH I 3 .   ? 11.542  -2.817  8.935   1.00 47.82  ? 356 HOH A O   1 
HETATM 1412 O O   . HOH I 3 .   ? 3.398   -17.888 3.733   1.00 58.87  ? 357 HOH A O   1 
HETATM 1413 O O   . HOH I 3 .   ? -11.980 13.439  1.951   1.00 42.87  ? 358 HOH A O   1 
HETATM 1414 O O   . HOH I 3 .   ? 13.039  -0.584  5.813   1.00 52.74  ? 359 HOH A O   1 
HETATM 1415 O O   . HOH I 3 .   ? 5.489   16.136  -0.413  1.00 40.28  ? 360 HOH A O   1 
# 
